data_7PLL
#
_entry.id   7PLL
#
loop_
_entity.id
_entity.type
_entity.pdbx_description
1 polymer 'Src substrate cortactin'
2 polymer 'Pyk2-PRR2 peptide'
#
loop_
_entity_poly.entity_id
_entity_poly.type
_entity_poly.pdbx_seq_one_letter_code
_entity_poly.pdbx_strand_id
1 'polypeptide(L)' GHMGITAIALYDYQAAGDDEISFDPDDIITNIEMIDDGWWRGVCKGRYGLFPANYVELRQ A
2 'polypeptide(L)' TAFQEPPPKPSRPKYRPPP B
#
# COMPACT_ATOMS: atom_id res chain seq x y z
N GLY A 4 10.38 -12.60 -1.52
CA GLY A 4 9.01 -12.76 -0.94
C GLY A 4 7.93 -12.13 -1.79
N ILE A 5 7.33 -11.07 -1.29
CA ILE A 5 6.27 -10.36 -2.01
C ILE A 5 6.76 -9.02 -2.52
N THR A 6 6.03 -8.45 -3.48
CA THR A 6 6.39 -7.15 -4.05
C THR A 6 5.15 -6.43 -4.56
N ALA A 7 5.28 -5.12 -4.77
CA ALA A 7 4.16 -4.32 -5.27
C ALA A 7 4.64 -2.99 -5.84
N ILE A 8 3.74 -2.37 -6.61
CA ILE A 8 4.02 -1.10 -7.24
C ILE A 8 2.80 -0.19 -7.19
N ALA A 9 3.00 1.04 -6.76
CA ALA A 9 1.92 2.01 -6.67
C ALA A 9 1.44 2.45 -8.05
N LEU A 10 0.14 2.30 -8.31
CA LEU A 10 -0.42 2.69 -9.59
C LEU A 10 -0.26 4.20 -9.80
N TYR A 11 -0.46 4.95 -8.72
CA TYR A 11 -0.33 6.40 -8.76
C TYR A 11 0.39 6.88 -7.51
N ASP A 12 0.57 8.19 -7.38
CA ASP A 12 1.21 8.74 -6.20
C ASP A 12 0.15 8.92 -5.13
N TYR A 13 0.36 8.28 -3.99
CA TYR A 13 -0.62 8.34 -2.92
C TYR A 13 0.01 8.79 -1.61
N GLN A 14 -0.83 9.36 -0.75
CA GLN A 14 -0.38 9.84 0.55
C GLN A 14 -1.03 9.01 1.66
N ALA A 15 -0.22 8.26 2.39
CA ALA A 15 -0.72 7.42 3.47
C ALA A 15 -1.36 8.26 4.57
N ALA A 16 -2.68 8.27 4.60
CA ALA A 16 -3.42 9.04 5.60
C ALA A 16 -3.72 8.19 6.84
N GLY A 17 -2.69 7.53 7.35
CA GLY A 17 -2.86 6.69 8.53
C GLY A 17 -1.64 6.66 9.42
N ASP A 18 -1.84 6.39 10.69
CA ASP A 18 -0.73 6.33 11.65
C ASP A 18 0.22 5.18 11.31
N ASP A 19 -0.33 4.11 10.75
CA ASP A 19 0.47 2.94 10.38
C ASP A 19 0.52 2.78 8.87
N GLU A 20 0.43 3.89 8.15
CA GLU A 20 0.47 3.87 6.70
C GLU A 20 1.61 4.73 6.16
N ILE A 21 2.29 4.23 5.13
CA ILE A 21 3.39 4.96 4.51
C ILE A 21 3.06 5.31 3.07
N SER A 22 3.74 6.31 2.53
CA SER A 22 3.50 6.74 1.16
C SER A 22 4.66 6.36 0.24
N PHE A 23 4.37 6.26 -1.06
CA PHE A 23 5.38 5.91 -2.04
C PHE A 23 4.98 6.37 -3.44
N ASP A 24 5.96 6.73 -4.26
CA ASP A 24 5.71 7.19 -5.62
C ASP A 24 5.21 6.03 -6.49
N PRO A 25 4.48 6.35 -7.57
CA PRO A 25 3.95 5.34 -8.49
C PRO A 25 5.05 4.44 -9.04
N ASP A 26 5.99 5.04 -9.76
CA ASP A 26 7.11 4.30 -10.33
C ASP A 26 7.95 3.67 -9.24
N ASP A 27 7.92 4.27 -8.05
CA ASP A 27 8.67 3.76 -6.92
C ASP A 27 8.08 2.43 -6.43
N ILE A 28 8.73 1.34 -6.81
CA ILE A 28 8.28 0.01 -6.42
C ILE A 28 8.91 -0.41 -5.10
N ILE A 29 8.18 -1.19 -4.31
CA ILE A 29 8.68 -1.66 -3.02
C ILE A 29 8.67 -3.17 -2.92
N THR A 30 9.31 -3.71 -1.89
CA THR A 30 9.39 -5.17 -1.71
C THR A 30 8.83 -5.61 -0.36
N ASN A 31 8.60 -6.91 -0.23
CA ASN A 31 8.06 -7.49 1.00
C ASN A 31 6.70 -6.90 1.32
N ILE A 32 5.79 -6.96 0.36
CA ILE A 32 4.43 -6.44 0.53
C ILE A 32 3.42 -7.57 0.62
N GLU A 33 2.96 -7.83 1.83
CA GLU A 33 1.98 -8.89 2.07
C GLU A 33 0.57 -8.32 2.13
N MET A 34 -0.42 -9.19 2.03
CA MET A 34 -1.82 -8.78 2.07
C MET A 34 -2.49 -9.24 3.35
N ILE A 35 -2.79 -8.31 4.24
CA ILE A 35 -3.44 -8.63 5.50
C ILE A 35 -4.95 -8.44 5.38
N ASP A 36 -5.35 -7.29 4.85
CA ASP A 36 -6.75 -6.98 4.65
C ASP A 36 -7.11 -7.05 3.17
N ASP A 37 -8.32 -7.52 2.88
CA ASP A 37 -8.78 -7.63 1.49
C ASP A 37 -8.76 -6.28 0.79
N GLY A 38 -8.73 -5.19 1.57
CA GLY A 38 -8.70 -3.86 0.99
C GLY A 38 -7.41 -3.12 1.27
N TRP A 39 -6.66 -3.57 2.27
CA TRP A 39 -5.40 -2.93 2.63
C TRP A 39 -4.24 -3.92 2.57
N TRP A 40 -3.03 -3.41 2.37
CA TRP A 40 -1.84 -4.24 2.31
C TRP A 40 -0.78 -3.76 3.29
N ARG A 41 0.38 -4.39 3.27
CA ARG A 41 1.48 -4.02 4.16
C ARG A 41 2.80 -4.51 3.60
N GLY A 42 3.76 -3.60 3.45
CA GLY A 42 5.04 -4.01 2.92
C GLY A 42 6.17 -3.09 3.35
N VAL A 43 7.36 -3.37 2.85
CA VAL A 43 8.53 -2.58 3.19
C VAL A 43 8.89 -1.62 2.05
N CYS A 44 8.80 -0.33 2.35
CA CYS A 44 9.12 0.70 1.39
C CYS A 44 10.43 1.38 1.78
N LYS A 45 11.46 1.14 0.99
CA LYS A 45 12.78 1.72 1.26
C LYS A 45 13.26 1.39 2.67
N GLY A 46 13.05 0.15 3.09
CA GLY A 46 13.51 -0.27 4.41
C GLY A 46 12.42 -0.32 5.47
N ARG A 47 11.56 0.69 5.50
CA ARG A 47 10.49 0.74 6.51
C ARG A 47 9.22 0.03 6.05
N TYR A 48 8.50 -0.55 7.00
CA TYR A 48 7.25 -1.24 6.70
C TYR A 48 6.09 -0.24 6.73
N GLY A 49 4.90 -0.69 6.41
CA GLY A 49 3.75 0.20 6.42
C GLY A 49 2.50 -0.45 5.86
N LEU A 50 1.51 0.38 5.57
CA LEU A 50 0.25 -0.10 5.01
C LEU A 50 0.00 0.59 3.67
N PHE A 51 -0.58 -0.14 2.74
CA PHE A 51 -0.84 0.39 1.42
C PHE A 51 -2.29 0.26 1.01
N PRO A 52 -2.93 1.36 0.57
CA PRO A 52 -4.30 1.29 0.11
C PRO A 52 -4.32 0.55 -1.21
N ALA A 53 -4.77 -0.69 -1.18
CA ALA A 53 -4.80 -1.53 -2.38
C ALA A 53 -5.29 -0.76 -3.60
N ASN A 54 -6.04 0.31 -3.35
CA ASN A 54 -6.60 1.13 -4.41
C ASN A 54 -5.49 1.85 -5.21
N TYR A 55 -4.42 2.26 -4.53
CA TYR A 55 -3.31 2.95 -5.21
C TYR A 55 -2.08 2.08 -5.35
N VAL A 56 -2.22 0.78 -5.11
CA VAL A 56 -1.08 -0.13 -5.21
C VAL A 56 -1.47 -1.48 -5.79
N GLU A 57 -0.48 -2.24 -6.23
CA GLU A 57 -0.71 -3.54 -6.82
C GLU A 57 0.51 -4.45 -6.66
N LEU A 58 0.29 -5.63 -6.09
CA LEU A 58 1.37 -6.59 -5.88
C LEU A 58 1.88 -7.14 -7.21
N ARG A 59 3.02 -7.81 -7.16
CA ARG A 59 3.62 -8.39 -8.36
C ARG A 59 3.74 -9.91 -8.24
N GLN A 60 3.63 -10.59 -9.38
CA GLN A 60 3.73 -12.05 -9.40
C GLN A 60 4.68 -12.52 -10.50
N THR B 1 2.57 4.64 -22.32
CA THR B 1 1.50 5.67 -22.37
C THR B 1 0.21 5.16 -21.74
N ALA B 2 0.05 5.41 -20.44
CA ALA B 2 -1.14 4.98 -19.72
C ALA B 2 -1.74 6.13 -18.92
N PHE B 3 -3.07 6.21 -18.92
CA PHE B 3 -3.78 7.26 -18.19
C PHE B 3 -4.90 6.68 -17.34
N GLN B 4 -4.82 6.89 -16.03
CA GLN B 4 -5.83 6.38 -15.11
C GLN B 4 -6.00 7.32 -13.92
N GLU B 5 -7.25 7.53 -13.52
CA GLU B 5 -7.54 8.41 -12.38
C GLU B 5 -7.43 7.65 -11.06
N PRO B 6 -7.27 8.38 -9.94
CA PRO B 6 -7.13 7.77 -8.62
C PRO B 6 -8.43 7.13 -8.12
N PRO B 7 -8.32 5.95 -7.48
CA PRO B 7 -9.45 5.21 -6.93
C PRO B 7 -9.85 5.64 -5.52
N PRO B 8 -11.08 5.30 -5.09
CA PRO B 8 -11.61 5.63 -3.76
C PRO B 8 -10.84 4.92 -2.64
N LYS B 9 -10.96 5.44 -1.42
CA LYS B 9 -10.26 4.86 -0.28
C LYS B 9 -11.01 3.69 0.34
N PRO B 10 -10.28 2.65 0.76
CA PRO B 10 -10.85 1.45 1.38
C PRO B 10 -11.07 1.63 2.88
N SER B 11 -11.93 0.79 3.45
CA SER B 11 -12.22 0.85 4.88
C SER B 11 -10.97 0.48 5.68
N ARG B 12 -10.75 1.20 6.78
CA ARG B 12 -9.59 0.94 7.63
C ARG B 12 -9.55 -0.52 8.07
N PRO B 13 -8.35 -1.13 8.10
CA PRO B 13 -8.20 -2.54 8.50
C PRO B 13 -8.48 -2.74 9.99
N LYS B 14 -8.76 -3.99 10.36
CA LYS B 14 -9.04 -4.31 11.75
C LYS B 14 -7.76 -4.68 12.49
N TYR B 15 -7.64 -4.23 13.74
CA TYR B 15 -6.47 -4.51 14.54
C TYR B 15 -6.83 -4.68 16.01
N ARG B 16 -6.53 -5.86 16.55
CA ARG B 16 -6.83 -6.15 17.96
C ARG B 16 -5.97 -5.30 18.89
N PRO B 17 -6.40 -5.14 20.15
CA PRO B 17 -5.67 -4.35 21.15
C PRO B 17 -4.31 -4.95 21.47
N PRO B 18 -3.39 -4.13 22.02
CA PRO B 18 -2.05 -4.59 22.38
C PRO B 18 -2.06 -5.57 23.56
N PRO B 19 -1.00 -6.38 23.69
CA PRO B 19 -0.89 -7.36 24.78
C PRO B 19 -0.67 -6.70 26.14
N GLY A 4 10.35 -12.73 -1.78
CA GLY A 4 9.01 -12.72 -1.15
C GLY A 4 7.96 -12.05 -2.04
N ILE A 5 7.36 -10.98 -1.53
CA ILE A 5 6.34 -10.25 -2.27
C ILE A 5 6.88 -8.90 -2.75
N THR A 6 6.18 -8.30 -3.71
CA THR A 6 6.58 -7.01 -4.25
C THR A 6 5.41 -6.34 -4.96
N ALA A 7 5.18 -5.06 -4.65
CA ALA A 7 4.10 -4.32 -5.26
C ALA A 7 4.57 -2.99 -5.84
N ILE A 8 3.71 -2.39 -6.64
CA ILE A 8 4.00 -1.12 -7.28
C ILE A 8 2.78 -0.20 -7.24
N ALA A 9 2.99 1.03 -6.81
CA ALA A 9 1.92 2.01 -6.72
C ALA A 9 1.44 2.43 -8.11
N LEU A 10 0.14 2.27 -8.36
CA LEU A 10 -0.44 2.64 -9.65
C LEU A 10 -0.23 4.14 -9.89
N TYR A 11 -0.36 4.91 -8.83
CA TYR A 11 -0.18 6.36 -8.89
C TYR A 11 0.54 6.85 -7.65
N ASP A 12 0.71 8.16 -7.53
CA ASP A 12 1.34 8.73 -6.35
C ASP A 12 0.27 8.90 -5.29
N TYR A 13 0.48 8.26 -4.15
CA TYR A 13 -0.48 8.32 -3.07
C TYR A 13 0.17 8.63 -1.73
N GLN A 14 -0.62 9.21 -0.82
CA GLN A 14 -0.13 9.55 0.51
C GLN A 14 -0.97 8.87 1.58
N ALA A 15 -0.30 8.23 2.54
CA ALA A 15 -0.99 7.54 3.62
C ALA A 15 -1.82 8.51 4.46
N ALA A 16 -3.10 8.20 4.62
CA ALA A 16 -4.00 9.04 5.41
C ALA A 16 -4.16 8.49 6.82
N GLY A 17 -3.14 7.78 7.30
CA GLY A 17 -3.19 7.21 8.62
C GLY A 17 -1.84 7.22 9.32
N ASP A 18 -1.77 6.62 10.50
CA ASP A 18 -0.53 6.57 11.25
C ASP A 18 0.25 5.29 10.96
N ASP A 19 -0.47 4.25 10.54
CA ASP A 19 0.16 2.98 10.22
C ASP A 19 0.24 2.76 8.71
N GLU A 20 0.31 3.85 7.95
CA GLU A 20 0.39 3.77 6.50
C GLU A 20 1.50 4.66 5.97
N ILE A 21 2.24 4.16 4.99
CA ILE A 21 3.33 4.93 4.37
C ILE A 21 2.99 5.28 2.93
N SER A 22 3.68 6.28 2.40
CA SER A 22 3.45 6.73 1.03
C SER A 22 4.61 6.34 0.12
N PHE A 23 4.34 6.25 -1.18
CA PHE A 23 5.37 5.90 -2.15
C PHE A 23 4.98 6.36 -3.56
N ASP A 24 5.98 6.71 -4.35
CA ASP A 24 5.76 7.18 -5.72
C ASP A 24 5.29 6.02 -6.60
N PRO A 25 4.60 6.34 -7.71
CA PRO A 25 4.11 5.32 -8.65
C PRO A 25 5.22 4.43 -9.15
N ASP A 26 6.24 5.04 -9.71
CA ASP A 26 7.39 4.31 -10.23
C ASP A 26 8.17 3.67 -9.09
N ASP A 27 8.07 4.26 -7.90
CA ASP A 27 8.75 3.74 -6.73
C ASP A 27 8.13 2.42 -6.28
N ILE A 28 8.77 1.32 -6.63
CA ILE A 28 8.28 0.00 -6.28
C ILE A 28 8.86 -0.45 -4.94
N ILE A 29 8.07 -1.24 -4.20
CA ILE A 29 8.51 -1.72 -2.90
C ILE A 29 8.45 -3.26 -2.83
N THR A 30 9.04 -3.83 -1.79
CA THR A 30 9.06 -5.29 -1.64
C THR A 30 8.49 -5.75 -0.31
N ASN A 31 8.39 -7.07 -0.15
CA ASN A 31 7.86 -7.67 1.07
C ASN A 31 6.43 -7.20 1.34
N ILE A 32 5.64 -7.10 0.28
CA ILE A 32 4.26 -6.65 0.40
C ILE A 32 3.34 -7.83 0.69
N GLU A 33 2.90 -7.94 1.93
CA GLU A 33 2.00 -9.01 2.35
C GLU A 33 0.61 -8.44 2.63
N MET A 34 -0.40 -9.05 2.04
CA MET A 34 -1.77 -8.61 2.23
C MET A 34 -2.33 -9.02 3.59
N ILE A 35 -2.62 -8.04 4.43
CA ILE A 35 -3.18 -8.30 5.75
C ILE A 35 -4.70 -8.23 5.68
N ASP A 36 -5.19 -7.17 5.05
CA ASP A 36 -6.62 -6.96 4.89
C ASP A 36 -7.03 -7.21 3.44
N ASP A 37 -8.23 -7.76 3.25
CA ASP A 37 -8.71 -8.06 1.91
C ASP A 37 -8.75 -6.80 1.04
N GLY A 38 -8.72 -5.63 1.68
CA GLY A 38 -8.75 -4.38 0.95
C GLY A 38 -7.48 -3.56 1.14
N TRP A 39 -6.65 -3.96 2.12
CA TRP A 39 -5.41 -3.25 2.40
C TRP A 39 -4.21 -4.18 2.30
N TRP A 40 -3.01 -3.61 2.27
CA TRP A 40 -1.77 -4.39 2.19
C TRP A 40 -0.73 -3.87 3.17
N ARG A 41 0.45 -4.48 3.15
CA ARG A 41 1.54 -4.08 4.04
C ARG A 41 2.88 -4.57 3.51
N GLY A 42 3.83 -3.67 3.35
CA GLY A 42 5.13 -4.06 2.85
C GLY A 42 6.22 -3.11 3.28
N VAL A 43 7.46 -3.39 2.85
CA VAL A 43 8.58 -2.53 3.20
C VAL A 43 8.88 -1.56 2.08
N CYS A 44 8.77 -0.28 2.39
CA CYS A 44 9.04 0.78 1.42
C CYS A 44 10.35 1.49 1.78
N LYS A 45 11.36 1.27 0.95
CA LYS A 45 12.68 1.86 1.17
C LYS A 45 13.19 1.61 2.59
N GLY A 46 12.99 0.40 3.09
CA GLY A 46 13.48 0.06 4.42
C GLY A 46 12.40 -0.07 5.48
N ARG A 47 11.48 0.90 5.55
CA ARG A 47 10.42 0.88 6.56
C ARG A 47 9.17 0.16 6.06
N TYR A 48 8.48 -0.51 6.99
CA TYR A 48 7.24 -1.22 6.66
C TYR A 48 6.06 -0.26 6.76
N GLY A 49 4.88 -0.76 6.41
CA GLY A 49 3.69 0.07 6.46
C GLY A 49 2.49 -0.62 5.83
N LEU A 50 1.47 0.16 5.51
CA LEU A 50 0.27 -0.37 4.89
C LEU A 50 0.00 0.36 3.59
N PHE A 51 -0.49 -0.37 2.60
CA PHE A 51 -0.74 0.20 1.29
C PHE A 51 -2.20 0.09 0.89
N PRO A 52 -2.83 1.21 0.51
CA PRO A 52 -4.22 1.18 0.06
C PRO A 52 -4.27 0.47 -1.28
N ALA A 53 -4.76 -0.77 -1.26
CA ALA A 53 -4.84 -1.56 -2.49
C ALA A 53 -5.37 -0.72 -3.65
N ASN A 54 -6.12 0.32 -3.31
CA ASN A 54 -6.70 1.21 -4.31
C ASN A 54 -5.61 1.94 -5.12
N TYR A 55 -4.49 2.27 -4.48
CA TYR A 55 -3.42 2.98 -5.16
C TYR A 55 -2.15 2.13 -5.30
N VAL A 56 -2.29 0.81 -5.16
CA VAL A 56 -1.15 -0.09 -5.28
C VAL A 56 -1.54 -1.43 -5.86
N GLU A 57 -0.55 -2.19 -6.31
CA GLU A 57 -0.78 -3.51 -6.89
C GLU A 57 0.43 -4.41 -6.74
N LEU A 58 0.20 -5.63 -6.28
CA LEU A 58 1.27 -6.60 -6.09
C LEU A 58 1.72 -7.18 -7.42
N ARG A 59 3.02 -7.07 -7.70
CA ARG A 59 3.58 -7.58 -8.95
C ARG A 59 3.95 -9.06 -8.82
N GLN A 60 4.48 -9.62 -9.90
CA GLN A 60 4.88 -11.02 -9.89
C GLN A 60 5.87 -11.31 -11.02
N THR B 1 2.29 12.15 -20.97
CA THR B 1 2.56 10.76 -21.41
C THR B 1 1.90 9.74 -20.49
N ALA B 2 1.77 10.11 -19.22
CA ALA B 2 1.15 9.23 -18.23
C ALA B 2 0.08 9.96 -17.44
N PHE B 3 -1.14 9.43 -17.47
CA PHE B 3 -2.26 10.03 -16.75
C PHE B 3 -3.26 8.97 -16.30
N GLN B 4 -3.49 8.88 -15.00
CA GLN B 4 -4.42 7.91 -14.45
C GLN B 4 -5.22 8.51 -13.30
N GLU B 5 -6.52 8.18 -13.25
CA GLU B 5 -7.38 8.69 -12.19
C GLU B 5 -7.24 7.87 -10.93
N PRO B 6 -7.24 8.51 -9.74
CA PRO B 6 -7.10 7.84 -8.47
C PRO B 6 -8.44 7.31 -7.92
N PRO B 7 -8.42 6.09 -7.35
CA PRO B 7 -9.61 5.45 -6.78
C PRO B 7 -9.86 5.88 -5.33
N PRO B 8 -11.09 5.65 -4.84
CA PRO B 8 -11.49 6.01 -3.47
C PRO B 8 -10.72 5.21 -2.42
N LYS B 9 -10.69 5.72 -1.19
CA LYS B 9 -9.99 5.05 -0.10
C LYS B 9 -10.74 3.81 0.38
N PRO B 10 -10.03 2.72 0.70
CA PRO B 10 -10.63 1.48 1.17
C PRO B 10 -10.86 1.50 2.68
N SER B 11 -11.76 0.63 3.15
CA SER B 11 -12.06 0.56 4.58
C SER B 11 -10.79 0.34 5.38
N ARG B 12 -10.70 1.02 6.53
CA ARG B 12 -9.53 0.89 7.39
C ARG B 12 -9.35 -0.55 7.85
N PRO B 13 -8.08 -1.02 7.96
CA PRO B 13 -7.78 -2.39 8.38
C PRO B 13 -8.20 -2.65 9.83
N LYS B 14 -8.36 -3.92 10.17
CA LYS B 14 -8.76 -4.31 11.52
C LYS B 14 -7.55 -4.47 12.43
N TYR B 15 -7.67 -4.01 13.66
CA TYR B 15 -6.58 -4.10 14.63
C TYR B 15 -7.09 -4.59 15.98
N ARG B 16 -6.39 -5.56 16.55
CA ARG B 16 -6.77 -6.11 17.85
C ARG B 16 -6.19 -5.27 18.99
N PRO B 17 -6.77 -5.38 20.20
CA PRO B 17 -6.31 -4.64 21.37
C PRO B 17 -4.90 -5.03 21.79
N PRO B 18 -4.18 -4.11 22.45
CA PRO B 18 -2.81 -4.36 22.92
C PRO B 18 -2.75 -5.38 24.05
N PRO B 19 -1.59 -6.00 24.28
CA PRO B 19 -1.41 -7.00 25.35
C PRO B 19 -1.59 -6.39 26.73
N GLY A 4 10.45 -12.14 -1.37
CA GLY A 4 9.13 -12.84 -1.23
C GLY A 4 8.04 -12.17 -2.05
N ILE A 5 7.43 -11.14 -1.49
CA ILE A 5 6.36 -10.42 -2.16
C ILE A 5 6.84 -9.05 -2.65
N THR A 6 6.09 -8.46 -3.57
CA THR A 6 6.44 -7.14 -4.10
C THR A 6 5.20 -6.42 -4.60
N ALA A 7 5.32 -5.11 -4.82
CA ALA A 7 4.20 -4.31 -5.31
C ALA A 7 4.67 -2.98 -5.90
N ILE A 8 3.77 -2.38 -6.65
CA ILE A 8 4.04 -1.10 -7.29
C ILE A 8 2.81 -0.19 -7.22
N ALA A 9 3.03 1.07 -6.86
CA ALA A 9 1.94 2.03 -6.75
C ALA A 9 1.43 2.44 -8.12
N LEU A 10 0.12 2.28 -8.34
CA LEU A 10 -0.50 2.66 -9.61
C LEU A 10 -0.29 4.14 -9.85
N TYR A 11 -0.45 4.92 -8.80
CA TYR A 11 -0.29 6.37 -8.86
C TYR A 11 0.46 6.86 -7.63
N ASP A 12 0.64 8.16 -7.51
CA ASP A 12 1.30 8.71 -6.34
C ASP A 12 0.26 8.89 -5.26
N TYR A 13 0.48 8.25 -4.14
CA TYR A 13 -0.49 8.30 -3.04
C TYR A 13 0.18 8.65 -1.71
N GLN A 14 -0.61 9.21 -0.80
CA GLN A 14 -0.12 9.58 0.51
C GLN A 14 -0.96 8.92 1.60
N ALA A 15 -0.29 8.26 2.54
CA ALA A 15 -0.98 7.57 3.64
C ALA A 15 -1.76 8.55 4.49
N ALA A 16 -3.06 8.29 4.65
CA ALA A 16 -3.92 9.15 5.46
C ALA A 16 -4.10 8.57 6.86
N GLY A 17 -3.11 7.81 7.32
CA GLY A 17 -3.18 7.21 8.63
C GLY A 17 -1.85 7.22 9.35
N ASP A 18 -1.81 6.60 10.53
CA ASP A 18 -0.57 6.54 11.31
C ASP A 18 0.21 5.28 11.01
N ASP A 19 -0.47 4.23 10.57
CA ASP A 19 0.18 2.96 10.24
C ASP A 19 0.25 2.75 8.73
N GLU A 20 0.28 3.86 7.99
CA GLU A 20 0.36 3.78 6.53
C GLU A 20 1.46 4.70 6.00
N ILE A 21 2.20 4.21 5.01
CA ILE A 21 3.28 4.99 4.41
C ILE A 21 2.95 5.34 2.96
N SER A 22 3.68 6.30 2.41
CA SER A 22 3.45 6.73 1.03
C SER A 22 4.61 6.32 0.12
N PHE A 23 4.33 6.22 -1.18
CA PHE A 23 5.35 5.83 -2.15
C PHE A 23 4.95 6.29 -3.55
N ASP A 24 5.96 6.69 -4.33
CA ASP A 24 5.72 7.15 -5.71
C ASP A 24 5.26 6.00 -6.60
N PRO A 25 4.56 6.31 -7.70
CA PRO A 25 4.07 5.29 -8.64
C PRO A 25 5.20 4.40 -9.15
N ASP A 26 6.15 5.01 -9.84
CA ASP A 26 7.30 4.29 -10.36
C ASP A 26 8.10 3.66 -9.24
N ASP A 27 8.03 4.27 -8.06
CA ASP A 27 8.75 3.77 -6.91
C ASP A 27 8.14 2.45 -6.42
N ILE A 28 8.80 1.35 -6.79
CA ILE A 28 8.33 0.02 -6.40
C ILE A 28 8.94 -0.41 -5.08
N ILE A 29 8.20 -1.19 -4.30
CA ILE A 29 8.67 -1.64 -3.00
C ILE A 29 8.69 -3.17 -2.92
N THR A 30 9.32 -3.71 -1.88
CA THR A 30 9.43 -5.17 -1.72
C THR A 30 8.83 -5.65 -0.41
N ASN A 31 8.59 -6.95 -0.32
CA ASN A 31 8.02 -7.56 0.87
C ASN A 31 6.67 -6.94 1.21
N ILE A 32 5.74 -7.02 0.27
CA ILE A 32 4.41 -6.46 0.46
C ILE A 32 3.37 -7.57 0.56
N GLU A 33 2.91 -7.83 1.78
CA GLU A 33 1.92 -8.86 2.03
C GLU A 33 0.52 -8.26 2.15
N MET A 34 -0.49 -9.12 2.13
CA MET A 34 -1.88 -8.67 2.22
C MET A 34 -2.48 -9.05 3.57
N ILE A 35 -2.73 -8.04 4.41
CA ILE A 35 -3.33 -8.26 5.72
C ILE A 35 -4.84 -8.16 5.63
N ASP A 36 -5.31 -7.09 5.00
CA ASP A 36 -6.73 -6.84 4.80
C ASP A 36 -7.12 -7.09 3.35
N ASP A 37 -8.31 -7.62 3.13
CA ASP A 37 -8.78 -7.90 1.78
C ASP A 37 -8.80 -6.63 0.92
N GLY A 38 -8.77 -5.47 1.58
CA GLY A 38 -8.77 -4.21 0.86
C GLY A 38 -7.50 -3.40 1.09
N TRP A 39 -6.69 -3.83 2.05
CA TRP A 39 -5.45 -3.14 2.38
C TRP A 39 -4.25 -4.09 2.25
N TRP A 40 -3.04 -3.52 2.30
CA TRP A 40 -1.82 -4.31 2.21
C TRP A 40 -0.78 -3.82 3.20
N ARG A 41 0.41 -4.42 3.18
CA ARG A 41 1.48 -4.04 4.08
C ARG A 41 2.81 -4.57 3.58
N GLY A 42 3.78 -3.67 3.43
CA GLY A 42 5.08 -4.09 2.96
C GLY A 42 6.19 -3.15 3.37
N VAL A 43 7.40 -3.42 2.90
CA VAL A 43 8.54 -2.58 3.23
C VAL A 43 8.87 -1.63 2.08
N CYS A 44 8.74 -0.34 2.37
CA CYS A 44 9.03 0.70 1.40
C CYS A 44 10.31 1.42 1.78
N LYS A 45 11.35 1.20 1.00
CA LYS A 45 12.65 1.80 1.26
C LYS A 45 13.13 1.52 2.68
N GLY A 46 12.95 0.28 3.13
CA GLY A 46 13.42 -0.10 4.45
C GLY A 46 12.32 -0.14 5.51
N ARG A 47 11.43 0.86 5.51
CA ARG A 47 10.37 0.92 6.51
C ARG A 47 9.10 0.19 6.05
N TYR A 48 8.42 -0.46 7.00
CA TYR A 48 7.18 -1.17 6.70
C TYR A 48 6.00 -0.22 6.79
N GLY A 49 4.82 -0.72 6.47
CA GLY A 49 3.62 0.09 6.52
C GLY A 49 2.43 -0.59 5.90
N LEU A 50 1.39 0.19 5.59
CA LEU A 50 0.19 -0.35 4.97
C LEU A 50 -0.05 0.38 3.65
N PHE A 51 -0.54 -0.35 2.67
CA PHE A 51 -0.77 0.22 1.36
C PHE A 51 -2.23 0.10 0.93
N PRO A 52 -2.86 1.22 0.54
CA PRO A 52 -4.23 1.18 0.06
C PRO A 52 -4.24 0.51 -1.29
N ALA A 53 -4.69 -0.74 -1.33
CA ALA A 53 -4.73 -1.51 -2.58
C ALA A 53 -5.24 -0.65 -3.73
N ASN A 54 -6.01 0.36 -3.40
CA ASN A 54 -6.59 1.27 -4.37
C ASN A 54 -5.52 1.98 -5.20
N TYR A 55 -4.36 2.27 -4.58
CA TYR A 55 -3.28 2.96 -5.30
C TYR A 55 -2.02 2.10 -5.40
N VAL A 56 -2.17 0.79 -5.24
CA VAL A 56 -1.02 -0.11 -5.33
C VAL A 56 -1.41 -1.47 -5.89
N GLU A 57 -0.41 -2.24 -6.32
CA GLU A 57 -0.65 -3.56 -6.88
C GLU A 57 0.57 -4.45 -6.69
N LEU A 58 0.36 -5.62 -6.10
CA LEU A 58 1.44 -6.58 -5.87
C LEU A 58 1.96 -7.14 -7.19
N ARG A 59 3.22 -7.54 -7.19
CA ARG A 59 3.86 -8.10 -8.39
C ARG A 59 4.42 -9.49 -8.11
N GLN A 60 4.70 -10.23 -9.18
CA GLN A 60 5.25 -11.58 -9.04
C GLN A 60 4.28 -12.48 -8.29
N THR B 1 1.71 8.39 -22.85
CA THR B 1 0.69 7.50 -23.47
C THR B 1 -0.06 6.69 -22.42
N ALA B 2 -0.21 7.28 -21.23
CA ALA B 2 -0.90 6.61 -20.13
C ALA B 2 -1.59 7.63 -19.22
N PHE B 3 -2.85 7.36 -18.90
CA PHE B 3 -3.62 8.25 -18.04
C PHE B 3 -4.66 7.47 -17.25
N GLN B 4 -4.63 7.62 -15.93
CA GLN B 4 -5.56 6.93 -15.06
C GLN B 4 -5.83 7.75 -13.79
N GLU B 5 -7.10 7.84 -13.41
CA GLU B 5 -7.49 8.59 -12.22
C GLU B 5 -7.34 7.73 -10.96
N PRO B 6 -7.25 8.36 -9.79
CA PRO B 6 -7.11 7.66 -8.52
C PRO B 6 -8.44 7.20 -7.92
N PRO B 7 -8.47 5.99 -7.36
CA PRO B 7 -9.66 5.40 -6.74
C PRO B 7 -9.86 5.83 -5.29
N PRO B 8 -11.08 5.67 -4.75
CA PRO B 8 -11.41 6.05 -3.36
C PRO B 8 -10.67 5.21 -2.33
N LYS B 9 -10.59 5.72 -1.10
CA LYS B 9 -9.90 5.02 -0.01
C LYS B 9 -10.71 3.82 0.48
N PRO B 10 -10.04 2.70 0.80
CA PRO B 10 -10.69 1.49 1.29
C PRO B 10 -10.91 1.52 2.80
N SER B 11 -11.83 0.70 3.28
CA SER B 11 -12.12 0.64 4.72
C SER B 11 -10.85 0.39 5.51
N ARG B 12 -10.71 1.07 6.64
CA ARG B 12 -9.54 0.92 7.50
C ARG B 12 -9.37 -0.54 7.94
N PRO B 13 -8.13 -1.03 8.00
CA PRO B 13 -7.83 -2.41 8.41
C PRO B 13 -8.21 -2.67 9.86
N LYS B 14 -8.39 -3.95 10.20
CA LYS B 14 -8.75 -4.33 11.56
C LYS B 14 -7.51 -4.56 12.41
N TYR B 15 -7.57 -4.16 13.67
CA TYR B 15 -6.44 -4.33 14.59
C TYR B 15 -6.90 -4.97 15.89
N ARG B 16 -6.33 -6.14 16.20
CA ARG B 16 -6.67 -6.85 17.42
C ARG B 16 -5.86 -6.35 18.60
N PRO B 17 -6.37 -6.52 19.83
CA PRO B 17 -5.68 -6.08 21.04
C PRO B 17 -4.42 -6.89 21.32
N PRO B 18 -3.44 -6.29 22.04
CA PRO B 18 -2.19 -6.98 22.37
C PRO B 18 -2.39 -8.10 23.39
N PRO B 19 -1.43 -9.05 23.48
CA PRO B 19 -1.52 -10.17 24.41
C PRO B 19 -1.47 -9.71 25.86
N GLY A 4 8.41 -14.32 -0.87
CA GLY A 4 8.73 -12.88 -1.09
C GLY A 4 7.71 -12.18 -1.97
N ILE A 5 7.11 -11.12 -1.46
CA ILE A 5 6.12 -10.36 -2.21
C ILE A 5 6.69 -9.02 -2.69
N THR A 6 6.02 -8.41 -3.66
CA THR A 6 6.46 -7.13 -4.20
C THR A 6 5.31 -6.42 -4.91
N ALA A 7 5.12 -5.15 -4.60
CA ALA A 7 4.05 -4.37 -5.21
C ALA A 7 4.55 -3.05 -5.77
N ILE A 8 3.70 -2.40 -6.55
CA ILE A 8 4.02 -1.12 -7.16
C ILE A 8 2.81 -0.19 -7.12
N ALA A 9 3.04 1.05 -6.70
CA ALA A 9 1.98 2.03 -6.60
C ALA A 9 1.52 2.48 -7.99
N LEU A 10 0.23 2.34 -8.26
CA LEU A 10 -0.34 2.73 -9.54
C LEU A 10 -0.17 4.23 -9.75
N TYR A 11 -0.34 4.98 -8.67
CA TYR A 11 -0.20 6.42 -8.70
C TYR A 11 0.52 6.90 -7.45
N ASP A 12 0.68 8.22 -7.33
CA ASP A 12 1.32 8.77 -6.15
C ASP A 12 0.26 8.94 -5.07
N TYR A 13 0.48 8.29 -3.94
CA TYR A 13 -0.50 8.34 -2.85
C TYR A 13 0.15 8.75 -1.54
N GLN A 14 -0.68 9.31 -0.65
CA GLN A 14 -0.22 9.75 0.66
C GLN A 14 -0.91 8.94 1.76
N ALA A 15 -0.12 8.18 2.51
CA ALA A 15 -0.65 7.35 3.58
C ALA A 15 -1.32 8.21 4.66
N ALA A 16 -2.62 8.04 4.82
CA ALA A 16 -3.37 8.79 5.81
C ALA A 16 -3.75 7.91 7.00
N GLY A 17 -2.84 7.03 7.39
CA GLY A 17 -3.09 6.14 8.51
C GLY A 17 -2.00 6.22 9.57
N ASP A 18 -2.32 5.77 10.77
CA ASP A 18 -1.37 5.79 11.88
C ASP A 18 -0.18 4.89 11.57
N ASP A 19 -0.43 3.82 10.83
CA ASP A 19 0.64 2.88 10.47
C ASP A 19 0.72 2.72 8.95
N GLU A 20 0.39 3.77 8.22
CA GLU A 20 0.42 3.73 6.77
C GLU A 20 1.57 4.61 6.24
N ILE A 21 2.26 4.10 5.21
CA ILE A 21 3.36 4.84 4.61
C ILE A 21 3.03 5.22 3.17
N SER A 22 3.72 6.23 2.65
CA SER A 22 3.49 6.69 1.29
C SER A 22 4.65 6.33 0.37
N PHE A 23 4.39 6.26 -0.93
CA PHE A 23 5.41 5.93 -1.91
C PHE A 23 5.03 6.44 -3.30
N ASP A 24 6.03 6.71 -4.12
CA ASP A 24 5.80 7.20 -5.48
C ASP A 24 5.33 6.07 -6.39
N PRO A 25 4.62 6.39 -7.48
CA PRO A 25 4.12 5.40 -8.43
C PRO A 25 5.25 4.50 -8.96
N ASP A 26 6.21 5.12 -9.62
CA ASP A 26 7.35 4.40 -10.17
C ASP A 26 8.14 3.73 -9.06
N ASP A 27 8.05 4.29 -7.86
CA ASP A 27 8.76 3.74 -6.70
C ASP A 27 8.12 2.43 -6.27
N ILE A 28 8.75 1.32 -6.64
CA ILE A 28 8.25 0.00 -6.29
C ILE A 28 8.84 -0.46 -4.96
N ILE A 29 8.06 -1.24 -4.22
CA ILE A 29 8.50 -1.74 -2.92
C ILE A 29 8.43 -3.26 -2.86
N THR A 30 9.02 -3.85 -1.81
CA THR A 30 9.05 -5.31 -1.69
C THR A 30 8.46 -5.78 -0.35
N ASN A 31 8.34 -7.10 -0.22
CA ASN A 31 7.80 -7.72 0.98
C ASN A 31 6.40 -7.21 1.29
N ILE A 32 5.58 -7.12 0.25
CA ILE A 32 4.21 -6.65 0.40
C ILE A 32 3.26 -7.80 0.69
N GLU A 33 2.85 -7.93 1.95
CA GLU A 33 1.94 -8.99 2.35
C GLU A 33 0.54 -8.43 2.60
N MET A 34 -0.42 -8.91 1.83
CA MET A 34 -1.80 -8.45 1.96
C MET A 34 -2.47 -9.07 3.18
N ILE A 35 -2.71 -8.24 4.20
CA ILE A 35 -3.36 -8.70 5.41
C ILE A 35 -4.87 -8.55 5.29
N ASP A 36 -5.29 -7.40 4.78
CA ASP A 36 -6.71 -7.11 4.58
C ASP A 36 -7.05 -7.16 3.09
N ASP A 37 -8.24 -7.65 2.78
CA ASP A 37 -8.67 -7.75 1.38
C ASP A 37 -8.67 -6.39 0.70
N GLY A 38 -8.64 -5.32 1.49
CA GLY A 38 -8.64 -3.97 0.94
C GLY A 38 -7.35 -3.23 1.21
N TRP A 39 -6.59 -3.69 2.20
CA TRP A 39 -5.33 -3.04 2.56
C TRP A 39 -4.15 -4.01 2.49
N TRP A 40 -2.96 -3.47 2.25
CA TRP A 40 -1.75 -4.28 2.16
C TRP A 40 -0.69 -3.75 3.13
N ARG A 41 0.43 -4.45 3.21
CA ARG A 41 1.52 -4.04 4.09
C ARG A 41 2.85 -4.56 3.57
N GLY A 42 3.81 -3.67 3.39
CA GLY A 42 5.11 -4.08 2.88
C GLY A 42 6.22 -3.14 3.30
N VAL A 43 7.43 -3.42 2.83
CA VAL A 43 8.58 -2.59 3.15
C VAL A 43 8.87 -1.60 2.03
N CYS A 44 8.70 -0.33 2.34
CA CYS A 44 8.95 0.73 1.39
C CYS A 44 10.21 1.49 1.77
N LYS A 45 11.24 1.35 0.95
CA LYS A 45 12.52 2.01 1.20
C LYS A 45 13.06 1.68 2.59
N GLY A 46 12.95 0.41 3.00
CA GLY A 46 13.46 0.00 4.29
C GLY A 46 12.40 -0.10 5.37
N ARG A 47 11.49 0.86 5.44
CA ARG A 47 10.46 0.87 6.47
C ARG A 47 9.19 0.16 6.00
N TYR A 48 8.51 -0.50 6.94
CA TYR A 48 7.26 -1.20 6.63
C TYR A 48 6.08 -0.23 6.72
N GLY A 49 4.90 -0.72 6.38
CA GLY A 49 3.71 0.13 6.45
C GLY A 49 2.49 -0.51 5.86
N LEU A 50 1.47 0.30 5.59
CA LEU A 50 0.24 -0.17 5.00
C LEU A 50 0.03 0.51 3.66
N PHE A 51 -0.52 -0.23 2.71
CA PHE A 51 -0.75 0.31 1.38
C PHE A 51 -2.20 0.18 0.96
N PRO A 52 -2.84 1.30 0.58
CA PRO A 52 -4.21 1.26 0.11
C PRO A 52 -4.26 0.52 -1.20
N ALA A 53 -4.74 -0.72 -1.17
CA ALA A 53 -4.79 -1.55 -2.37
C ALA A 53 -5.30 -0.77 -3.58
N ASN A 54 -6.04 0.29 -3.33
CA ASN A 54 -6.58 1.12 -4.39
C ASN A 54 -5.48 1.86 -5.16
N TYR A 55 -4.42 2.28 -4.46
CA TYR A 55 -3.33 2.99 -5.12
C TYR A 55 -2.08 2.12 -5.25
N VAL A 56 -2.24 0.81 -5.16
CA VAL A 56 -1.11 -0.11 -5.27
C VAL A 56 -1.50 -1.44 -5.88
N GLU A 57 -0.51 -2.20 -6.32
CA GLU A 57 -0.75 -3.50 -6.93
C GLU A 57 0.45 -4.42 -6.77
N LEU A 58 0.20 -5.65 -6.33
CA LEU A 58 1.26 -6.63 -6.14
C LEU A 58 1.73 -7.20 -7.48
N ARG A 59 3.02 -7.07 -7.76
CA ARG A 59 3.58 -7.57 -9.01
C ARG A 59 3.81 -9.08 -8.93
N GLN A 60 3.15 -9.82 -9.83
CA GLN A 60 3.28 -11.26 -9.87
C GLN A 60 4.27 -11.70 -10.95
N THR B 1 2.07 11.30 -23.83
CA THR B 1 1.74 11.56 -22.40
C THR B 1 1.01 10.37 -21.80
N ALA B 2 0.62 10.51 -20.53
CA ALA B 2 -0.09 9.44 -19.83
C ALA B 2 -1.03 10.01 -18.78
N PHE B 3 -2.22 9.42 -18.66
CA PHE B 3 -3.21 9.87 -17.70
C PHE B 3 -3.74 8.70 -16.88
N GLN B 4 -3.94 8.92 -15.59
CA GLN B 4 -4.44 7.89 -14.69
C GLN B 4 -5.29 8.49 -13.57
N GLU B 5 -6.53 8.05 -13.47
CA GLU B 5 -7.44 8.54 -12.44
C GLU B 5 -7.26 7.80 -11.13
N PRO B 6 -7.31 8.50 -9.98
CA PRO B 6 -7.14 7.89 -8.67
C PRO B 6 -8.43 7.23 -8.15
N PRO B 7 -8.29 6.05 -7.52
CA PRO B 7 -9.40 5.28 -6.96
C PRO B 7 -9.79 5.70 -5.54
N PRO B 8 -11.01 5.34 -5.10
CA PRO B 8 -11.52 5.65 -3.76
C PRO B 8 -10.72 4.93 -2.66
N LYS B 9 -10.83 5.43 -1.43
CA LYS B 9 -10.10 4.84 -0.31
C LYS B 9 -10.86 3.65 0.28
N PRO B 10 -10.13 2.59 0.71
CA PRO B 10 -10.73 1.40 1.29
C PRO B 10 -10.96 1.55 2.79
N SER B 11 -11.84 0.72 3.35
CA SER B 11 -12.14 0.77 4.77
C SER B 11 -10.91 0.42 5.58
N ARG B 12 -10.70 1.13 6.69
CA ARG B 12 -9.56 0.89 7.55
C ARG B 12 -9.45 -0.58 7.95
N PRO B 13 -8.23 -1.12 7.98
CA PRO B 13 -8.00 -2.52 8.33
C PRO B 13 -7.94 -2.75 9.84
N LYS B 14 -8.17 -3.99 10.25
CA LYS B 14 -8.14 -4.34 11.66
C LYS B 14 -6.74 -4.74 12.11
N TYR B 15 -6.35 -4.30 13.30
CA TYR B 15 -5.03 -4.62 13.83
C TYR B 15 -5.06 -4.69 15.35
N ARG B 16 -4.69 -5.84 15.89
CA ARG B 16 -4.68 -6.03 17.35
C ARG B 16 -3.64 -5.12 18.01
N PRO B 17 -3.89 -4.70 19.26
CA PRO B 17 -2.98 -3.83 20.00
C PRO B 17 -1.70 -4.56 20.40
N PRO B 18 -0.62 -3.80 20.65
CA PRO B 18 0.68 -4.37 21.04
C PRO B 18 0.65 -4.95 22.46
N PRO B 19 1.53 -5.92 22.75
CA PRO B 19 1.59 -6.55 24.08
C PRO B 19 2.14 -5.60 25.14
N GLY A 4 10.39 -11.97 -1.17
CA GLY A 4 9.11 -12.74 -1.21
C GLY A 4 8.06 -12.07 -2.07
N ILE A 5 7.45 -11.01 -1.54
CA ILE A 5 6.42 -10.28 -2.28
C ILE A 5 6.94 -8.92 -2.75
N THR A 6 6.24 -8.32 -3.70
CA THR A 6 6.63 -7.02 -4.23
C THR A 6 5.46 -6.36 -4.94
N ALA A 7 5.22 -5.08 -4.64
CA ALA A 7 4.12 -4.34 -5.24
C ALA A 7 4.59 -3.01 -5.79
N ILE A 8 3.72 -2.40 -6.59
CA ILE A 8 4.00 -1.11 -7.20
C ILE A 8 2.77 -0.21 -7.13
N ALA A 9 3.01 1.07 -6.86
CA ALA A 9 1.92 2.04 -6.76
C ALA A 9 1.43 2.47 -8.14
N LEU A 10 0.13 2.30 -8.38
CA LEU A 10 -0.46 2.69 -9.66
C LEU A 10 -0.26 4.17 -9.91
N TYR A 11 -0.41 4.95 -8.83
CA TYR A 11 -0.24 6.39 -8.90
C TYR A 11 0.49 6.87 -7.66
N ASP A 12 0.66 8.19 -7.54
CA ASP A 12 1.31 8.75 -6.36
C ASP A 12 0.26 8.90 -5.28
N TYR A 13 0.49 8.25 -4.15
CA TYR A 13 -0.48 8.30 -3.06
C TYR A 13 0.18 8.64 -1.72
N GLN A 14 -0.61 9.20 -0.82
CA GLN A 14 -0.13 9.57 0.51
C GLN A 14 -0.97 8.87 1.58
N ALA A 15 -0.29 8.23 2.53
CA ALA A 15 -0.97 7.52 3.60
C ALA A 15 -1.78 8.47 4.47
N ALA A 16 -3.07 8.18 4.61
CA ALA A 16 -3.96 9.01 5.41
C ALA A 16 -4.15 8.42 6.80
N GLY A 17 -3.16 7.67 7.27
CA GLY A 17 -3.24 7.05 8.58
C GLY A 17 -1.92 7.09 9.32
N ASP A 18 -1.87 6.46 10.48
CA ASP A 18 -0.65 6.43 11.29
C ASP A 18 0.18 5.19 10.98
N ASP A 19 -0.48 4.12 10.53
CA ASP A 19 0.21 2.88 10.19
C ASP A 19 0.30 2.68 8.69
N GLU A 20 0.29 3.79 7.95
CA GLU A 20 0.38 3.73 6.49
C GLU A 20 1.48 4.65 5.97
N ILE A 21 2.23 4.17 4.97
CA ILE A 21 3.31 4.96 4.39
C ILE A 21 2.97 5.32 2.94
N SER A 22 3.68 6.32 2.41
CA SER A 22 3.45 6.76 1.04
C SER A 22 4.62 6.37 0.13
N PHE A 23 4.34 6.27 -1.16
CA PHE A 23 5.37 5.92 -2.14
C PHE A 23 4.98 6.38 -3.54
N ASP A 24 5.98 6.73 -4.34
CA ASP A 24 5.76 7.19 -5.70
C ASP A 24 5.28 6.04 -6.59
N PRO A 25 4.57 6.36 -7.69
CA PRO A 25 4.07 5.34 -8.62
C PRO A 25 5.19 4.44 -9.13
N ASP A 26 6.21 5.05 -9.71
CA ASP A 26 7.36 4.31 -10.22
C ASP A 26 8.14 3.67 -9.08
N ASP A 27 8.05 4.27 -7.90
CA ASP A 27 8.74 3.76 -6.73
C ASP A 27 8.12 2.44 -6.27
N ILE A 28 8.76 1.34 -6.63
CA ILE A 28 8.28 0.02 -6.27
C ILE A 28 8.86 -0.44 -4.94
N ILE A 29 8.10 -1.21 -4.19
CA ILE A 29 8.55 -1.71 -2.90
C ILE A 29 8.48 -3.23 -2.82
N THR A 30 9.07 -3.81 -1.79
CA THR A 30 9.10 -5.27 -1.65
C THR A 30 8.52 -5.73 -0.31
N ASN A 31 8.39 -7.05 -0.17
CA ASN A 31 7.86 -7.65 1.05
C ASN A 31 6.44 -7.18 1.31
N ILE A 32 5.65 -7.07 0.25
CA ILE A 32 4.27 -6.62 0.38
C ILE A 32 3.33 -7.78 0.65
N GLU A 33 2.89 -7.90 1.90
CA GLU A 33 1.97 -8.96 2.30
C GLU A 33 0.60 -8.38 2.58
N MET A 34 -0.43 -8.96 1.97
CA MET A 34 -1.79 -8.48 2.15
C MET A 34 -2.38 -8.94 3.49
N ILE A 35 -2.66 -7.98 4.36
CA ILE A 35 -3.24 -8.28 5.66
C ILE A 35 -4.75 -8.21 5.59
N ASP A 36 -5.25 -7.14 4.98
CA ASP A 36 -6.67 -6.92 4.81
C ASP A 36 -7.08 -7.13 3.36
N ASP A 37 -8.26 -7.68 3.14
CA ASP A 37 -8.75 -7.94 1.79
C ASP A 37 -8.79 -6.64 0.97
N GLY A 38 -8.77 -5.50 1.65
CA GLY A 38 -8.81 -4.23 0.96
C GLY A 38 -7.54 -3.41 1.18
N TRP A 39 -6.71 -3.85 2.13
CA TRP A 39 -5.46 -3.16 2.44
C TRP A 39 -4.26 -4.08 2.29
N TRP A 40 -3.06 -3.52 2.33
CA TRP A 40 -1.83 -4.29 2.20
C TRP A 40 -0.78 -3.82 3.20
N ARG A 41 0.41 -4.43 3.15
CA ARG A 41 1.50 -4.06 4.04
C ARG A 41 2.83 -4.55 3.50
N GLY A 42 3.79 -3.66 3.35
CA GLY A 42 5.09 -4.06 2.85
C GLY A 42 6.19 -3.11 3.28
N VAL A 43 7.42 -3.40 2.86
CA VAL A 43 8.54 -2.57 3.22
C VAL A 43 8.88 -1.60 2.09
N CYS A 44 8.76 -0.31 2.39
CA CYS A 44 9.05 0.74 1.43
C CYS A 44 10.33 1.45 1.82
N LYS A 45 11.38 1.23 1.04
CA LYS A 45 12.68 1.83 1.30
C LYS A 45 13.17 1.52 2.72
N GLY A 46 12.99 0.27 3.15
CA GLY A 46 13.45 -0.13 4.47
C GLY A 46 12.35 -0.19 5.52
N ARG A 47 11.46 0.80 5.55
CA ARG A 47 10.40 0.84 6.54
C ARG A 47 9.14 0.12 6.07
N TYR A 48 8.45 -0.54 7.00
CA TYR A 48 7.22 -1.25 6.68
C TYR A 48 6.03 -0.29 6.78
N GLY A 49 4.85 -0.78 6.43
CA GLY A 49 3.66 0.05 6.50
C GLY A 49 2.46 -0.63 5.87
N LEU A 50 1.44 0.16 5.54
CA LEU A 50 0.25 -0.37 4.91
C LEU A 50 -0.02 0.36 3.61
N PHE A 51 -0.50 -0.36 2.61
CA PHE A 51 -0.75 0.21 1.31
C PHE A 51 -2.20 0.09 0.89
N PRO A 52 -2.85 1.21 0.50
CA PRO A 52 -4.21 1.16 0.02
C PRO A 52 -4.23 0.47 -1.33
N ALA A 53 -4.69 -0.78 -1.35
CA ALA A 53 -4.72 -1.54 -2.59
C ALA A 53 -5.24 -0.70 -3.76
N ASN A 54 -6.03 0.32 -3.42
CA ASN A 54 -6.59 1.22 -4.40
C ASN A 54 -5.52 1.94 -5.22
N TYR A 55 -4.39 2.25 -4.59
CA TYR A 55 -3.30 2.95 -5.29
C TYR A 55 -2.04 2.10 -5.40
N VAL A 56 -2.19 0.78 -5.24
CA VAL A 56 -1.04 -0.12 -5.34
C VAL A 56 -1.44 -1.48 -5.89
N GLU A 57 -0.45 -2.25 -6.35
CA GLU A 57 -0.70 -3.56 -6.91
C GLU A 57 0.53 -4.47 -6.76
N LEU A 58 0.30 -5.69 -6.30
CA LEU A 58 1.39 -6.66 -6.12
C LEU A 58 1.84 -7.22 -7.47
N ARG A 59 3.13 -7.08 -7.75
CA ARG A 59 3.70 -7.58 -9.00
C ARG A 59 4.26 -8.99 -8.82
N GLN A 60 4.04 -9.83 -9.82
CA GLN A 60 4.53 -11.21 -9.78
C GLN A 60 6.06 -11.24 -9.86
N THR B 1 3.57 11.22 -22.05
CA THR B 1 2.14 11.54 -21.82
C THR B 1 1.41 10.36 -21.19
N ALA B 2 1.04 10.52 -19.92
CA ALA B 2 0.32 9.46 -19.20
C ALA B 2 -0.61 10.05 -18.14
N PHE B 3 -1.86 9.63 -18.18
CA PHE B 3 -2.86 10.12 -17.23
C PHE B 3 -3.61 8.96 -16.59
N GLN B 4 -3.88 9.07 -15.29
CA GLN B 4 -4.58 8.02 -14.56
C GLN B 4 -5.37 8.61 -13.40
N GLU B 5 -6.65 8.23 -13.30
CA GLU B 5 -7.51 8.73 -12.23
C GLU B 5 -7.36 7.89 -10.97
N PRO B 6 -7.34 8.52 -9.79
CA PRO B 6 -7.19 7.82 -8.52
C PRO B 6 -8.51 7.28 -7.96
N PRO B 7 -8.48 6.06 -7.41
CA PRO B 7 -9.65 5.41 -6.82
C PRO B 7 -9.89 5.80 -5.37
N PRO B 8 -11.12 5.57 -4.86
CA PRO B 8 -11.49 5.90 -3.46
C PRO B 8 -10.71 5.08 -2.44
N LYS B 9 -10.66 5.57 -1.21
CA LYS B 9 -9.94 4.88 -0.13
C LYS B 9 -10.73 3.69 0.41
N PRO B 10 -10.03 2.60 0.78
CA PRO B 10 -10.63 1.39 1.32
C PRO B 10 -10.87 1.49 2.82
N SER B 11 -11.77 0.67 3.34
CA SER B 11 -12.06 0.66 4.77
C SER B 11 -10.80 0.43 5.58
N ARG B 12 -10.68 1.14 6.70
CA ARG B 12 -9.51 1.02 7.56
C ARG B 12 -9.35 -0.42 8.05
N PRO B 13 -8.11 -0.93 8.12
CA PRO B 13 -7.84 -2.30 8.57
C PRO B 13 -8.21 -2.50 10.04
N LYS B 14 -8.40 -3.76 10.43
CA LYS B 14 -8.74 -4.08 11.80
C LYS B 14 -7.50 -4.32 12.64
N TYR B 15 -7.56 -3.93 13.91
CA TYR B 15 -6.43 -4.09 14.82
C TYR B 15 -6.91 -4.42 16.23
N ARG B 16 -6.38 -5.51 16.79
CA ARG B 16 -6.76 -5.93 18.13
C ARG B 16 -6.00 -5.14 19.19
N PRO B 17 -6.51 -5.12 20.43
CA PRO B 17 -5.87 -4.39 21.54
C PRO B 17 -4.50 -4.98 21.90
N PRO B 18 -3.66 -4.19 22.58
CA PRO B 18 -2.31 -4.63 22.99
C PRO B 18 -2.37 -5.78 23.98
N PRO B 19 -1.30 -6.60 24.04
CA PRO B 19 -1.23 -7.74 24.96
C PRO B 19 -1.08 -7.30 26.41
N GLY A 4 9.44 -11.76 -0.01
CA GLY A 4 8.79 -12.75 -0.92
C GLY A 4 7.77 -12.13 -1.84
N ILE A 5 7.16 -11.04 -1.40
CA ILE A 5 6.16 -10.34 -2.20
C ILE A 5 6.70 -9.00 -2.70
N THR A 6 6.04 -8.44 -3.70
CA THR A 6 6.45 -7.16 -4.28
C THR A 6 5.27 -6.45 -4.93
N ALA A 7 5.12 -5.16 -4.65
CA ALA A 7 4.03 -4.39 -5.22
C ALA A 7 4.50 -3.05 -5.75
N ILE A 8 3.65 -2.42 -6.54
CA ILE A 8 3.94 -1.12 -7.13
C ILE A 8 2.72 -0.21 -7.06
N ALA A 9 2.96 1.07 -6.81
CA ALA A 9 1.88 2.04 -6.72
C ALA A 9 1.39 2.45 -8.11
N LEU A 10 0.09 2.31 -8.34
CA LEU A 10 -0.50 2.68 -9.62
C LEU A 10 -0.28 4.16 -9.89
N TYR A 11 -0.36 4.94 -8.82
CA TYR A 11 -0.17 6.40 -8.90
C TYR A 11 0.55 6.88 -7.66
N ASP A 12 0.72 8.19 -7.54
CA ASP A 12 1.36 8.75 -6.37
C ASP A 12 0.30 8.94 -5.30
N TYR A 13 0.50 8.30 -4.16
CA TYR A 13 -0.47 8.35 -3.08
C TYR A 13 0.18 8.67 -1.75
N GLN A 14 -0.59 9.24 -0.84
CA GLN A 14 -0.11 9.60 0.48
C GLN A 14 -0.93 8.92 1.57
N ALA A 15 -0.25 8.26 2.50
CA ALA A 15 -0.91 7.56 3.59
C ALA A 15 -1.71 8.52 4.46
N ALA A 16 -3.01 8.27 4.57
CA ALA A 16 -3.89 9.11 5.38
C ALA A 16 -4.12 8.49 6.76
N GLY A 17 -3.14 7.71 7.22
CA GLY A 17 -3.26 7.07 8.51
C GLY A 17 -1.97 7.13 9.31
N ASP A 18 -1.97 6.48 10.46
CA ASP A 18 -0.78 6.46 11.33
C ASP A 18 0.10 5.25 11.03
N ASP A 19 -0.52 4.18 10.53
CA ASP A 19 0.21 2.95 10.21
C ASP A 19 0.30 2.75 8.70
N GLU A 20 0.30 3.85 7.95
CA GLU A 20 0.39 3.79 6.49
C GLU A 20 1.50 4.68 5.98
N ILE A 21 2.25 4.18 4.99
CA ILE A 21 3.34 4.96 4.39
C ILE A 21 3.01 5.33 2.95
N SER A 22 3.74 6.30 2.41
CA SER A 22 3.51 6.74 1.04
C SER A 22 4.67 6.35 0.13
N PHE A 23 4.39 6.26 -1.17
CA PHE A 23 5.41 5.91 -2.15
C PHE A 23 5.02 6.38 -3.55
N ASP A 24 6.01 6.67 -4.37
CA ASP A 24 5.78 7.13 -5.73
C ASP A 24 5.27 5.99 -6.61
N PRO A 25 4.56 6.31 -7.71
CA PRO A 25 4.02 5.29 -8.63
C PRO A 25 5.11 4.37 -9.13
N ASP A 26 6.12 4.94 -9.77
CA ASP A 26 7.24 4.17 -10.29
C ASP A 26 8.04 3.53 -9.16
N ASP A 27 7.97 4.14 -7.97
CA ASP A 27 8.67 3.63 -6.81
C ASP A 27 8.04 2.34 -6.33
N ILE A 28 8.68 1.22 -6.67
CA ILE A 28 8.17 -0.09 -6.27
C ILE A 28 8.78 -0.52 -4.94
N ILE A 29 8.02 -1.28 -4.16
CA ILE A 29 8.48 -1.74 -2.86
C ILE A 29 8.50 -3.26 -2.78
N THR A 30 9.16 -3.79 -1.75
CA THR A 30 9.30 -5.24 -1.59
C THR A 30 8.61 -5.75 -0.32
N ASN A 31 8.51 -7.08 -0.21
CA ASN A 31 7.90 -7.73 0.94
C ASN A 31 6.50 -7.17 1.22
N ILE A 32 5.66 -7.15 0.20
CA ILE A 32 4.29 -6.65 0.36
C ILE A 32 3.32 -7.78 0.66
N GLU A 33 2.92 -7.88 1.93
CA GLU A 33 1.97 -8.91 2.34
C GLU A 33 0.60 -8.31 2.58
N MET A 34 -0.43 -9.04 2.20
CA MET A 34 -1.80 -8.57 2.36
C MET A 34 -2.38 -8.94 3.72
N ILE A 35 -2.62 -7.93 4.55
CA ILE A 35 -3.20 -8.16 5.87
C ILE A 35 -4.72 -8.08 5.80
N ASP A 36 -5.20 -7.03 5.14
CA ASP A 36 -6.62 -6.81 4.97
C ASP A 36 -7.02 -7.10 3.52
N ASP A 37 -8.22 -7.65 3.33
CA ASP A 37 -8.70 -7.98 1.99
C ASP A 37 -8.73 -6.74 1.09
N GLY A 38 -8.70 -5.56 1.71
CA GLY A 38 -8.72 -4.32 0.94
C GLY A 38 -7.45 -3.50 1.14
N TRP A 39 -6.62 -3.91 2.09
CA TRP A 39 -5.37 -3.21 2.39
C TRP A 39 -4.17 -4.14 2.26
N TRP A 40 -2.98 -3.56 2.29
CA TRP A 40 -1.74 -4.34 2.19
C TRP A 40 -0.69 -3.83 3.18
N ARG A 41 0.50 -4.42 3.14
CA ARG A 41 1.58 -4.02 4.04
C ARG A 41 2.92 -4.53 3.52
N GLY A 42 3.87 -3.63 3.36
CA GLY A 42 5.18 -4.04 2.87
C GLY A 42 6.28 -3.10 3.29
N VAL A 43 7.49 -3.36 2.83
CA VAL A 43 8.64 -2.53 3.17
C VAL A 43 8.92 -1.51 2.07
N CYS A 44 8.77 -0.24 2.42
CA CYS A 44 9.01 0.85 1.50
C CYS A 44 10.29 1.57 1.90
N LYS A 45 11.32 1.42 1.09
CA LYS A 45 12.61 2.03 1.36
C LYS A 45 13.12 1.67 2.75
N GLY A 46 12.97 0.39 3.12
CA GLY A 46 13.45 -0.06 4.41
C GLY A 46 12.37 -0.16 5.48
N ARG A 47 11.51 0.85 5.57
CA ARG A 47 10.46 0.86 6.59
C ARG A 47 9.20 0.14 6.11
N TYR A 48 8.49 -0.49 7.04
CA TYR A 48 7.25 -1.20 6.72
C TYR A 48 6.07 -0.23 6.78
N GLY A 49 4.90 -0.72 6.42
CA GLY A 49 3.72 0.12 6.45
C GLY A 49 2.51 -0.57 5.82
N LEU A 50 1.50 0.22 5.49
CA LEU A 50 0.30 -0.32 4.87
C LEU A 50 0.05 0.41 3.56
N PHE A 51 -0.45 -0.33 2.58
CA PHE A 51 -0.70 0.23 1.26
C PHE A 51 -2.16 0.11 0.86
N PRO A 52 -2.81 1.24 0.49
CA PRO A 52 -4.18 1.20 0.04
C PRO A 52 -4.25 0.48 -1.30
N ALA A 53 -4.72 -0.75 -1.28
CA ALA A 53 -4.79 -1.54 -2.51
C ALA A 53 -5.33 -0.72 -3.68
N ASN A 54 -6.08 0.32 -3.35
CA ASN A 54 -6.65 1.21 -4.34
C ASN A 54 -5.57 1.93 -5.15
N TYR A 55 -4.45 2.28 -4.52
CA TYR A 55 -3.37 2.97 -5.20
C TYR A 55 -2.12 2.12 -5.33
N VAL A 56 -2.26 0.81 -5.19
CA VAL A 56 -1.12 -0.09 -5.31
C VAL A 56 -1.52 -1.44 -5.88
N GLU A 57 -0.53 -2.21 -6.34
CA GLU A 57 -0.79 -3.52 -6.91
C GLU A 57 0.43 -4.43 -6.78
N LEU A 58 0.19 -5.66 -6.33
CA LEU A 58 1.25 -6.63 -6.14
C LEU A 58 1.73 -7.16 -7.50
N ARG A 59 2.85 -7.87 -7.48
CA ARG A 59 3.42 -8.43 -8.71
C ARG A 59 3.40 -9.95 -8.67
N GLN A 60 2.35 -10.50 -8.06
CA GLN A 60 2.22 -11.95 -7.96
C GLN A 60 2.16 -12.60 -9.34
N THR B 1 2.36 11.47 -23.19
CA THR B 1 0.96 11.56 -22.72
C THR B 1 0.60 10.41 -21.80
N ALA B 2 0.39 10.71 -20.53
CA ALA B 2 0.04 9.70 -19.54
C ALA B 2 -0.83 10.27 -18.44
N PHE B 3 -2.04 9.72 -18.29
CA PHE B 3 -2.97 10.19 -17.27
C PHE B 3 -3.63 9.01 -16.56
N GLN B 4 -3.81 9.12 -15.25
CA GLN B 4 -4.43 8.07 -14.46
C GLN B 4 -5.24 8.66 -13.31
N GLU B 5 -6.51 8.28 -13.24
CA GLU B 5 -7.40 8.77 -12.19
C GLU B 5 -7.24 7.93 -10.91
N PRO B 6 -7.25 8.59 -9.74
CA PRO B 6 -7.10 7.89 -8.47
C PRO B 6 -8.43 7.34 -7.93
N PRO B 7 -8.39 6.13 -7.35
CA PRO B 7 -9.56 5.46 -6.79
C PRO B 7 -9.83 5.87 -5.34
N PRO B 8 -11.07 5.62 -4.86
CA PRO B 8 -11.47 5.96 -3.48
C PRO B 8 -10.70 5.16 -2.44
N LYS B 9 -10.68 5.64 -1.21
CA LYS B 9 -9.97 4.97 -0.13
C LYS B 9 -10.73 3.73 0.35
N PRO B 10 -10.00 2.64 0.68
CA PRO B 10 -10.59 1.40 1.16
C PRO B 10 -10.84 1.43 2.66
N SER B 11 -11.73 0.55 3.13
CA SER B 11 -12.04 0.48 4.55
C SER B 11 -10.78 0.26 5.38
N ARG B 12 -10.70 0.94 6.53
CA ARG B 12 -9.54 0.82 7.40
C ARG B 12 -9.36 -0.62 7.86
N PRO B 13 -8.10 -1.09 7.95
CA PRO B 13 -7.81 -2.47 8.39
C PRO B 13 -8.19 -2.70 9.84
N LYS B 14 -8.34 -3.97 10.20
CA LYS B 14 -8.69 -4.33 11.57
C LYS B 14 -7.44 -4.54 12.42
N TYR B 15 -7.48 -4.08 13.65
CA TYR B 15 -6.33 -4.22 14.56
C TYR B 15 -6.79 -4.71 15.93
N ARG B 16 -6.15 -5.78 16.40
CA ARG B 16 -6.47 -6.36 17.70
C ARG B 16 -5.72 -5.65 18.82
N PRO B 17 -6.21 -5.76 20.06
CA PRO B 17 -5.57 -5.13 21.22
C PRO B 17 -4.20 -5.72 21.53
N PRO B 18 -3.31 -4.93 22.18
CA PRO B 18 -1.97 -5.39 22.52
C PRO B 18 -1.98 -6.46 23.62
N PRO B 19 -0.89 -7.24 23.72
CA PRO B 19 -0.78 -8.29 24.73
C PRO B 19 -0.63 -7.73 26.15
N GLY A 4 8.66 -14.30 -1.02
CA GLY A 4 9.01 -12.89 -1.36
C GLY A 4 7.93 -12.20 -2.16
N ILE A 5 7.33 -11.17 -1.59
CA ILE A 5 6.27 -10.41 -2.27
C ILE A 5 6.78 -9.06 -2.73
N THR A 6 6.04 -8.43 -3.64
CA THR A 6 6.42 -7.13 -4.17
C THR A 6 5.19 -6.39 -4.69
N ALA A 7 5.34 -5.08 -4.88
CA ALA A 7 4.23 -4.27 -5.38
C ALA A 7 4.73 -2.94 -5.96
N ILE A 8 3.86 -2.32 -6.75
CA ILE A 8 4.16 -1.05 -7.39
C ILE A 8 2.93 -0.14 -7.35
N ALA A 9 3.14 1.08 -6.89
CA ALA A 9 2.06 2.06 -6.79
C ALA A 9 1.61 2.52 -8.17
N LEU A 10 0.32 2.33 -8.46
CA LEU A 10 -0.23 2.74 -9.75
C LEU A 10 -0.13 4.25 -9.89
N TYR A 11 -0.52 4.95 -8.83
CA TYR A 11 -0.46 6.41 -8.79
C TYR A 11 0.27 6.87 -7.55
N ASP A 12 0.46 8.18 -7.41
CA ASP A 12 1.12 8.71 -6.23
C ASP A 12 0.08 8.88 -5.14
N TYR A 13 0.30 8.22 -4.01
CA TYR A 13 -0.65 8.28 -2.91
C TYR A 13 0.02 8.65 -1.60
N GLN A 14 -0.76 9.22 -0.70
CA GLN A 14 -0.27 9.62 0.62
C GLN A 14 -0.99 8.86 1.71
N ALA A 15 -0.24 8.09 2.50
CA ALA A 15 -0.82 7.31 3.58
C ALA A 15 -1.46 8.22 4.62
N ALA A 16 -2.79 8.28 4.61
CA ALA A 16 -3.51 9.12 5.56
C ALA A 16 -3.84 8.35 6.83
N GLY A 17 -2.83 7.73 7.43
CA GLY A 17 -3.02 6.97 8.64
C GLY A 17 -1.79 6.95 9.53
N ASP A 18 -1.85 6.19 10.61
CA ASP A 18 -0.73 6.09 11.54
C ASP A 18 0.16 4.90 11.19
N ASP A 19 -0.46 3.82 10.73
CA ASP A 19 0.28 2.63 10.35
C ASP A 19 0.33 2.47 8.83
N GLU A 20 0.30 3.60 8.12
CA GLU A 20 0.34 3.58 6.66
C GLU A 20 1.45 4.50 6.15
N ILE A 21 2.16 4.04 5.12
CA ILE A 21 3.24 4.82 4.53
C ILE A 21 2.90 5.21 3.10
N SER A 22 3.65 6.16 2.55
CA SER A 22 3.41 6.62 1.18
C SER A 22 4.60 6.27 0.28
N PHE A 23 4.35 6.21 -1.02
CA PHE A 23 5.39 5.90 -2.00
C PHE A 23 5.01 6.39 -3.39
N ASP A 24 6.02 6.76 -4.18
CA ASP A 24 5.79 7.25 -5.53
C ASP A 24 5.33 6.11 -6.45
N PRO A 25 4.62 6.45 -7.54
CA PRO A 25 4.13 5.45 -8.49
C PRO A 25 5.25 4.56 -9.02
N ASP A 26 6.20 5.17 -9.70
CA ASP A 26 7.33 4.45 -10.26
C ASP A 26 8.15 3.80 -9.15
N ASP A 27 8.07 4.37 -7.95
CA ASP A 27 8.80 3.84 -6.80
C ASP A 27 8.19 2.52 -6.36
N ILE A 28 8.85 1.42 -6.74
CA ILE A 28 8.38 0.09 -6.38
C ILE A 28 8.99 -0.37 -5.06
N ILE A 29 8.24 -1.16 -4.30
CA ILE A 29 8.71 -1.65 -3.02
C ILE A 29 8.71 -3.17 -2.96
N THR A 30 9.35 -3.73 -1.93
CA THR A 30 9.42 -5.19 -1.80
C THR A 30 8.81 -5.68 -0.49
N ASN A 31 8.57 -6.99 -0.42
CA ASN A 31 7.99 -7.61 0.76
C ASN A 31 6.65 -6.98 1.11
N ILE A 32 5.72 -7.02 0.15
CA ILE A 32 4.39 -6.46 0.34
C ILE A 32 3.34 -7.56 0.45
N GLU A 33 2.89 -7.81 1.68
CA GLU A 33 1.89 -8.83 1.94
C GLU A 33 0.51 -8.21 2.10
N MET A 34 -0.51 -9.05 2.14
CA MET A 34 -1.88 -8.57 2.28
C MET A 34 -2.47 -8.96 3.64
N ILE A 35 -2.74 -7.95 4.47
CA ILE A 35 -3.32 -8.18 5.78
C ILE A 35 -4.85 -8.10 5.69
N ASP A 36 -5.32 -7.03 5.06
CA ASP A 36 -6.74 -6.81 4.87
C ASP A 36 -7.13 -7.05 3.42
N ASP A 37 -8.33 -7.60 3.20
CA ASP A 37 -8.79 -7.88 1.84
C ASP A 37 -8.82 -6.61 1.00
N GLY A 38 -8.82 -5.46 1.66
CA GLY A 38 -8.84 -4.19 0.94
C GLY A 38 -7.57 -3.39 1.15
N TRP A 39 -6.72 -3.84 2.07
CA TRP A 39 -5.47 -3.16 2.37
C TRP A 39 -4.27 -4.08 2.18
N TRP A 40 -3.08 -3.52 2.29
CA TRP A 40 -1.84 -4.29 2.14
C TRP A 40 -0.80 -3.84 3.16
N ARG A 41 0.40 -4.42 3.09
CA ARG A 41 1.48 -4.06 4.00
C ARG A 41 2.81 -4.59 3.49
N GLY A 42 3.78 -3.70 3.35
CA GLY A 42 5.08 -4.13 2.88
C GLY A 42 6.20 -3.19 3.30
N VAL A 43 7.40 -3.49 2.86
CA VAL A 43 8.55 -2.67 3.20
C VAL A 43 8.92 -1.72 2.06
N CYS A 44 8.80 -0.43 2.36
CA CYS A 44 9.13 0.61 1.38
C CYS A 44 10.41 1.31 1.79
N LYS A 45 11.47 1.06 1.02
CA LYS A 45 12.77 1.65 1.29
C LYS A 45 13.23 1.35 2.72
N GLY A 46 13.03 0.11 3.16
CA GLY A 46 13.47 -0.28 4.50
C GLY A 46 12.36 -0.31 5.54
N ARG A 47 11.48 0.69 5.53
CA ARG A 47 10.41 0.76 6.52
C ARG A 47 9.15 0.04 6.04
N TYR A 48 8.44 -0.60 6.97
CA TYR A 48 7.20 -1.30 6.66
C TYR A 48 6.03 -0.32 6.72
N GLY A 49 4.85 -0.81 6.38
CA GLY A 49 3.66 0.04 6.42
C GLY A 49 2.46 -0.63 5.80
N LEU A 50 1.46 0.17 5.46
CA LEU A 50 0.24 -0.34 4.84
C LEU A 50 0.00 0.38 3.53
N PHE A 51 -0.58 -0.32 2.58
CA PHE A 51 -0.83 0.26 1.26
C PHE A 51 -2.28 0.13 0.84
N PRO A 52 -2.94 1.24 0.46
CA PRO A 52 -4.30 1.18 -0.03
C PRO A 52 -4.28 0.54 -1.41
N ALA A 53 -4.71 -0.72 -1.47
CA ALA A 53 -4.70 -1.46 -2.73
C ALA A 53 -5.21 -0.61 -3.90
N ASN A 54 -6.01 0.39 -3.56
CA ASN A 54 -6.58 1.30 -4.55
C ASN A 54 -5.50 2.00 -5.38
N TYR A 55 -4.37 2.32 -4.76
CA TYR A 55 -3.28 3.02 -5.46
C TYR A 55 -2.03 2.15 -5.58
N VAL A 56 -2.15 0.86 -5.30
CA VAL A 56 -1.00 -0.04 -5.38
C VAL A 56 -1.39 -1.39 -5.95
N GLU A 57 -0.39 -2.15 -6.39
CA GLU A 57 -0.61 -3.47 -6.96
C GLU A 57 0.61 -4.37 -6.79
N LEU A 58 0.38 -5.58 -6.32
CA LEU A 58 1.47 -6.54 -6.11
C LEU A 58 1.99 -7.07 -7.44
N ARG A 59 3.28 -7.34 -7.50
CA ARG A 59 3.91 -7.85 -8.71
C ARG A 59 4.39 -9.29 -8.51
N GLN A 60 3.52 -10.25 -8.82
CA GLN A 60 3.86 -11.65 -8.67
C GLN A 60 4.80 -12.11 -9.78
N THR B 1 -5.29 5.67 -26.24
CA THR B 1 -4.56 5.63 -24.95
C THR B 1 -5.48 5.18 -23.82
N ALA B 2 -4.90 4.99 -22.63
CA ALA B 2 -5.67 4.57 -21.47
C ALA B 2 -5.39 5.47 -20.26
N PHE B 3 -6.44 5.95 -19.62
CA PHE B 3 -6.30 6.82 -18.46
C PHE B 3 -7.48 6.65 -17.50
N GLN B 4 -7.18 6.24 -16.28
CA GLN B 4 -8.22 6.03 -15.26
C GLN B 4 -7.83 6.71 -13.96
N GLU B 5 -8.77 7.46 -13.38
CA GLU B 5 -8.52 8.15 -12.12
C GLU B 5 -8.31 7.15 -10.98
N PRO B 6 -7.68 7.60 -9.88
CA PRO B 6 -7.39 6.74 -8.74
C PRO B 6 -8.66 6.29 -8.00
N PRO B 7 -8.69 5.02 -7.56
CA PRO B 7 -9.83 4.44 -6.83
C PRO B 7 -10.08 5.07 -5.46
N PRO B 8 -11.30 4.88 -4.91
CA PRO B 8 -11.69 5.42 -3.59
C PRO B 8 -10.94 4.74 -2.44
N LYS B 9 -10.90 5.39 -1.29
CA LYS B 9 -10.21 4.84 -0.13
C LYS B 9 -10.96 3.65 0.47
N PRO B 10 -10.22 2.60 0.88
CA PRO B 10 -10.79 1.41 1.48
C PRO B 10 -11.02 1.56 2.99
N SER B 11 -11.89 0.72 3.54
CA SER B 11 -12.17 0.76 4.96
C SER B 11 -10.91 0.50 5.77
N ARG B 12 -10.75 1.24 6.87
CA ARG B 12 -9.58 1.09 7.72
C ARG B 12 -9.41 -0.36 8.17
N PRO B 13 -8.17 -0.88 8.20
CA PRO B 13 -7.89 -2.25 8.61
C PRO B 13 -8.23 -2.50 10.08
N LYS B 14 -8.40 -3.78 10.43
CA LYS B 14 -8.73 -4.14 11.80
C LYS B 14 -7.47 -4.29 12.64
N TYR B 15 -7.53 -3.82 13.88
CA TYR B 15 -6.39 -3.90 14.78
C TYR B 15 -6.84 -4.25 16.20
N ARG B 16 -6.19 -5.24 16.81
CA ARG B 16 -6.52 -5.66 18.16
C ARG B 16 -5.80 -4.79 19.19
N PRO B 17 -6.40 -4.61 20.38
CA PRO B 17 -5.81 -3.82 21.45
C PRO B 17 -4.59 -4.49 22.08
N PRO B 18 -3.73 -3.71 22.76
CA PRO B 18 -2.52 -4.23 23.39
C PRO B 18 -2.84 -5.09 24.61
N PRO B 19 -1.88 -5.95 25.03
CA PRO B 19 -2.08 -6.84 26.18
C PRO B 19 -2.10 -6.07 27.50
N GLY A 4 9.97 -11.83 -0.69
CA GLY A 4 8.79 -12.70 -0.92
C GLY A 4 7.80 -12.10 -1.91
N ILE A 5 7.04 -11.11 -1.44
CA ILE A 5 6.05 -10.45 -2.29
C ILE A 5 6.57 -9.11 -2.79
N THR A 6 5.93 -8.59 -3.83
CA THR A 6 6.34 -7.30 -4.41
C THR A 6 5.13 -6.53 -4.91
N ALA A 7 5.27 -5.21 -4.99
CA ALA A 7 4.18 -4.36 -5.46
C ALA A 7 4.69 -3.00 -5.92
N ILE A 8 3.84 -2.30 -6.66
CA ILE A 8 4.17 -0.99 -7.19
C ILE A 8 2.95 -0.07 -7.12
N ALA A 9 3.17 1.16 -6.67
CA ALA A 9 2.09 2.13 -6.56
C ALA A 9 1.62 2.60 -7.93
N LEU A 10 0.33 2.40 -8.21
CA LEU A 10 -0.26 2.81 -9.48
C LEU A 10 -0.11 4.32 -9.67
N TYR A 11 -0.42 5.05 -8.59
CA TYR A 11 -0.31 6.51 -8.61
C TYR A 11 0.41 6.98 -7.36
N ASP A 12 0.55 8.29 -7.21
CA ASP A 12 1.20 8.85 -6.03
C ASP A 12 0.15 8.99 -4.95
N TYR A 13 0.37 8.33 -3.82
CA TYR A 13 -0.60 8.36 -2.74
C TYR A 13 0.06 8.73 -1.41
N GLN A 14 -0.76 9.30 -0.51
CA GLN A 14 -0.30 9.70 0.81
C GLN A 14 -1.01 8.88 1.88
N ALA A 15 -0.25 8.07 2.60
CA ALA A 15 -0.82 7.23 3.65
C ALA A 15 -1.43 8.08 4.76
N ALA A 16 -2.75 8.09 4.83
CA ALA A 16 -3.47 8.85 5.84
C ALA A 16 -3.83 7.99 7.04
N GLY A 17 -2.90 7.13 7.44
CA GLY A 17 -3.15 6.24 8.57
C GLY A 17 -1.98 6.22 9.54
N ASP A 18 -2.23 5.71 10.74
CA ASP A 18 -1.19 5.63 11.76
C ASP A 18 -0.18 4.54 11.42
N ASP A 19 -0.65 3.49 10.75
CA ASP A 19 0.22 2.38 10.35
C ASP A 19 0.31 2.27 8.84
N GLU A 20 0.19 3.41 8.15
CA GLU A 20 0.26 3.43 6.70
C GLU A 20 1.39 4.35 6.22
N ILE A 21 2.12 3.90 5.20
CA ILE A 21 3.22 4.68 4.65
C ILE A 21 2.92 5.10 3.21
N SER A 22 3.60 6.14 2.75
CA SER A 22 3.40 6.65 1.40
C SER A 22 4.61 6.33 0.51
N PHE A 23 4.38 6.29 -0.80
CA PHE A 23 5.45 6.01 -1.76
C PHE A 23 5.09 6.54 -3.14
N ASP A 24 6.10 6.77 -3.97
CA ASP A 24 5.89 7.28 -5.32
C ASP A 24 5.41 6.16 -6.25
N PRO A 25 4.72 6.51 -7.35
CA PRO A 25 4.22 5.53 -8.31
C PRO A 25 5.35 4.65 -8.86
N ASP A 26 6.31 5.28 -9.52
CA ASP A 26 7.44 4.55 -10.08
C ASP A 26 8.23 3.87 -8.98
N ASP A 27 8.15 4.41 -7.77
CA ASP A 27 8.85 3.84 -6.63
C ASP A 27 8.22 2.52 -6.22
N ILE A 28 8.87 1.42 -6.59
CA ILE A 28 8.37 0.09 -6.26
C ILE A 28 8.94 -0.38 -4.93
N ILE A 29 8.16 -1.17 -4.21
CA ILE A 29 8.60 -1.69 -2.92
C ILE A 29 8.51 -3.21 -2.87
N THR A 30 9.13 -3.82 -1.85
CA THR A 30 9.15 -5.27 -1.74
C THR A 30 8.49 -5.78 -0.45
N ASN A 31 8.44 -7.11 -0.32
CA ASN A 31 7.84 -7.75 0.85
C ASN A 31 6.46 -7.18 1.17
N ILE A 32 5.62 -7.05 0.15
CA ILE A 32 4.28 -6.52 0.33
C ILE A 32 3.25 -7.65 0.44
N GLU A 33 2.81 -7.90 1.66
CA GLU A 33 1.82 -8.94 1.92
C GLU A 33 0.45 -8.33 2.22
N MET A 34 -0.56 -8.79 1.51
CA MET A 34 -1.91 -8.28 1.69
C MET A 34 -2.56 -8.85 2.94
N ILE A 35 -2.72 -8.00 3.96
CA ILE A 35 -3.35 -8.42 5.21
C ILE A 35 -4.86 -8.38 5.07
N ASP A 36 -5.36 -7.26 4.56
CA ASP A 36 -6.78 -7.05 4.34
C ASP A 36 -7.10 -7.12 2.85
N ASP A 37 -8.26 -7.67 2.50
CA ASP A 37 -8.66 -7.79 1.11
C ASP A 37 -8.67 -6.42 0.42
N GLY A 38 -8.70 -5.35 1.22
CA GLY A 38 -8.70 -4.02 0.68
C GLY A 38 -7.45 -3.24 1.05
N TRP A 39 -6.71 -3.74 2.03
CA TRP A 39 -5.49 -3.08 2.49
C TRP A 39 -4.29 -4.04 2.39
N TRP A 40 -3.11 -3.47 2.11
CA TRP A 40 -1.90 -4.27 2.00
C TRP A 40 -0.84 -3.81 3.01
N ARG A 41 0.33 -4.43 2.96
CA ARG A 41 1.42 -4.09 3.87
C ARG A 41 2.75 -4.57 3.30
N GLY A 42 3.71 -3.66 3.18
CA GLY A 42 5.01 -4.04 2.66
C GLY A 42 6.12 -3.15 3.14
N VAL A 43 7.34 -3.43 2.69
CA VAL A 43 8.50 -2.64 3.07
C VAL A 43 8.84 -1.61 2.01
N CYS A 44 8.65 -0.35 2.36
CA CYS A 44 8.94 0.76 1.46
C CYS A 44 10.18 1.49 1.94
N LYS A 45 11.24 1.43 1.15
CA LYS A 45 12.50 2.06 1.50
C LYS A 45 12.99 1.59 2.87
N GLY A 46 12.87 0.29 3.12
CA GLY A 46 13.34 -0.27 4.38
C GLY A 46 12.25 -0.41 5.44
N ARG A 47 11.39 0.59 5.57
CA ARG A 47 10.33 0.57 6.58
C ARG A 47 9.08 -0.13 6.08
N TYR A 48 8.37 -0.79 6.98
CA TYR A 48 7.12 -1.47 6.64
C TYR A 48 5.95 -0.49 6.74
N GLY A 49 4.77 -0.96 6.38
CA GLY A 49 3.60 -0.11 6.44
C GLY A 49 2.39 -0.75 5.79
N LEU A 50 1.39 0.06 5.48
CA LEU A 50 0.18 -0.44 4.84
C LEU A 50 -0.09 0.37 3.58
N PHE A 51 -0.59 -0.29 2.55
CA PHE A 51 -0.84 0.37 1.29
C PHE A 51 -2.29 0.21 0.83
N PRO A 52 -2.95 1.31 0.45
CA PRO A 52 -4.31 1.23 -0.05
C PRO A 52 -4.28 0.58 -1.41
N ALA A 53 -4.75 -0.66 -1.49
CA ALA A 53 -4.74 -1.42 -2.73
C ALA A 53 -5.18 -0.57 -3.92
N ASN A 54 -5.93 0.49 -3.64
CA ASN A 54 -6.43 1.39 -4.67
C ASN A 54 -5.29 2.07 -5.44
N TYR A 55 -4.20 2.40 -4.75
CA TYR A 55 -3.07 3.07 -5.40
C TYR A 55 -1.83 2.19 -5.49
N VAL A 56 -2.02 0.88 -5.34
CA VAL A 56 -0.89 -0.05 -5.41
C VAL A 56 -1.30 -1.37 -6.06
N GLU A 57 -0.30 -2.14 -6.47
CA GLU A 57 -0.55 -3.43 -7.10
C GLU A 57 0.63 -4.38 -6.90
N LEU A 58 0.33 -5.60 -6.46
CA LEU A 58 1.37 -6.60 -6.23
C LEU A 58 1.87 -7.18 -7.55
N ARG A 59 3.18 -7.24 -7.69
CA ARG A 59 3.79 -7.77 -8.91
C ARG A 59 4.19 -9.23 -8.72
N GLN A 60 4.20 -9.98 -9.81
CA GLN A 60 4.56 -11.40 -9.76
C GLN A 60 6.03 -11.56 -9.40
N THR B 1 -0.02 6.29 -23.44
CA THR B 1 -0.37 4.86 -23.67
C THR B 1 -1.63 4.48 -22.91
N ALA B 2 -1.58 4.57 -21.59
CA ALA B 2 -2.72 4.24 -20.74
C ALA B 2 -2.93 5.29 -19.65
N PHE B 3 -4.18 5.61 -19.40
CA PHE B 3 -4.52 6.60 -18.38
C PHE B 3 -5.65 6.11 -17.48
N GLN B 4 -5.40 6.05 -16.19
CA GLN B 4 -6.39 5.60 -15.23
C GLN B 4 -6.47 6.55 -14.04
N GLU B 5 -7.69 6.80 -13.57
CA GLU B 5 -7.90 7.69 -12.43
C GLU B 5 -7.75 6.95 -11.11
N PRO B 6 -7.51 7.68 -10.01
CA PRO B 6 -7.33 7.09 -8.68
C PRO B 6 -8.63 6.56 -8.08
N PRO B 7 -8.59 5.39 -7.42
CA PRO B 7 -9.76 4.76 -6.79
C PRO B 7 -10.03 5.28 -5.38
N PRO B 8 -11.27 5.07 -4.88
CA PRO B 8 -11.69 5.50 -3.54
C PRO B 8 -10.92 4.78 -2.44
N LYS B 9 -10.91 5.35 -1.24
CA LYS B 9 -10.20 4.78 -0.10
C LYS B 9 -10.93 3.57 0.48
N PRO B 10 -10.18 2.54 0.89
CA PRO B 10 -10.74 1.33 1.48
C PRO B 10 -10.96 1.47 2.98
N SER B 11 -11.81 0.63 3.55
CA SER B 11 -12.10 0.67 4.97
C SER B 11 -10.81 0.48 5.78
N ARG B 12 -10.67 1.24 6.86
CA ARG B 12 -9.48 1.15 7.70
C ARG B 12 -9.30 -0.27 8.25
N PRO B 13 -8.06 -0.77 8.29
CA PRO B 13 -7.76 -2.12 8.79
C PRO B 13 -8.08 -2.26 10.28
N LYS B 14 -8.26 -3.50 10.73
CA LYS B 14 -8.56 -3.76 12.13
C LYS B 14 -7.28 -3.96 12.93
N TYR B 15 -7.27 -3.42 14.15
CA TYR B 15 -6.10 -3.53 15.02
C TYR B 15 -6.53 -3.74 16.47
N ARG B 16 -5.93 -4.74 17.12
CA ARG B 16 -6.24 -5.04 18.51
C ARG B 16 -5.43 -4.16 19.45
N PRO B 17 -5.87 -4.02 20.72
CA PRO B 17 -5.18 -3.21 21.72
C PRO B 17 -3.83 -3.82 22.12
N PRO B 18 -2.89 -2.98 22.57
CA PRO B 18 -1.56 -3.43 22.99
C PRO B 18 -1.60 -4.24 24.28
N PRO B 19 -0.57 -5.06 24.53
CA PRO B 19 -0.49 -5.89 25.74
C PRO B 19 -0.25 -5.06 26.99
N GLY A 4 10.09 -12.15 -1.01
CA GLY A 4 8.83 -12.95 -1.16
C GLY A 4 7.80 -12.25 -2.02
N ILE A 5 7.23 -11.17 -1.49
CA ILE A 5 6.22 -10.40 -2.21
C ILE A 5 6.78 -9.06 -2.68
N THR A 6 6.09 -8.43 -3.62
CA THR A 6 6.52 -7.14 -4.15
C THR A 6 5.37 -6.45 -4.86
N ALA A 7 5.18 -5.16 -4.57
CA ALA A 7 4.10 -4.40 -5.19
C ALA A 7 4.61 -3.07 -5.73
N ILE A 8 3.74 -2.40 -6.49
CA ILE A 8 4.06 -1.11 -7.08
C ILE A 8 2.84 -0.18 -7.01
N ALA A 9 3.11 1.09 -6.74
CA ALA A 9 2.05 2.08 -6.64
C ALA A 9 1.60 2.56 -8.01
N LEU A 10 0.31 2.39 -8.29
CA LEU A 10 -0.26 2.81 -9.56
C LEU A 10 -0.16 4.32 -9.71
N TYR A 11 -0.49 5.02 -8.63
CA TYR A 11 -0.43 6.47 -8.61
C TYR A 11 0.29 6.93 -7.34
N ASP A 12 0.46 8.23 -7.20
CA ASP A 12 1.11 8.77 -6.01
C ASP A 12 0.06 8.95 -4.94
N TYR A 13 0.26 8.28 -3.80
CA TYR A 13 -0.69 8.35 -2.72
C TYR A 13 -0.02 8.72 -1.40
N GLN A 14 -0.81 9.28 -0.49
CA GLN A 14 -0.30 9.68 0.82
C GLN A 14 -0.99 8.89 1.92
N ALA A 15 -0.37 7.79 2.32
CA ALA A 15 -0.91 6.93 3.36
C ALA A 15 -1.01 7.67 4.69
N ALA A 16 -2.22 8.07 5.05
CA ALA A 16 -2.45 8.79 6.29
C ALA A 16 -3.02 7.86 7.37
N GLY A 17 -2.13 7.14 8.04
CA GLY A 17 -2.56 6.24 9.09
C GLY A 17 -1.50 6.06 10.17
N ASP A 18 -1.91 5.48 11.30
CA ASP A 18 -0.98 5.25 12.41
C ASP A 18 0.17 4.36 11.97
N ASP A 19 -0.13 3.40 11.10
CA ASP A 19 0.90 2.48 10.60
C ASP A 19 0.87 2.44 9.07
N GLU A 20 0.48 3.55 8.46
CA GLU A 20 0.42 3.64 7.00
C GLU A 20 1.57 4.48 6.46
N ILE A 21 2.17 4.03 5.36
CA ILE A 21 3.27 4.75 4.74
C ILE A 21 2.99 4.99 3.27
N SER A 22 3.54 6.07 2.72
CA SER A 22 3.33 6.40 1.31
C SER A 22 4.59 6.18 0.49
N PHE A 23 4.42 6.15 -0.83
CA PHE A 23 5.55 5.96 -1.75
C PHE A 23 5.20 6.48 -3.14
N ASP A 24 6.23 6.69 -3.96
CA ASP A 24 6.03 7.18 -5.32
C ASP A 24 5.49 6.09 -6.23
N PRO A 25 4.80 6.47 -7.32
CA PRO A 25 4.24 5.50 -8.27
C PRO A 25 5.29 4.56 -8.83
N ASP A 26 6.27 5.13 -9.53
CA ASP A 26 7.35 4.35 -10.11
C ASP A 26 8.16 3.65 -9.02
N ASP A 27 8.14 4.24 -7.83
CA ASP A 27 8.87 3.66 -6.70
C ASP A 27 8.22 2.35 -6.26
N ILE A 28 8.85 1.25 -6.63
CA ILE A 28 8.33 -0.07 -6.28
C ILE A 28 8.92 -0.53 -4.95
N ILE A 29 8.16 -1.31 -4.20
CA ILE A 29 8.60 -1.80 -2.90
C ILE A 29 8.48 -3.32 -2.81
N THR A 30 9.06 -3.92 -1.76
CA THR A 30 9.04 -5.37 -1.62
C THR A 30 8.42 -5.82 -0.30
N ASN A 31 8.30 -7.14 -0.15
CA ASN A 31 7.74 -7.75 1.05
C ASN A 31 6.33 -7.21 1.32
N ILE A 32 5.53 -7.12 0.28
CA ILE A 32 4.16 -6.62 0.40
C ILE A 32 3.18 -7.76 0.66
N GLU A 33 2.75 -7.88 1.91
CA GLU A 33 1.80 -8.92 2.29
C GLU A 33 0.40 -8.35 2.46
N MET A 34 -0.58 -9.03 1.91
CA MET A 34 -1.97 -8.58 2.00
C MET A 34 -2.61 -9.01 3.32
N ILE A 35 -2.84 -8.05 4.20
CA ILE A 35 -3.47 -8.32 5.49
C ILE A 35 -4.97 -8.15 5.38
N ASP A 36 -5.39 -7.03 4.81
CA ASP A 36 -6.80 -6.72 4.62
C ASP A 36 -7.17 -6.84 3.16
N ASP A 37 -8.38 -7.31 2.88
CA ASP A 37 -8.84 -7.49 1.52
C ASP A 37 -8.81 -6.16 0.75
N GLY A 38 -8.76 -5.05 1.49
CA GLY A 38 -8.71 -3.75 0.86
C GLY A 38 -7.42 -3.00 1.14
N TRP A 39 -6.66 -3.48 2.13
CA TRP A 39 -5.40 -2.83 2.51
C TRP A 39 -4.24 -3.82 2.42
N TRP A 40 -3.04 -3.29 2.20
CA TRP A 40 -1.84 -4.12 2.11
C TRP A 40 -0.79 -3.65 3.12
N ARG A 41 0.37 -4.31 3.09
CA ARG A 41 1.46 -3.97 4.00
C ARG A 41 2.78 -4.45 3.42
N GLY A 42 3.76 -3.55 3.34
CA GLY A 42 5.06 -3.94 2.80
C GLY A 42 6.18 -3.03 3.23
N VAL A 43 7.40 -3.35 2.81
CA VAL A 43 8.56 -2.55 3.16
C VAL A 43 8.92 -1.59 2.03
N CYS A 44 8.74 -0.30 2.31
CA CYS A 44 9.05 0.73 1.34
C CYS A 44 10.28 1.52 1.81
N LYS A 45 11.35 1.43 1.05
CA LYS A 45 12.60 2.11 1.38
C LYS A 45 13.09 1.74 2.78
N GLY A 46 13.00 0.45 3.12
CA GLY A 46 13.48 -0.01 4.41
C GLY A 46 12.50 0.17 5.56
N ARG A 47 11.24 0.48 5.25
CA ARG A 47 10.25 0.66 6.31
C ARG A 47 8.93 -0.03 5.97
N TYR A 48 8.33 -0.67 6.96
CA TYR A 48 7.06 -1.36 6.75
C TYR A 48 5.90 -0.39 6.94
N GLY A 49 4.76 -0.72 6.33
CA GLY A 49 3.60 0.14 6.44
C GLY A 49 2.36 -0.47 5.81
N LEU A 50 1.42 0.38 5.44
CA LEU A 50 0.18 -0.06 4.81
C LEU A 50 -0.01 0.66 3.49
N PHE A 51 -0.72 0.03 2.57
CA PHE A 51 -0.95 0.61 1.26
C PHE A 51 -2.38 0.41 0.80
N PRO A 52 -3.05 1.49 0.34
CA PRO A 52 -4.40 1.37 -0.17
C PRO A 52 -4.35 0.63 -1.49
N ALA A 53 -4.82 -0.60 -1.51
CA ALA A 53 -4.77 -1.43 -2.71
C ALA A 53 -5.20 -0.65 -3.95
N ASN A 54 -5.97 0.42 -3.74
CA ASN A 54 -6.45 1.26 -4.83
C ASN A 54 -5.30 1.96 -5.56
N TYR A 55 -4.26 2.35 -4.83
CA TYR A 55 -3.12 3.04 -5.44
C TYR A 55 -1.88 2.16 -5.49
N VAL A 56 -2.06 0.84 -5.38
CA VAL A 56 -0.94 -0.08 -5.42
C VAL A 56 -1.35 -1.43 -6.02
N GLU A 57 -0.35 -2.21 -6.43
CA GLU A 57 -0.60 -3.52 -7.02
C GLU A 57 0.58 -4.46 -6.82
N LEU A 58 0.29 -5.67 -6.36
CA LEU A 58 1.34 -6.67 -6.13
C LEU A 58 1.81 -7.27 -7.45
N ARG A 59 3.10 -7.13 -7.72
CA ARG A 59 3.68 -7.66 -8.95
C ARG A 59 4.08 -9.12 -8.77
N GLN A 60 3.19 -10.03 -9.16
CA GLN A 60 3.45 -11.46 -9.04
C GLN A 60 2.97 -12.21 -10.28
N THR B 1 1.73 6.90 -22.40
CA THR B 1 0.55 6.59 -23.26
C THR B 1 -0.51 5.81 -22.49
N ALA B 2 -0.63 6.11 -21.21
CA ALA B 2 -1.61 5.44 -20.35
C ALA B 2 -2.39 6.44 -19.52
N PHE B 3 -3.69 6.21 -19.37
CA PHE B 3 -4.55 7.10 -18.59
C PHE B 3 -5.38 6.31 -17.59
N GLN B 4 -5.20 6.61 -16.31
CA GLN B 4 -5.93 5.94 -15.25
C GLN B 4 -6.15 6.86 -14.05
N GLU B 5 -7.40 7.05 -13.66
CA GLU B 5 -7.73 7.92 -12.53
C GLU B 5 -7.59 7.16 -11.21
N PRO B 6 -7.47 7.90 -10.09
CA PRO B 6 -7.31 7.30 -8.77
C PRO B 6 -8.63 6.75 -8.21
N PRO B 7 -8.58 5.57 -7.56
CA PRO B 7 -9.74 4.91 -6.97
C PRO B 7 -10.08 5.41 -5.56
N PRO B 8 -11.32 5.15 -5.09
CA PRO B 8 -11.78 5.57 -3.76
C PRO B 8 -11.02 4.86 -2.64
N LYS B 9 -11.06 5.42 -1.44
CA LYS B 9 -10.35 4.85 -0.30
C LYS B 9 -11.09 3.64 0.30
N PRO B 10 -10.31 2.61 0.71
CA PRO B 10 -10.86 1.40 1.31
C PRO B 10 -11.08 1.54 2.81
N SER B 11 -11.93 0.68 3.37
CA SER B 11 -12.22 0.72 4.79
C SER B 11 -10.95 0.42 5.59
N ARG B 12 -10.77 1.15 6.69
CA ARG B 12 -9.59 0.96 7.54
C ARG B 12 -9.46 -0.50 7.98
N PRO B 13 -8.22 -1.02 8.08
CA PRO B 13 -7.97 -2.39 8.48
C PRO B 13 -8.12 -2.60 9.99
N LYS B 14 -8.36 -3.84 10.40
CA LYS B 14 -8.51 -4.15 11.81
C LYS B 14 -7.17 -4.52 12.43
N TYR B 15 -6.94 -4.06 13.65
CA TYR B 15 -5.69 -4.33 14.34
C TYR B 15 -5.90 -4.38 15.85
N ARG B 16 -5.60 -5.52 16.46
CA ARG B 16 -5.77 -5.69 17.90
C ARG B 16 -4.72 -4.90 18.67
N PRO B 17 -5.04 -4.47 19.90
CA PRO B 17 -4.12 -3.71 20.75
C PRO B 17 -2.94 -4.55 21.24
N PRO B 18 -1.84 -3.90 21.66
CA PRO B 18 -0.65 -4.61 22.16
C PRO B 18 -0.93 -5.36 23.45
N PRO B 19 -0.14 -6.41 23.74
CA PRO B 19 -0.30 -7.21 24.95
C PRO B 19 0.07 -6.45 26.22
N GLY A 4 9.74 -13.60 -1.45
CA GLY A 4 8.77 -12.72 -0.76
C GLY A 4 7.74 -12.13 -1.71
N ILE A 5 7.10 -11.04 -1.30
CA ILE A 5 6.08 -10.38 -2.12
C ILE A 5 6.61 -9.06 -2.66
N THR A 6 5.93 -8.54 -3.70
CA THR A 6 6.33 -7.28 -4.30
C THR A 6 5.11 -6.52 -4.83
N ALA A 7 5.24 -5.20 -4.92
CA ALA A 7 4.15 -4.37 -5.41
C ALA A 7 4.66 -3.03 -5.95
N ILE A 8 3.80 -2.39 -6.73
CA ILE A 8 4.12 -1.10 -7.34
C ILE A 8 2.88 -0.20 -7.32
N ALA A 9 3.09 1.04 -6.90
CA ALA A 9 1.99 2.01 -6.83
C ALA A 9 1.54 2.43 -8.23
N LEU A 10 0.26 2.26 -8.51
CA LEU A 10 -0.30 2.64 -9.81
C LEU A 10 -0.14 4.14 -10.02
N TYR A 11 -0.31 4.89 -8.94
CA TYR A 11 -0.18 6.34 -8.98
C TYR A 11 0.53 6.84 -7.73
N ASP A 12 0.68 8.15 -7.61
CA ASP A 12 1.30 8.72 -6.44
C ASP A 12 0.25 8.90 -5.37
N TYR A 13 0.45 8.26 -4.22
CA TYR A 13 -0.52 8.33 -3.14
C TYR A 13 0.14 8.66 -1.81
N GLN A 14 -0.66 9.23 -0.91
CA GLN A 14 -0.18 9.60 0.42
C GLN A 14 -1.03 8.93 1.49
N ALA A 15 -0.38 8.28 2.45
CA ALA A 15 -1.08 7.60 3.53
C ALA A 15 -1.88 8.59 4.38
N ALA A 16 -3.15 8.28 4.60
CA ALA A 16 -4.01 9.14 5.41
C ALA A 16 -4.21 8.55 6.80
N GLY A 17 -3.21 7.79 7.25
CA GLY A 17 -3.30 7.18 8.58
C GLY A 17 -1.97 7.21 9.30
N ASP A 18 -1.92 6.58 10.47
CA ASP A 18 -0.69 6.52 11.26
C ASP A 18 0.12 5.26 10.95
N ASP A 19 -0.58 4.22 10.51
CA ASP A 19 0.09 2.96 10.19
C ASP A 19 0.19 2.76 8.68
N GLU A 20 0.16 3.87 7.93
CA GLU A 20 0.25 3.80 6.47
C GLU A 20 1.33 4.75 5.96
N ILE A 21 2.10 4.30 4.97
CA ILE A 21 3.17 5.11 4.40
C ILE A 21 2.85 5.45 2.94
N SER A 22 3.56 6.44 2.40
CA SER A 22 3.35 6.86 1.03
C SER A 22 4.51 6.45 0.13
N PHE A 23 4.26 6.34 -1.16
CA PHE A 23 5.29 5.96 -2.12
C PHE A 23 4.92 6.41 -3.54
N ASP A 24 5.94 6.76 -4.31
CA ASP A 24 5.73 7.20 -5.69
C ASP A 24 5.28 6.05 -6.57
N PRO A 25 4.60 6.35 -7.69
CA PRO A 25 4.12 5.32 -8.63
C PRO A 25 5.25 4.43 -9.12
N ASP A 26 6.23 5.03 -9.77
CA ASP A 26 7.37 4.30 -10.29
C ASP A 26 8.16 3.67 -9.15
N ASP A 27 8.06 4.26 -7.97
CA ASP A 27 8.76 3.75 -6.79
C ASP A 27 8.15 2.43 -6.35
N ILE A 28 8.80 1.33 -6.70
CA ILE A 28 8.32 0.00 -6.34
C ILE A 28 8.90 -0.43 -4.99
N ILE A 29 8.15 -1.21 -4.25
CA ILE A 29 8.60 -1.69 -2.95
C ILE A 29 8.53 -3.22 -2.86
N THR A 30 9.15 -3.79 -1.84
CA THR A 30 9.18 -5.24 -1.69
C THR A 30 8.55 -5.72 -0.37
N ASN A 31 8.44 -7.03 -0.22
CA ASN A 31 7.87 -7.65 0.97
C ASN A 31 6.48 -7.09 1.29
N ILE A 32 5.67 -6.91 0.26
CA ILE A 32 4.31 -6.39 0.44
C ILE A 32 3.31 -7.53 0.56
N GLU A 33 2.86 -7.77 1.79
CA GLU A 33 1.90 -8.83 2.06
C GLU A 33 0.49 -8.25 2.16
N MET A 34 -0.51 -9.14 2.19
CA MET A 34 -1.89 -8.72 2.28
C MET A 34 -2.51 -9.08 3.63
N ILE A 35 -2.75 -8.06 4.46
CA ILE A 35 -3.34 -8.27 5.77
C ILE A 35 -4.86 -8.15 5.68
N ASP A 36 -5.31 -7.09 5.04
CA ASP A 36 -6.73 -6.84 4.85
C ASP A 36 -7.12 -7.07 3.39
N ASP A 37 -8.32 -7.60 3.18
CA ASP A 37 -8.79 -7.88 1.82
C ASP A 37 -8.79 -6.61 0.96
N GLY A 38 -8.77 -5.45 1.62
CA GLY A 38 -8.77 -4.20 0.89
C GLY A 38 -7.51 -3.38 1.13
N TRP A 39 -6.68 -3.83 2.08
CA TRP A 39 -5.44 -3.14 2.42
C TRP A 39 -4.24 -4.07 2.28
N TRP A 40 -3.04 -3.49 2.31
CA TRP A 40 -1.81 -4.27 2.19
C TRP A 40 -0.76 -3.77 3.18
N ARG A 41 0.43 -4.36 3.13
CA ARG A 41 1.53 -3.98 4.02
C ARG A 41 2.86 -4.47 3.46
N GLY A 42 3.82 -3.57 3.31
CA GLY A 42 5.11 -3.95 2.77
C GLY A 42 6.22 -3.02 3.20
N VAL A 43 7.44 -3.33 2.77
CA VAL A 43 8.60 -2.51 3.11
C VAL A 43 8.94 -1.53 1.99
N CYS A 44 8.77 -0.25 2.28
CA CYS A 44 9.07 0.80 1.33
C CYS A 44 10.31 1.55 1.77
N LYS A 45 11.38 1.43 0.99
CA LYS A 45 12.64 2.08 1.29
C LYS A 45 13.14 1.74 2.70
N GLY A 46 13.02 0.46 3.07
CA GLY A 46 13.50 0.01 4.36
C GLY A 46 12.52 0.24 5.51
N ARG A 47 11.26 0.52 5.20
CA ARG A 47 10.27 0.74 6.25
C ARG A 47 8.96 0.03 5.93
N TYR A 48 8.38 -0.63 6.95
CA TYR A 48 7.12 -1.33 6.76
C TYR A 48 5.95 -0.38 6.98
N GLY A 49 4.79 -0.76 6.43
CA GLY A 49 3.60 0.05 6.57
C GLY A 49 2.41 -0.62 5.92
N LEU A 50 1.39 0.18 5.61
CA LEU A 50 0.19 -0.36 4.97
C LEU A 50 -0.04 0.38 3.66
N PHE A 51 -0.51 -0.34 2.66
CA PHE A 51 -0.74 0.24 1.36
C PHE A 51 -2.19 0.10 0.92
N PRO A 52 -2.83 1.20 0.52
CA PRO A 52 -4.20 1.15 0.04
C PRO A 52 -4.22 0.48 -1.32
N ALA A 53 -4.66 -0.77 -1.35
CA ALA A 53 -4.70 -1.53 -2.60
C ALA A 53 -5.24 -0.68 -3.75
N ASN A 54 -6.03 0.33 -3.40
CA ASN A 54 -6.61 1.23 -4.36
C ASN A 54 -5.54 1.95 -5.20
N TYR A 55 -4.40 2.28 -4.58
CA TYR A 55 -3.33 2.97 -5.30
C TYR A 55 -2.07 2.12 -5.43
N VAL A 56 -2.20 0.81 -5.26
CA VAL A 56 -1.06 -0.09 -5.36
C VAL A 56 -1.45 -1.44 -5.93
N GLU A 57 -0.45 -2.21 -6.36
CA GLU A 57 -0.69 -3.53 -6.92
C GLU A 57 0.53 -4.43 -6.75
N LEU A 58 0.29 -5.67 -6.34
CA LEU A 58 1.37 -6.63 -6.14
C LEU A 58 1.87 -7.17 -7.48
N ARG A 59 3.18 -7.43 -7.55
CA ARG A 59 3.79 -7.96 -8.78
C ARG A 59 4.27 -9.39 -8.57
N GLN A 60 3.73 -10.31 -9.34
CA GLN A 60 4.11 -11.72 -9.25
C GLN A 60 5.59 -11.89 -9.58
N THR B 1 2.36 10.27 -23.45
CA THR B 1 1.68 10.86 -22.27
C THR B 1 1.30 9.79 -21.25
N ALA B 2 1.07 10.21 -20.01
CA ALA B 2 0.71 9.28 -18.94
C ALA B 2 -0.23 9.94 -17.94
N PHE B 3 -1.42 9.39 -17.78
CA PHE B 3 -2.41 9.92 -16.85
C PHE B 3 -3.29 8.81 -16.31
N GLN B 4 -3.59 8.87 -15.01
CA GLN B 4 -4.43 7.87 -14.37
C GLN B 4 -5.20 8.47 -13.20
N GLU B 5 -6.49 8.20 -13.13
CA GLU B 5 -7.34 8.72 -12.07
C GLU B 5 -7.22 7.85 -10.81
N PRO B 6 -7.19 8.48 -9.62
CA PRO B 6 -7.07 7.76 -8.37
C PRO B 6 -8.42 7.27 -7.82
N PRO B 7 -8.44 6.04 -7.27
CA PRO B 7 -9.64 5.43 -6.70
C PRO B 7 -9.85 5.83 -5.23
N PRO B 8 -11.07 5.65 -4.70
CA PRO B 8 -11.40 5.99 -3.31
C PRO B 8 -10.63 5.13 -2.30
N LYS B 9 -10.54 5.60 -1.07
CA LYS B 9 -9.82 4.87 -0.02
C LYS B 9 -10.65 3.69 0.51
N PRO B 10 -9.98 2.57 0.85
CA PRO B 10 -10.63 1.39 1.37
C PRO B 10 -10.84 1.46 2.88
N SER B 11 -11.76 0.65 3.40
CA SER B 11 -12.05 0.64 4.83
C SER B 11 -10.78 0.38 5.62
N ARG B 12 -10.62 1.08 6.75
CA ARG B 12 -9.45 0.92 7.59
C ARG B 12 -9.30 -0.53 8.06
N PRO B 13 -8.06 -1.04 8.10
CA PRO B 13 -7.80 -2.43 8.52
C PRO B 13 -8.16 -2.66 10.00
N LYS B 14 -8.36 -3.91 10.36
CA LYS B 14 -8.69 -4.27 11.74
C LYS B 14 -7.45 -4.50 12.56
N TYR B 15 -7.48 -4.08 13.82
CA TYR B 15 -6.35 -4.24 14.72
C TYR B 15 -6.79 -4.86 16.05
N ARG B 16 -6.23 -6.02 16.37
CA ARG B 16 -6.57 -6.71 17.61
C ARG B 16 -5.73 -6.19 18.77
N PRO B 17 -6.18 -6.42 20.02
CA PRO B 17 -5.46 -5.96 21.21
C PRO B 17 -4.12 -6.66 21.37
N PRO B 18 -3.20 -6.07 22.16
CA PRO B 18 -1.86 -6.64 22.39
C PRO B 18 -1.93 -7.97 23.12
N PRO B 19 -0.86 -8.78 23.05
CA PRO B 19 -0.80 -10.09 23.70
C PRO B 19 -0.82 -9.96 25.23
N GLY A 4 10.10 -12.18 -0.91
CA GLY A 4 8.75 -12.79 -0.74
C GLY A 4 7.73 -12.19 -1.69
N ILE A 5 7.11 -11.08 -1.26
CA ILE A 5 6.10 -10.42 -2.08
C ILE A 5 6.64 -9.10 -2.62
N THR A 6 5.97 -8.56 -3.64
CA THR A 6 6.37 -7.31 -4.24
C THR A 6 5.16 -6.54 -4.77
N ALA A 7 5.31 -5.22 -4.88
CA ALA A 7 4.22 -4.37 -5.37
C ALA A 7 4.73 -3.03 -5.90
N ILE A 8 3.87 -2.39 -6.67
CA ILE A 8 4.18 -1.10 -7.26
C ILE A 8 2.94 -0.21 -7.27
N ALA A 9 3.11 1.04 -6.85
CA ALA A 9 2.00 1.98 -6.80
C ALA A 9 1.56 2.38 -8.20
N LEU A 10 0.29 2.20 -8.50
CA LEU A 10 -0.25 2.57 -9.81
C LEU A 10 -0.13 4.06 -10.03
N TYR A 11 -0.29 4.82 -8.94
CA TYR A 11 -0.19 6.27 -9.00
C TYR A 11 0.49 6.79 -7.73
N ASP A 12 0.68 8.10 -7.66
CA ASP A 12 1.28 8.69 -6.47
C ASP A 12 0.18 8.95 -5.46
N TYR A 13 0.33 8.35 -4.28
CA TYR A 13 -0.69 8.48 -3.25
C TYR A 13 -0.09 8.79 -1.88
N GLN A 14 -0.89 9.42 -1.03
CA GLN A 14 -0.46 9.78 0.32
C GLN A 14 -1.22 8.98 1.37
N ALA A 15 -0.50 8.29 2.24
CA ALA A 15 -1.12 7.49 3.29
C ALA A 15 -1.93 8.37 4.24
N ALA A 16 -3.15 7.93 4.55
CA ALA A 16 -4.02 8.67 5.45
C ALA A 16 -4.19 7.94 6.78
N GLY A 17 -3.10 7.36 7.28
CA GLY A 17 -3.16 6.64 8.53
C GLY A 17 -1.84 6.69 9.29
N ASP A 18 -1.91 6.53 10.60
CA ASP A 18 -0.71 6.55 11.44
C ASP A 18 0.19 5.35 11.14
N ASP A 19 -0.42 4.24 10.73
CA ASP A 19 0.32 3.03 10.41
C ASP A 19 0.33 2.78 8.91
N GLU A 20 0.24 3.84 8.13
CA GLU A 20 0.24 3.74 6.67
C GLU A 20 1.29 4.65 6.05
N ILE A 21 1.99 4.15 5.05
CA ILE A 21 3.01 4.93 4.36
C ILE A 21 2.68 5.06 2.88
N SER A 22 3.14 6.14 2.27
CA SER A 22 2.89 6.39 0.85
C SER A 22 4.17 6.21 0.05
N PHE A 23 4.02 6.11 -1.27
CA PHE A 23 5.16 5.94 -2.16
C PHE A 23 4.83 6.39 -3.58
N ASP A 24 5.86 6.76 -4.34
CA ASP A 24 5.68 7.20 -5.71
C ASP A 24 5.29 6.03 -6.61
N PRO A 25 4.62 6.32 -7.75
CA PRO A 25 4.20 5.27 -8.69
C PRO A 25 5.37 4.41 -9.15
N ASP A 26 6.33 5.05 -9.80
CA ASP A 26 7.52 4.35 -10.29
C ASP A 26 8.28 3.73 -9.12
N ASP A 27 8.11 4.31 -7.94
CA ASP A 27 8.79 3.82 -6.75
C ASP A 27 8.18 2.49 -6.31
N ILE A 28 8.85 1.40 -6.65
CA ILE A 28 8.38 0.06 -6.29
C ILE A 28 8.96 -0.37 -4.95
N ILE A 29 8.19 -1.16 -4.20
CA ILE A 29 8.65 -1.64 -2.90
C ILE A 29 8.59 -3.16 -2.83
N THR A 30 9.22 -3.74 -1.80
CA THR A 30 9.26 -5.19 -1.66
C THR A 30 8.63 -5.68 -0.36
N ASN A 31 8.49 -7.01 -0.26
CA ASN A 31 7.90 -7.64 0.92
C ASN A 31 6.52 -7.08 1.24
N ILE A 32 5.70 -6.91 0.23
CA ILE A 32 4.35 -6.38 0.41
C ILE A 32 3.33 -7.51 0.51
N GLU A 33 2.88 -7.78 1.73
CA GLU A 33 1.90 -8.83 1.98
C GLU A 33 0.50 -8.24 2.07
N MET A 34 -0.50 -9.11 2.07
CA MET A 34 -1.89 -8.67 2.15
C MET A 34 -2.52 -9.05 3.48
N ILE A 35 -2.76 -8.05 4.33
CA ILE A 35 -3.37 -8.28 5.64
C ILE A 35 -4.89 -8.14 5.53
N ASP A 36 -5.32 -7.05 4.90
CA ASP A 36 -6.74 -6.78 4.70
C ASP A 36 -7.12 -6.98 3.24
N ASP A 37 -8.32 -7.48 2.99
CA ASP A 37 -8.78 -7.72 1.62
C ASP A 37 -8.75 -6.43 0.80
N GLY A 38 -8.72 -5.29 1.48
CA GLY A 38 -8.68 -4.01 0.79
C GLY A 38 -7.42 -3.23 1.08
N TRP A 39 -6.62 -3.71 2.02
CA TRP A 39 -5.38 -3.04 2.40
C TRP A 39 -4.19 -3.98 2.24
N TRP A 40 -2.98 -3.42 2.26
CA TRP A 40 -1.76 -4.22 2.15
C TRP A 40 -0.70 -3.76 3.15
N ARG A 41 0.48 -4.36 3.09
CA ARG A 41 1.57 -4.01 4.00
C ARG A 41 2.91 -4.50 3.45
N GLY A 42 3.87 -3.60 3.33
CA GLY A 42 5.17 -4.00 2.82
C GLY A 42 6.28 -3.07 3.26
N VAL A 43 7.50 -3.35 2.81
CA VAL A 43 8.65 -2.54 3.16
C VAL A 43 8.96 -1.53 2.05
N CYS A 44 8.77 -0.26 2.36
CA CYS A 44 9.04 0.81 1.42
C CYS A 44 10.26 1.59 1.85
N LYS A 45 11.33 1.49 1.07
CA LYS A 45 12.57 2.17 1.36
C LYS A 45 13.08 1.83 2.77
N GLY A 46 12.99 0.55 3.13
CA GLY A 46 13.46 0.13 4.44
C GLY A 46 12.38 0.05 5.50
N ARG A 47 11.47 1.02 5.51
CA ARG A 47 10.40 1.05 6.51
C ARG A 47 9.15 0.32 6.03
N TYR A 48 8.49 -0.37 6.94
CA TYR A 48 7.27 -1.09 6.62
C TYR A 48 6.07 -0.16 6.74
N GLY A 49 4.90 -0.68 6.38
CA GLY A 49 3.69 0.13 6.46
C GLY A 49 2.50 -0.57 5.83
N LEU A 50 1.48 0.21 5.50
CA LEU A 50 0.28 -0.34 4.89
C LEU A 50 -0.01 0.41 3.59
N PHE A 51 -0.51 -0.31 2.61
CA PHE A 51 -0.77 0.29 1.31
C PHE A 51 -2.23 0.12 0.88
N PRO A 52 -2.89 1.22 0.46
CA PRO A 52 -4.25 1.15 -0.02
C PRO A 52 -4.27 0.46 -1.37
N ALA A 53 -4.71 -0.79 -1.39
CA ALA A 53 -4.74 -1.57 -2.62
C ALA A 53 -5.25 -0.75 -3.80
N ASN A 54 -6.04 0.27 -3.52
CA ASN A 54 -6.60 1.13 -4.54
C ASN A 54 -5.52 1.89 -5.31
N TYR A 55 -4.40 2.19 -4.64
CA TYR A 55 -3.31 2.91 -5.28
C TYR A 55 -2.05 2.08 -5.40
N VAL A 56 -2.19 0.75 -5.31
CA VAL A 56 -1.04 -0.14 -5.41
C VAL A 56 -1.43 -1.49 -6.00
N GLU A 57 -0.41 -2.25 -6.41
CA GLU A 57 -0.63 -3.57 -6.99
C GLU A 57 0.59 -4.47 -6.79
N LEU A 58 0.34 -5.73 -6.46
CA LEU A 58 1.42 -6.69 -6.25
C LEU A 58 1.85 -7.32 -7.57
N ARG A 59 2.98 -8.02 -7.54
CA ARG A 59 3.51 -8.68 -8.73
C ARG A 59 3.52 -10.20 -8.56
N GLN A 60 2.38 -10.82 -8.87
CA GLN A 60 2.25 -12.27 -8.75
C GLN A 60 1.69 -12.86 -10.04
N THR B 1 -0.97 1.52 -23.13
CA THR B 1 -2.24 2.11 -23.65
C THR B 1 -3.37 1.98 -22.64
N ALA B 2 -3.04 2.13 -21.37
CA ALA B 2 -4.04 2.03 -20.31
C ALA B 2 -3.89 3.18 -19.32
N PHE B 3 -5.02 3.74 -18.90
CA PHE B 3 -5.02 4.85 -17.94
C PHE B 3 -6.28 4.83 -17.09
N GLN B 4 -6.10 4.71 -15.78
CA GLN B 4 -7.22 4.68 -14.85
C GLN B 4 -6.97 5.62 -13.66
N GLU B 5 -7.95 6.46 -13.36
CA GLU B 5 -7.84 7.40 -12.25
C GLU B 5 -7.75 6.66 -10.92
N PRO B 6 -7.24 7.34 -9.88
CA PRO B 6 -7.10 6.75 -8.55
C PRO B 6 -8.46 6.47 -7.87
N PRO B 7 -8.57 5.31 -7.18
CA PRO B 7 -9.79 4.91 -6.48
C PRO B 7 -9.87 5.51 -5.08
N PRO B 8 -11.07 5.54 -4.47
CA PRO B 8 -11.24 6.09 -3.12
C PRO B 8 -10.51 5.25 -2.08
N LYS B 9 -10.11 5.88 -0.98
CA LYS B 9 -9.40 5.17 0.07
C LYS B 9 -10.25 4.04 0.65
N PRO B 10 -9.64 2.88 0.93
CA PRO B 10 -10.34 1.73 1.48
C PRO B 10 -10.51 1.82 3.00
N SER B 11 -11.48 1.08 3.53
CA SER B 11 -11.74 1.08 4.97
C SER B 11 -10.48 0.74 5.75
N ARG B 12 -10.27 1.43 6.87
CA ARG B 12 -9.10 1.19 7.72
C ARG B 12 -9.03 -0.27 8.15
N PRO B 13 -7.80 -0.82 8.25
CA PRO B 13 -7.60 -2.22 8.65
C PRO B 13 -8.04 -2.47 10.09
N LYS B 14 -8.28 -3.73 10.42
CA LYS B 14 -8.70 -4.11 11.77
C LYS B 14 -7.50 -4.41 12.64
N TYR B 15 -7.56 -3.97 13.90
CA TYR B 15 -6.47 -4.19 14.84
C TYR B 15 -7.01 -4.52 16.23
N ARG B 16 -6.55 -5.63 16.80
CA ARG B 16 -6.99 -6.05 18.12
C ARG B 16 -6.17 -5.37 19.21
N PRO B 17 -6.73 -5.22 20.42
CA PRO B 17 -6.05 -4.58 21.54
C PRO B 17 -4.89 -5.42 22.06
N PRO B 18 -3.89 -4.77 22.68
CA PRO B 18 -2.71 -5.47 23.23
C PRO B 18 -3.06 -6.31 24.46
N PRO B 19 -2.21 -7.29 24.80
CA PRO B 19 -2.43 -8.16 25.95
C PRO B 19 -2.25 -7.43 27.27
N GLY A 4 9.69 -13.73 -1.24
CA GLY A 4 8.89 -12.62 -0.66
C GLY A 4 7.84 -12.09 -1.62
N ILE A 5 7.20 -10.99 -1.24
CA ILE A 5 6.16 -10.38 -2.08
C ILE A 5 6.66 -9.06 -2.66
N THR A 6 5.97 -8.59 -3.70
CA THR A 6 6.35 -7.32 -4.34
C THR A 6 5.10 -6.59 -4.85
N ALA A 7 5.22 -5.26 -4.95
CA ALA A 7 4.11 -4.45 -5.40
C ALA A 7 4.58 -3.09 -5.92
N ILE A 8 3.70 -2.43 -6.66
CA ILE A 8 3.99 -1.13 -7.23
C ILE A 8 2.76 -0.23 -7.14
N ALA A 9 3.00 1.05 -6.89
CA ALA A 9 1.92 2.02 -6.77
C ALA A 9 1.41 2.46 -8.14
N LEU A 10 0.11 2.29 -8.37
CA LEU A 10 -0.49 2.67 -9.64
C LEU A 10 -0.28 4.16 -9.89
N TYR A 11 -0.43 4.94 -8.82
CA TYR A 11 -0.26 6.38 -8.88
C TYR A 11 0.48 6.86 -7.65
N ASP A 12 0.65 8.17 -7.52
CA ASP A 12 1.31 8.73 -6.35
C ASP A 12 0.27 8.89 -5.26
N TYR A 13 0.49 8.24 -4.13
CA TYR A 13 -0.48 8.29 -3.06
C TYR A 13 0.18 8.64 -1.72
N GLN A 14 -0.61 9.20 -0.82
CA GLN A 14 -0.14 9.58 0.50
C GLN A 14 -0.98 8.90 1.58
N ALA A 15 -0.32 8.27 2.54
CA ALA A 15 -1.01 7.59 3.62
C ALA A 15 -1.82 8.56 4.47
N ALA A 16 -3.11 8.28 4.61
CA ALA A 16 -4.00 9.13 5.40
C ALA A 16 -4.19 8.56 6.81
N GLY A 17 -3.19 7.82 7.28
CA GLY A 17 -3.27 7.24 8.60
C GLY A 17 -1.94 7.26 9.33
N ASP A 18 -1.89 6.64 10.50
CA ASP A 18 -0.67 6.59 11.29
C ASP A 18 0.13 5.31 11.00
N ASP A 19 -0.57 4.27 10.55
CA ASP A 19 0.08 3.00 10.24
C ASP A 19 0.17 2.79 8.72
N GLU A 20 0.23 3.89 7.97
CA GLU A 20 0.33 3.81 6.53
C GLU A 20 1.44 4.72 6.00
N ILE A 21 2.20 4.22 5.02
CA ILE A 21 3.28 4.99 4.42
C ILE A 21 2.96 5.34 2.97
N SER A 22 3.66 6.33 2.43
CA SER A 22 3.44 6.76 1.05
C SER A 22 4.60 6.36 0.16
N PHE A 23 4.33 6.26 -1.14
CA PHE A 23 5.35 5.90 -2.12
C PHE A 23 4.97 6.36 -3.52
N ASP A 24 5.97 6.70 -4.32
CA ASP A 24 5.74 7.17 -5.69
C ASP A 24 5.27 6.01 -6.57
N PRO A 25 4.57 6.33 -7.68
CA PRO A 25 4.07 5.31 -8.61
C PRO A 25 5.17 4.41 -9.11
N ASP A 26 6.18 5.02 -9.73
CA ASP A 26 7.32 4.28 -10.26
C ASP A 26 8.11 3.63 -9.13
N ASP A 27 8.01 4.22 -7.94
CA ASP A 27 8.70 3.69 -6.78
C ASP A 27 8.08 2.38 -6.33
N ILE A 28 8.73 1.28 -6.68
CA ILE A 28 8.25 -0.05 -6.32
C ILE A 28 8.84 -0.49 -4.99
N ILE A 29 8.08 -1.27 -4.22
CA ILE A 29 8.54 -1.75 -2.93
C ILE A 29 8.50 -3.28 -2.84
N THR A 30 9.13 -3.83 -1.80
CA THR A 30 9.18 -5.29 -1.64
C THR A 30 8.51 -5.76 -0.35
N ASN A 31 8.50 -7.08 -0.17
CA ASN A 31 7.90 -7.71 1.01
C ASN A 31 6.53 -7.15 1.31
N ILE A 32 5.69 -7.00 0.29
CA ILE A 32 4.34 -6.47 0.46
C ILE A 32 3.32 -7.60 0.60
N GLU A 33 2.88 -7.82 1.84
CA GLU A 33 1.92 -8.87 2.13
C GLU A 33 0.51 -8.28 2.22
N MET A 34 -0.50 -9.15 2.24
CA MET A 34 -1.89 -8.71 2.31
C MET A 34 -2.51 -9.07 3.66
N ILE A 35 -2.74 -8.05 4.48
CA ILE A 35 -3.35 -8.24 5.79
C ILE A 35 -4.87 -8.12 5.68
N ASP A 36 -5.31 -7.06 5.02
CA ASP A 36 -6.73 -6.81 4.82
C ASP A 36 -7.11 -7.06 3.36
N ASP A 37 -8.31 -7.59 3.14
CA ASP A 37 -8.77 -7.87 1.78
C ASP A 37 -8.77 -6.61 0.92
N GLY A 38 -8.75 -5.45 1.57
CA GLY A 38 -8.73 -4.20 0.83
C GLY A 38 -7.47 -3.39 1.06
N TRP A 39 -6.66 -3.84 2.03
CA TRP A 39 -5.41 -3.15 2.36
C TRP A 39 -4.22 -4.09 2.23
N TRP A 40 -3.01 -3.52 2.27
CA TRP A 40 -1.78 -4.31 2.18
C TRP A 40 -0.74 -3.80 3.16
N ARG A 41 0.45 -4.40 3.13
CA ARG A 41 1.54 -4.01 4.02
C ARG A 41 2.87 -4.54 3.50
N GLY A 42 3.84 -3.64 3.34
CA GLY A 42 5.14 -4.07 2.85
C GLY A 42 6.25 -3.14 3.28
N VAL A 43 7.46 -3.40 2.78
CA VAL A 43 8.61 -2.59 3.12
C VAL A 43 8.90 -1.56 2.04
N CYS A 44 8.73 -0.30 2.39
CA CYS A 44 8.97 0.81 1.48
C CYS A 44 10.23 1.53 1.90
N LYS A 45 11.27 1.41 1.10
CA LYS A 45 12.55 2.04 1.38
C LYS A 45 13.05 1.65 2.77
N GLY A 46 12.92 0.37 3.11
CA GLY A 46 13.39 -0.11 4.39
C GLY A 46 12.32 -0.20 5.47
N ARG A 47 11.46 0.81 5.55
CA ARG A 47 10.40 0.83 6.57
C ARG A 47 9.14 0.13 6.10
N TYR A 48 8.45 -0.52 7.04
CA TYR A 48 7.20 -1.22 6.72
C TYR A 48 6.02 -0.25 6.80
N GLY A 49 4.84 -0.73 6.44
CA GLY A 49 3.66 0.09 6.48
C GLY A 49 2.47 -0.58 5.84
N LEU A 50 1.43 0.20 5.55
CA LEU A 50 0.24 -0.34 4.91
C LEU A 50 0.01 0.37 3.60
N PHE A 51 -0.46 -0.36 2.62
CA PHE A 51 -0.69 0.19 1.29
C PHE A 51 -2.15 0.06 0.86
N PRO A 52 -2.79 1.19 0.49
CA PRO A 52 -4.16 1.14 0.02
C PRO A 52 -4.18 0.47 -1.34
N ALA A 53 -4.64 -0.78 -1.37
CA ALA A 53 -4.69 -1.54 -2.61
C ALA A 53 -5.21 -0.69 -3.77
N ASN A 54 -5.99 0.33 -3.42
CA ASN A 54 -6.57 1.24 -4.39
C ASN A 54 -5.49 1.95 -5.22
N TYR A 55 -4.34 2.24 -4.62
CA TYR A 55 -3.26 2.93 -5.32
C TYR A 55 -2.00 2.07 -5.44
N VAL A 56 -2.16 0.76 -5.28
CA VAL A 56 -1.02 -0.16 -5.38
C VAL A 56 -1.43 -1.51 -5.93
N GLU A 57 -0.45 -2.28 -6.38
CA GLU A 57 -0.70 -3.61 -6.93
C GLU A 57 0.52 -4.51 -6.77
N LEU A 58 0.28 -5.75 -6.33
CA LEU A 58 1.35 -6.71 -6.14
C LEU A 58 1.82 -7.27 -7.48
N ARG A 59 3.13 -7.45 -7.60
CA ARG A 59 3.72 -7.97 -8.83
C ARG A 59 3.68 -9.49 -8.85
N GLN A 60 3.78 -10.09 -7.67
CA GLN A 60 3.74 -11.55 -7.54
C GLN A 60 2.38 -12.03 -7.05
N THR B 1 1.44 9.61 -22.35
CA THR B 1 1.55 8.19 -22.74
C THR B 1 0.50 7.34 -22.02
N ALA B 2 0.21 7.70 -20.78
CA ALA B 2 -0.76 6.97 -19.98
C ALA B 2 -1.48 7.90 -19.00
N PHE B 3 -2.77 7.70 -18.83
CA PHE B 3 -3.57 8.51 -17.93
C PHE B 3 -4.55 7.66 -17.14
N GLN B 4 -4.53 7.79 -15.81
CA GLN B 4 -5.42 7.03 -14.95
C GLN B 4 -5.74 7.81 -13.68
N GLU B 5 -7.03 7.93 -13.37
CA GLU B 5 -7.47 8.64 -12.18
C GLU B 5 -7.31 7.78 -10.94
N PRO B 6 -7.23 8.41 -9.75
CA PRO B 6 -7.09 7.70 -8.48
C PRO B 6 -8.42 7.23 -7.90
N PRO B 7 -8.44 6.00 -7.34
CA PRO B 7 -9.63 5.41 -6.73
C PRO B 7 -9.82 5.82 -5.28
N PRO B 8 -11.04 5.66 -4.74
CA PRO B 8 -11.38 6.01 -3.34
C PRO B 8 -10.63 5.16 -2.32
N LYS B 9 -10.55 5.67 -1.09
CA LYS B 9 -9.87 4.97 0.00
C LYS B 9 -10.67 3.76 0.47
N PRO B 10 -10.00 2.63 0.79
CA PRO B 10 -10.65 1.42 1.25
C PRO B 10 -10.87 1.44 2.77
N SER B 11 -11.79 0.61 3.24
CA SER B 11 -12.09 0.54 4.67
C SER B 11 -10.82 0.33 5.47
N ARG B 12 -10.72 1.00 6.61
CA ARG B 12 -9.54 0.89 7.47
C ARG B 12 -9.36 -0.55 7.95
N PRO B 13 -8.09 -1.03 8.00
CA PRO B 13 -7.79 -2.40 8.43
C PRO B 13 -8.15 -2.63 9.89
N LYS B 14 -8.30 -3.89 10.27
CA LYS B 14 -8.64 -4.25 11.64
C LYS B 14 -7.38 -4.41 12.49
N TYR B 15 -7.44 -3.93 13.72
CA TYR B 15 -6.31 -4.01 14.63
C TYR B 15 -6.75 -4.45 16.02
N ARG B 16 -6.15 -5.52 16.52
CA ARG B 16 -6.49 -6.04 17.85
C ARG B 16 -5.69 -5.31 18.93
N PRO B 17 -6.16 -5.36 20.19
CA PRO B 17 -5.48 -4.71 21.32
C PRO B 17 -4.14 -5.35 21.63
N PRO B 18 -3.21 -4.59 22.22
CA PRO B 18 -1.87 -5.08 22.57
C PRO B 18 -1.92 -6.08 23.72
N PRO B 19 -0.89 -6.94 23.84
CA PRO B 19 -0.81 -7.94 24.90
C PRO B 19 -0.56 -7.32 26.27
N GLY A 4 10.34 -12.93 -1.95
CA GLY A 4 9.03 -12.81 -1.25
C GLY A 4 7.98 -12.12 -2.11
N ILE A 5 7.39 -11.06 -1.58
CA ILE A 5 6.36 -10.31 -2.30
C ILE A 5 6.90 -8.96 -2.76
N THR A 6 6.19 -8.35 -3.71
CA THR A 6 6.59 -7.05 -4.24
C THR A 6 5.42 -6.37 -4.94
N ALA A 7 5.20 -5.10 -4.63
CA ALA A 7 4.10 -4.35 -5.25
C ALA A 7 4.58 -3.02 -5.82
N ILE A 8 3.71 -2.42 -6.63
CA ILE A 8 4.00 -1.15 -7.26
C ILE A 8 2.78 -0.24 -7.21
N ALA A 9 3.00 1.01 -6.80
CA ALA A 9 1.91 1.98 -6.70
C ALA A 9 1.42 2.39 -8.08
N LEU A 10 0.12 2.23 -8.31
CA LEU A 10 -0.50 2.59 -9.58
C LEU A 10 -0.27 4.07 -9.86
N TYR A 11 -0.40 4.88 -8.80
CA TYR A 11 -0.22 6.32 -8.89
C TYR A 11 0.52 6.81 -7.65
N ASP A 12 0.68 8.13 -7.55
CA ASP A 12 1.33 8.70 -6.38
C ASP A 12 0.29 8.87 -5.30
N TYR A 13 0.51 8.25 -4.16
CA TYR A 13 -0.45 8.30 -3.08
C TYR A 13 0.23 8.61 -1.74
N GLN A 14 -0.55 9.18 -0.83
CA GLN A 14 -0.05 9.53 0.49
C GLN A 14 -0.92 8.88 1.57
N ALA A 15 -0.27 8.23 2.54
CA ALA A 15 -0.99 7.57 3.63
C ALA A 15 -1.78 8.57 4.46
N ALA A 16 -3.07 8.29 4.64
CA ALA A 16 -3.93 9.16 5.43
C ALA A 16 -4.07 8.64 6.85
N GLY A 17 -3.06 7.93 7.32
CA GLY A 17 -3.10 7.40 8.67
C GLY A 17 -1.72 7.37 9.31
N ASP A 18 -1.64 6.79 10.51
CA ASP A 18 -0.38 6.69 11.23
C ASP A 18 0.32 5.36 10.94
N ASP A 19 -0.46 4.36 10.57
CA ASP A 19 0.10 3.04 10.26
C ASP A 19 0.17 2.80 8.76
N GLU A 20 0.31 3.88 8.00
CA GLU A 20 0.39 3.78 6.54
C GLU A 20 1.48 4.68 5.99
N ILE A 21 2.23 4.18 5.02
CA ILE A 21 3.31 4.95 4.41
C ILE A 21 2.95 5.32 2.97
N SER A 22 3.71 6.27 2.41
CA SER A 22 3.47 6.71 1.04
C SER A 22 4.62 6.32 0.12
N PHE A 23 4.34 6.24 -1.18
CA PHE A 23 5.36 5.88 -2.16
C PHE A 23 4.97 6.37 -3.56
N ASP A 24 5.97 6.65 -4.37
CA ASP A 24 5.75 7.13 -5.73
C ASP A 24 5.28 5.99 -6.63
N PRO A 25 4.58 6.30 -7.74
CA PRO A 25 4.09 5.29 -8.68
C PRO A 25 5.21 4.39 -9.17
N ASP A 26 6.25 5.00 -9.72
CA ASP A 26 7.40 4.27 -10.23
C ASP A 26 8.18 3.64 -9.08
N ASP A 27 8.06 4.23 -7.90
CA ASP A 27 8.75 3.72 -6.72
C ASP A 27 8.12 2.40 -6.27
N ILE A 28 8.78 1.30 -6.61
CA ILE A 28 8.28 -0.02 -6.24
C ILE A 28 8.85 -0.46 -4.90
N ILE A 29 8.06 -1.24 -4.17
CA ILE A 29 8.49 -1.72 -2.86
C ILE A 29 8.49 -3.24 -2.79
N THR A 30 9.07 -3.81 -1.73
CA THR A 30 9.15 -5.27 -1.60
C THR A 30 8.52 -5.77 -0.30
N ASN A 31 8.42 -7.10 -0.20
CA ASN A 31 7.86 -7.75 0.97
C ASN A 31 6.45 -7.24 1.27
N ILE A 32 5.64 -7.12 0.22
CA ILE A 32 4.27 -6.64 0.37
C ILE A 32 3.31 -7.78 0.66
N GLU A 33 2.90 -7.90 1.92
CA GLU A 33 1.97 -8.94 2.33
C GLU A 33 0.60 -8.35 2.59
N MET A 34 -0.43 -8.95 1.99
CA MET A 34 -1.80 -8.48 2.14
C MET A 34 -2.40 -8.95 3.46
N ILE A 35 -2.66 -7.99 4.36
CA ILE A 35 -3.26 -8.30 5.65
C ILE A 35 -4.78 -8.22 5.55
N ASP A 36 -5.25 -7.15 4.94
CA ASP A 36 -6.68 -6.92 4.75
C ASP A 36 -7.06 -7.13 3.29
N ASP A 37 -8.25 -7.68 3.06
CA ASP A 37 -8.71 -7.93 1.70
C ASP A 37 -8.73 -6.64 0.87
N GLY A 38 -8.72 -5.50 1.55
CA GLY A 38 -8.72 -4.22 0.86
C GLY A 38 -7.47 -3.42 1.11
N TRP A 39 -6.65 -3.85 2.07
CA TRP A 39 -5.42 -3.15 2.40
C TRP A 39 -4.22 -4.10 2.29
N TRP A 40 -3.01 -3.52 2.29
CA TRP A 40 -1.78 -4.31 2.20
C TRP A 40 -0.73 -3.81 3.19
N ARG A 41 0.45 -4.40 3.13
CA ARG A 41 1.55 -4.02 4.02
C ARG A 41 2.89 -4.52 3.46
N GLY A 42 3.85 -3.62 3.32
CA GLY A 42 5.14 -4.02 2.81
C GLY A 42 6.26 -3.10 3.26
N VAL A 43 7.47 -3.35 2.74
CA VAL A 43 8.62 -2.53 3.09
C VAL A 43 8.88 -1.46 2.03
N CYS A 44 8.68 -0.21 2.44
CA CYS A 44 8.88 0.92 1.55
C CYS A 44 10.13 1.68 1.96
N LYS A 45 11.13 1.66 1.09
CA LYS A 45 12.40 2.33 1.33
C LYS A 45 12.97 1.99 2.71
N GLY A 46 12.89 0.72 3.10
CA GLY A 46 13.43 0.30 4.38
C GLY A 46 12.38 0.13 5.47
N ARG A 47 11.44 1.06 5.56
CA ARG A 47 10.41 1.00 6.59
C ARG A 47 9.15 0.29 6.09
N TYR A 48 8.48 -0.41 7.01
CA TYR A 48 7.25 -1.12 6.66
C TYR A 48 6.06 -0.20 6.79
N GLY A 49 4.88 -0.70 6.43
CA GLY A 49 3.67 0.09 6.52
C GLY A 49 2.49 -0.59 5.88
N LEU A 50 1.46 0.17 5.56
CA LEU A 50 0.27 -0.37 4.93
C LEU A 50 0.00 0.37 3.63
N PHE A 51 -0.48 -0.36 2.64
CA PHE A 51 -0.73 0.21 1.33
C PHE A 51 -2.19 0.10 0.92
N PRO A 52 -2.84 1.22 0.55
CA PRO A 52 -4.21 1.19 0.09
C PRO A 52 -4.27 0.48 -1.24
N ALA A 53 -4.74 -0.77 -1.23
CA ALA A 53 -4.81 -1.56 -2.45
C ALA A 53 -5.34 -0.73 -3.63
N ASN A 54 -6.10 0.32 -3.29
CA ASN A 54 -6.67 1.20 -4.28
C ASN A 54 -5.59 1.91 -5.11
N TYR A 55 -4.47 2.25 -4.47
CA TYR A 55 -3.38 2.95 -5.17
C TYR A 55 -2.13 2.08 -5.30
N VAL A 56 -2.28 0.77 -5.17
CA VAL A 56 -1.13 -0.12 -5.27
C VAL A 56 -1.53 -1.48 -5.86
N GLU A 57 -0.53 -2.23 -6.32
CA GLU A 57 -0.76 -3.54 -6.90
C GLU A 57 0.46 -4.44 -6.75
N LEU A 58 0.24 -5.66 -6.25
CA LEU A 58 1.32 -6.62 -6.06
C LEU A 58 1.79 -7.17 -7.40
N ARG A 59 2.93 -7.86 -7.39
CA ARG A 59 3.49 -8.44 -8.60
C ARG A 59 3.69 -9.95 -8.44
N GLN A 60 4.22 -10.57 -9.48
CA GLN A 60 4.47 -12.01 -9.45
C GLN A 60 5.90 -12.34 -9.91
N THR B 1 0.53 9.47 -22.99
CA THR B 1 -0.06 8.32 -23.73
C THR B 1 -0.89 7.45 -22.80
N ALA B 2 -0.51 7.40 -21.53
CA ALA B 2 -1.22 6.59 -20.55
C ALA B 2 -1.54 7.41 -19.30
N PHE B 3 -2.82 7.54 -18.99
CA PHE B 3 -3.27 8.30 -17.83
C PHE B 3 -4.40 7.57 -17.10
N GLN B 4 -4.35 7.60 -15.77
CA GLN B 4 -5.36 6.94 -14.96
C GLN B 4 -5.67 7.76 -13.72
N GLU B 5 -6.96 7.84 -13.37
CA GLU B 5 -7.39 8.60 -12.19
C GLU B 5 -7.25 7.75 -10.93
N PRO B 6 -7.20 8.40 -9.75
CA PRO B 6 -7.07 7.71 -8.47
C PRO B 6 -8.41 7.22 -7.91
N PRO B 7 -8.42 6.01 -7.33
CA PRO B 7 -9.61 5.40 -6.74
C PRO B 7 -9.85 5.84 -5.29
N PRO B 8 -11.07 5.66 -4.79
CA PRO B 8 -11.44 6.02 -3.41
C PRO B 8 -10.68 5.20 -2.37
N LYS B 9 -10.63 5.71 -1.14
CA LYS B 9 -9.94 5.02 -0.06
C LYS B 9 -10.71 3.79 0.42
N PRO B 10 -10.00 2.70 0.74
CA PRO B 10 -10.61 1.46 1.21
C PRO B 10 -10.86 1.48 2.71
N SER B 11 -11.76 0.62 3.18
CA SER B 11 -12.09 0.54 4.60
C SER B 11 -10.83 0.33 5.43
N ARG B 12 -10.75 1.00 6.57
CA ARG B 12 -9.59 0.89 7.45
C ARG B 12 -9.40 -0.56 7.91
N PRO B 13 -8.14 -1.02 8.00
CA PRO B 13 -7.83 -2.40 8.41
C PRO B 13 -8.23 -2.67 9.86
N LYS B 14 -8.38 -3.93 10.20
CA LYS B 14 -8.76 -4.32 11.55
C LYS B 14 -7.53 -4.51 12.42
N TYR B 15 -7.64 -4.13 13.69
CA TYR B 15 -6.53 -4.27 14.64
C TYR B 15 -6.97 -4.95 15.92
N ARG B 16 -6.28 -6.03 16.27
CA ARG B 16 -6.60 -6.78 17.48
C ARG B 16 -6.13 -6.04 18.72
N PRO B 17 -6.78 -6.29 19.88
CA PRO B 17 -6.43 -5.64 21.15
C PRO B 17 -5.07 -6.11 21.67
N PRO B 18 -4.43 -5.30 22.53
CA PRO B 18 -3.13 -5.63 23.11
C PRO B 18 -3.22 -6.78 24.12
N PRO B 19 -2.09 -7.45 24.40
CA PRO B 19 -2.05 -8.57 25.34
C PRO B 19 -2.24 -8.12 26.79
N GLY A 4 9.76 -12.09 -0.45
CA GLY A 4 9.04 -13.01 -1.37
C GLY A 4 7.93 -12.30 -2.14
N ILE A 5 7.38 -11.24 -1.54
CA ILE A 5 6.31 -10.48 -2.17
C ILE A 5 6.82 -9.13 -2.66
N THR A 6 6.04 -8.49 -3.54
CA THR A 6 6.41 -7.19 -4.07
C THR A 6 5.19 -6.46 -4.60
N ALA A 7 5.32 -5.14 -4.80
CA ALA A 7 4.21 -4.34 -5.30
C ALA A 7 4.68 -2.99 -5.81
N ILE A 8 3.80 -2.35 -6.56
CA ILE A 8 4.08 -1.04 -7.15
C ILE A 8 2.86 -0.14 -7.05
N ALA A 9 3.10 1.15 -6.87
CA ALA A 9 2.03 2.13 -6.76
C ALA A 9 1.55 2.58 -8.13
N LEU A 10 0.26 2.39 -8.40
CA LEU A 10 -0.32 2.79 -9.68
C LEU A 10 -0.17 4.31 -9.86
N TYR A 11 -0.47 5.04 -8.80
CA TYR A 11 -0.37 6.49 -8.80
C TYR A 11 0.37 6.94 -7.54
N ASP A 12 0.57 8.25 -7.41
CA ASP A 12 1.22 8.78 -6.22
C ASP A 12 0.17 8.95 -5.13
N TYR A 13 0.37 8.29 -4.01
CA TYR A 13 -0.59 8.34 -2.93
C TYR A 13 0.06 8.72 -1.61
N GLN A 14 -0.72 9.34 -0.73
CA GLN A 14 -0.25 9.75 0.58
C GLN A 14 -0.96 8.95 1.66
N ALA A 15 -0.20 8.16 2.41
CA ALA A 15 -0.76 7.34 3.47
C ALA A 15 -1.39 8.21 4.56
N ALA A 16 -2.71 8.15 4.67
CA ALA A 16 -3.43 8.92 5.67
C ALA A 16 -3.72 8.09 6.92
N GLY A 17 -2.78 7.24 7.29
CA GLY A 17 -2.96 6.40 8.45
C GLY A 17 -1.70 6.31 9.30
N ASP A 18 -1.88 6.03 10.59
CA ASP A 18 -0.75 5.92 11.51
C ASP A 18 0.16 4.76 11.11
N ASP A 19 -0.43 3.68 10.61
CA ASP A 19 0.33 2.52 10.19
C ASP A 19 0.39 2.41 8.67
N GLU A 20 0.29 3.55 8.00
CA GLU A 20 0.32 3.58 6.54
C GLU A 20 1.45 4.50 6.06
N ILE A 21 2.15 4.06 5.01
CA ILE A 21 3.24 4.84 4.44
C ILE A 21 2.93 5.24 3.00
N SER A 22 3.69 6.20 2.48
CA SER A 22 3.48 6.67 1.12
C SER A 22 4.66 6.30 0.22
N PHE A 23 4.40 6.22 -1.09
CA PHE A 23 5.44 5.87 -2.05
C PHE A 23 5.06 6.35 -3.45
N ASP A 24 6.06 6.79 -4.21
CA ASP A 24 5.84 7.28 -5.57
C ASP A 24 5.36 6.14 -6.47
N PRO A 25 4.67 6.47 -7.57
CA PRO A 25 4.17 5.47 -8.52
C PRO A 25 5.29 4.57 -9.03
N ASP A 26 6.29 5.17 -9.65
CA ASP A 26 7.43 4.44 -10.16
C ASP A 26 8.21 3.78 -9.04
N ASP A 27 8.10 4.35 -7.84
CA ASP A 27 8.79 3.81 -6.68
C ASP A 27 8.17 2.50 -6.24
N ILE A 28 8.82 1.39 -6.60
CA ILE A 28 8.33 0.07 -6.24
C ILE A 28 8.91 -0.39 -4.91
N ILE A 29 8.14 -1.17 -4.16
CA ILE A 29 8.59 -1.65 -2.87
C ILE A 29 8.63 -3.18 -2.82
N THR A 30 9.28 -3.73 -1.79
CA THR A 30 9.42 -5.18 -1.66
C THR A 30 8.73 -5.72 -0.40
N ASN A 31 8.52 -7.04 -0.39
CA ASN A 31 7.87 -7.71 0.73
C ASN A 31 6.53 -7.06 1.08
N ILE A 32 5.63 -7.02 0.10
CA ILE A 32 4.31 -6.44 0.30
C ILE A 32 3.24 -7.52 0.39
N GLU A 33 2.79 -7.79 1.61
CA GLU A 33 1.76 -8.80 1.85
C GLU A 33 0.40 -8.14 2.02
N MET A 34 -0.65 -8.94 1.96
CA MET A 34 -2.01 -8.41 2.10
C MET A 34 -2.65 -8.87 3.41
N ILE A 35 -2.85 -7.91 4.32
CA ILE A 35 -3.48 -8.21 5.60
C ILE A 35 -5.00 -8.12 5.48
N ASP A 36 -5.46 -7.02 4.87
CA ASP A 36 -6.88 -6.79 4.66
C ASP A 36 -7.23 -6.97 3.20
N ASP A 37 -8.43 -7.50 2.93
CA ASP A 37 -8.86 -7.73 1.55
C ASP A 37 -8.85 -6.44 0.75
N GLY A 38 -8.86 -5.30 1.45
CA GLY A 38 -8.85 -4.01 0.78
C GLY A 38 -7.56 -3.23 1.06
N TRP A 39 -6.75 -3.72 1.98
CA TRP A 39 -5.51 -3.05 2.35
C TRP A 39 -4.32 -4.00 2.17
N TRP A 40 -3.11 -3.44 2.24
CA TRP A 40 -1.89 -4.23 2.09
C TRP A 40 -0.83 -3.79 3.11
N ARG A 41 0.35 -4.39 3.05
CA ARG A 41 1.43 -4.05 3.97
C ARG A 41 2.76 -4.59 3.47
N GLY A 42 3.76 -3.72 3.39
CA GLY A 42 5.07 -4.16 2.93
C GLY A 42 6.19 -3.25 3.38
N VAL A 43 7.39 -3.51 2.86
CA VAL A 43 8.56 -2.70 3.20
C VAL A 43 8.83 -1.65 2.14
N CYS A 44 8.64 -0.39 2.54
CA CYS A 44 8.87 0.74 1.65
C CYS A 44 10.13 1.49 2.08
N LYS A 45 11.18 1.38 1.29
CA LYS A 45 12.44 2.05 1.58
C LYS A 45 12.95 1.68 2.97
N GLY A 46 12.86 0.41 3.33
CA GLY A 46 13.34 -0.04 4.62
C GLY A 46 12.26 -0.15 5.69
N ARG A 47 11.35 0.82 5.73
CA ARG A 47 10.29 0.82 6.73
C ARG A 47 9.04 0.12 6.22
N TYR A 48 8.33 -0.56 7.12
CA TYR A 48 7.11 -1.26 6.75
C TYR A 48 5.91 -0.31 6.84
N GLY A 49 4.74 -0.80 6.46
CA GLY A 49 3.55 0.02 6.50
C GLY A 49 2.37 -0.64 5.85
N LEU A 50 1.37 0.15 5.49
CA LEU A 50 0.18 -0.37 4.83
C LEU A 50 -0.04 0.36 3.52
N PHE A 51 -0.65 -0.31 2.56
CA PHE A 51 -0.87 0.28 1.25
C PHE A 51 -2.32 0.16 0.79
N PRO A 52 -2.94 1.27 0.36
CA PRO A 52 -4.29 1.22 -0.16
C PRO A 52 -4.26 0.58 -1.53
N ALA A 53 -4.70 -0.68 -1.61
CA ALA A 53 -4.67 -1.42 -2.87
C ALA A 53 -5.13 -0.57 -4.05
N ASN A 54 -5.92 0.45 -3.77
CA ASN A 54 -6.43 1.35 -4.79
C ASN A 54 -5.30 2.05 -5.56
N TYR A 55 -4.21 2.36 -4.87
CA TYR A 55 -3.08 3.04 -5.52
C TYR A 55 -1.84 2.17 -5.57
N VAL A 56 -2.01 0.86 -5.43
CA VAL A 56 -0.89 -0.07 -5.47
C VAL A 56 -1.29 -1.43 -6.03
N GLU A 57 -0.30 -2.20 -6.45
CA GLU A 57 -0.55 -3.53 -7.00
C GLU A 57 0.66 -4.43 -6.82
N LEU A 58 0.42 -5.64 -6.31
CA LEU A 58 1.49 -6.60 -6.09
C LEU A 58 2.02 -7.14 -7.42
N ARG A 59 3.18 -7.79 -7.36
CA ARG A 59 3.81 -8.34 -8.55
C ARG A 59 3.42 -9.81 -8.74
N GLN A 60 2.30 -10.04 -9.41
CA GLN A 60 1.82 -11.40 -9.64
C GLN A 60 1.30 -11.55 -11.07
N THR B 1 -2.73 3.26 -25.85
CA THR B 1 -3.01 4.39 -24.92
C THR B 1 -3.95 3.96 -23.80
N ALA B 2 -3.49 4.09 -22.57
CA ALA B 2 -4.29 3.72 -21.41
C ALA B 2 -4.32 4.84 -20.37
N PHE B 3 -5.49 5.06 -19.77
CA PHE B 3 -5.64 6.10 -18.76
C PHE B 3 -6.70 5.71 -17.74
N GLN B 4 -6.29 5.63 -16.47
CA GLN B 4 -7.20 5.25 -15.40
C GLN B 4 -7.07 6.22 -14.23
N GLU B 5 -8.21 6.63 -13.66
CA GLU B 5 -8.22 7.55 -12.54
C GLU B 5 -8.04 6.81 -11.22
N PRO B 6 -7.63 7.52 -10.15
CA PRO B 6 -7.41 6.92 -8.84
C PRO B 6 -8.70 6.43 -8.18
N PRO B 7 -8.64 5.25 -7.52
CA PRO B 7 -9.79 4.62 -6.86
C PRO B 7 -10.07 5.18 -5.46
N PRO B 8 -11.29 4.98 -4.94
CA PRO B 8 -11.70 5.44 -3.61
C PRO B 8 -10.91 4.75 -2.49
N LYS B 9 -10.91 5.37 -1.32
CA LYS B 9 -10.18 4.82 -0.17
C LYS B 9 -10.92 3.62 0.45
N PRO B 10 -10.18 2.58 0.86
CA PRO B 10 -10.74 1.38 1.46
C PRO B 10 -10.94 1.54 2.96
N SER B 11 -11.80 0.69 3.53
CA SER B 11 -12.08 0.74 4.96
C SER B 11 -10.80 0.49 5.75
N ARG B 12 -10.62 1.23 6.84
CA ARG B 12 -9.45 1.09 7.68
C ARG B 12 -9.31 -0.35 8.18
N PRO B 13 -8.07 -0.88 8.21
CA PRO B 13 -7.82 -2.25 8.66
C PRO B 13 -8.15 -2.44 10.15
N LYS B 14 -8.34 -3.69 10.54
CA LYS B 14 -8.66 -4.01 11.93
C LYS B 14 -7.39 -4.19 12.75
N TYR B 15 -7.40 -3.68 13.98
CA TYR B 15 -6.26 -3.79 14.87
C TYR B 15 -6.69 -4.13 16.30
N ARG B 16 -6.12 -5.20 16.85
CA ARG B 16 -6.46 -5.63 18.19
C ARG B 16 -5.62 -4.88 19.22
N PRO B 17 -6.07 -4.86 20.49
CA PRO B 17 -5.36 -4.17 21.57
C PRO B 17 -4.06 -4.88 21.96
N PRO B 18 -3.09 -4.15 22.52
CA PRO B 18 -1.81 -4.71 22.93
C PRO B 18 -1.95 -5.62 24.15
N PRO B 19 -0.98 -6.53 24.36
CA PRO B 19 -1.00 -7.45 25.50
C PRO B 19 -0.74 -6.75 26.82
N GLY A 4 9.98 -11.83 -0.59
CA GLY A 4 8.98 -12.81 -1.11
C GLY A 4 7.92 -12.16 -1.97
N ILE A 5 7.27 -11.14 -1.44
CA ILE A 5 6.23 -10.43 -2.18
C ILE A 5 6.73 -9.07 -2.67
N THR A 6 6.02 -8.50 -3.63
CA THR A 6 6.39 -7.20 -4.19
C THR A 6 5.17 -6.45 -4.68
N ALA A 7 5.32 -5.15 -4.90
CA ALA A 7 4.22 -4.32 -5.38
C ALA A 7 4.71 -3.01 -5.97
N ILE A 8 3.83 -2.39 -6.75
CA ILE A 8 4.12 -1.13 -7.40
C ILE A 8 2.91 -0.21 -7.36
N ALA A 9 3.12 1.02 -6.93
CA ALA A 9 2.03 1.99 -6.84
C ALA A 9 1.56 2.42 -8.23
N LEU A 10 0.27 2.30 -8.47
CA LEU A 10 -0.31 2.68 -9.77
C LEU A 10 -0.14 4.18 -9.96
N TYR A 11 -0.35 4.93 -8.89
CA TYR A 11 -0.22 6.38 -8.92
C TYR A 11 0.50 6.86 -7.66
N ASP A 12 0.67 8.16 -7.53
CA ASP A 12 1.29 8.72 -6.35
C ASP A 12 0.24 8.90 -5.29
N TYR A 13 0.44 8.24 -4.15
CA TYR A 13 -0.54 8.30 -3.07
C TYR A 13 0.12 8.64 -1.74
N GLN A 14 -0.68 9.22 -0.83
CA GLN A 14 -0.20 9.58 0.49
C GLN A 14 -1.04 8.93 1.57
N ALA A 15 -0.38 8.27 2.51
CA ALA A 15 -1.07 7.58 3.60
C ALA A 15 -1.85 8.56 4.47
N ALA A 16 -3.15 8.31 4.62
CA ALA A 16 -4.00 9.17 5.42
C ALA A 16 -4.20 8.60 6.82
N GLY A 17 -3.20 7.84 7.29
CA GLY A 17 -3.28 7.25 8.60
C GLY A 17 -1.94 7.26 9.32
N ASP A 18 -1.89 6.65 10.50
CA ASP A 18 -0.67 6.59 11.29
C ASP A 18 0.12 5.32 10.99
N ASP A 19 -0.57 4.28 10.55
CA ASP A 19 0.08 3.00 10.24
C ASP A 19 0.16 2.79 8.73
N GLU A 20 0.20 3.88 7.97
CA GLU A 20 0.29 3.79 6.52
C GLU A 20 1.39 4.71 5.99
N ILE A 21 2.15 4.22 5.02
CA ILE A 21 3.22 5.00 4.41
C ILE A 21 2.90 5.33 2.96
N SER A 22 3.62 6.30 2.40
CA SER A 22 3.39 6.73 1.03
C SER A 22 4.57 6.32 0.13
N PHE A 23 4.30 6.21 -1.17
CA PHE A 23 5.33 5.84 -2.13
C PHE A 23 4.96 6.30 -3.54
N ASP A 24 5.97 6.67 -4.32
CA ASP A 24 5.75 7.13 -5.69
C ASP A 24 5.23 5.98 -6.57
N PRO A 25 4.54 6.30 -7.67
CA PRO A 25 4.01 5.29 -8.59
C PRO A 25 5.11 4.43 -9.18
N ASP A 26 6.14 5.09 -9.68
CA ASP A 26 7.28 4.41 -10.28
C ASP A 26 8.13 3.74 -9.19
N ASP A 27 8.04 4.28 -7.98
CA ASP A 27 8.79 3.74 -6.86
C ASP A 27 8.19 2.41 -6.41
N ILE A 28 8.84 1.32 -6.78
CA ILE A 28 8.38 -0.02 -6.41
C ILE A 28 8.98 -0.46 -5.09
N ILE A 29 8.24 -1.25 -4.33
CA ILE A 29 8.72 -1.72 -3.04
C ILE A 29 8.70 -3.24 -2.95
N THR A 30 9.33 -3.80 -1.92
CA THR A 30 9.39 -5.25 -1.76
C THR A 30 8.74 -5.72 -0.46
N ASN A 31 8.62 -7.05 -0.32
CA ASN A 31 8.02 -7.67 0.85
C ASN A 31 6.68 -7.02 1.19
N ILE A 32 5.75 -7.06 0.23
CA ILE A 32 4.42 -6.49 0.42
C ILE A 32 3.37 -7.60 0.56
N GLU A 33 2.94 -7.83 1.80
CA GLU A 33 1.95 -8.85 2.09
C GLU A 33 0.55 -8.26 2.20
N MET A 34 -0.45 -9.11 2.24
CA MET A 34 -1.83 -8.67 2.33
C MET A 34 -2.45 -9.02 3.68
N ILE A 35 -2.67 -8.01 4.52
CA ILE A 35 -3.26 -8.21 5.83
C ILE A 35 -4.78 -8.13 5.73
N ASP A 36 -5.25 -7.07 5.08
CA ASP A 36 -6.67 -6.86 4.88
C ASP A 36 -7.06 -7.12 3.42
N ASP A 37 -8.24 -7.67 3.21
CA ASP A 37 -8.70 -7.97 1.86
C ASP A 37 -8.73 -6.72 0.99
N GLY A 38 -8.72 -5.56 1.62
CA GLY A 38 -8.74 -4.31 0.87
C GLY A 38 -7.48 -3.48 1.09
N TRP A 39 -6.65 -3.91 2.05
CA TRP A 39 -5.41 -3.20 2.37
C TRP A 39 -4.20 -4.13 2.23
N TRP A 40 -3.01 -3.55 2.31
CA TRP A 40 -1.77 -4.32 2.20
C TRP A 40 -0.73 -3.84 3.21
N ARG A 41 0.47 -4.41 3.16
CA ARG A 41 1.55 -4.02 4.06
C ARG A 41 2.88 -4.54 3.54
N GLY A 42 3.85 -3.64 3.39
CA GLY A 42 5.15 -4.06 2.90
C GLY A 42 6.27 -3.12 3.29
N VAL A 43 7.47 -3.44 2.84
CA VAL A 43 8.63 -2.61 3.14
C VAL A 43 8.97 -1.66 2.01
N CYS A 44 8.81 -0.37 2.28
CA CYS A 44 9.11 0.67 1.30
C CYS A 44 10.37 1.41 1.73
N LYS A 45 11.42 1.25 0.94
CA LYS A 45 12.70 1.90 1.22
C LYS A 45 13.19 1.58 2.64
N GLY A 46 13.06 0.33 3.04
CA GLY A 46 13.54 -0.09 4.35
C GLY A 46 12.56 0.16 5.49
N ARG A 47 11.30 0.45 5.18
CA ARG A 47 10.31 0.70 6.22
C ARG A 47 8.99 -0.02 5.92
N TYR A 48 8.41 -0.63 6.95
CA TYR A 48 7.14 -1.34 6.77
C TYR A 48 5.97 -0.38 6.95
N GLY A 49 4.82 -0.78 6.44
CA GLY A 49 3.63 0.05 6.54
C GLY A 49 2.43 -0.61 5.91
N LEU A 50 1.42 0.18 5.58
CA LEU A 50 0.22 -0.34 4.94
C LEU A 50 -0.02 0.38 3.63
N PHE A 51 -0.51 -0.36 2.64
CA PHE A 51 -0.75 0.22 1.33
C PHE A 51 -2.20 0.08 0.91
N PRO A 52 -2.84 1.20 0.53
CA PRO A 52 -4.21 1.15 0.06
C PRO A 52 -4.22 0.48 -1.30
N ALA A 53 -4.67 -0.77 -1.34
CA ALA A 53 -4.70 -1.53 -2.58
C ALA A 53 -5.24 -0.67 -3.74
N ASN A 54 -6.02 0.33 -3.39
CA ASN A 54 -6.61 1.24 -4.35
C ASN A 54 -5.55 1.95 -5.20
N TYR A 55 -4.40 2.27 -4.60
CA TYR A 55 -3.33 2.97 -5.33
C TYR A 55 -2.07 2.11 -5.48
N VAL A 56 -2.19 0.82 -5.21
CA VAL A 56 -1.04 -0.07 -5.33
C VAL A 56 -1.43 -1.43 -5.89
N GLU A 57 -0.43 -2.19 -6.34
CA GLU A 57 -0.67 -3.51 -6.91
C GLU A 57 0.56 -4.40 -6.75
N LEU A 58 0.35 -5.61 -6.24
CA LEU A 58 1.44 -6.56 -6.05
C LEU A 58 1.97 -7.06 -7.38
N ARG A 59 3.19 -7.58 -7.36
CA ARG A 59 3.82 -8.10 -8.57
C ARG A 59 4.07 -9.60 -8.46
N GLN A 60 3.03 -10.38 -8.77
CA GLN A 60 3.14 -11.84 -8.70
C GLN A 60 3.49 -12.42 -10.07
N THR B 1 2.99 11.42 -22.52
CA THR B 1 1.73 11.82 -21.83
C THR B 1 1.16 10.68 -21.00
N ALA B 2 0.79 10.97 -19.76
CA ALA B 2 0.24 9.97 -18.86
C ALA B 2 -0.98 10.51 -18.11
N PHE B 3 -2.00 9.66 -17.96
CA PHE B 3 -3.21 10.06 -17.26
C PHE B 3 -3.80 8.89 -16.49
N GLN B 4 -3.92 9.05 -15.17
CA GLN B 4 -4.46 8.01 -14.31
C GLN B 4 -5.23 8.61 -13.14
N GLU B 5 -6.51 8.28 -13.05
CA GLU B 5 -7.36 8.79 -11.97
C GLU B 5 -7.23 7.91 -10.73
N PRO B 6 -7.19 8.54 -9.53
CA PRO B 6 -7.07 7.80 -8.28
C PRO B 6 -8.41 7.32 -7.72
N PRO B 7 -8.43 6.09 -7.19
CA PRO B 7 -9.62 5.47 -6.62
C PRO B 7 -9.84 5.85 -5.15
N PRO B 8 -11.07 5.68 -4.63
CA PRO B 8 -11.41 6.01 -3.23
C PRO B 8 -10.66 5.15 -2.22
N LYS B 9 -10.59 5.63 -0.98
CA LYS B 9 -9.91 4.91 0.09
C LYS B 9 -10.71 3.68 0.53
N PRO B 10 -10.03 2.56 0.81
CA PRO B 10 -10.68 1.33 1.25
C PRO B 10 -10.91 1.31 2.76
N SER B 11 -11.84 0.46 3.21
CA SER B 11 -12.14 0.36 4.63
C SER B 11 -10.87 0.18 5.45
N ARG B 12 -10.81 0.86 6.60
CA ARG B 12 -9.65 0.78 7.47
C ARG B 12 -9.42 -0.66 7.94
N PRO B 13 -8.14 -1.09 8.01
CA PRO B 13 -7.81 -2.45 8.45
C PRO B 13 -8.18 -2.70 9.89
N LYS B 14 -8.35 -3.98 10.24
CA LYS B 14 -8.72 -4.35 11.60
C LYS B 14 -7.48 -4.40 12.50
N TYR B 15 -7.62 -3.92 13.73
CA TYR B 15 -6.52 -3.91 14.68
C TYR B 15 -7.01 -4.21 16.09
N ARG B 16 -6.46 -5.26 16.70
CA ARG B 16 -6.84 -5.65 18.05
C ARG B 16 -6.05 -4.86 19.09
N PRO B 17 -6.55 -4.80 20.33
CA PRO B 17 -5.89 -4.07 21.42
C PRO B 17 -4.59 -4.75 21.87
N PRO B 18 -3.65 -3.99 22.43
CA PRO B 18 -2.37 -4.52 22.90
C PRO B 18 -2.53 -5.40 24.13
N PRO B 19 -1.54 -6.26 24.42
CA PRO B 19 -1.58 -7.16 25.58
C PRO B 19 -1.55 -6.40 26.90
N GLY A 4 9.09 -14.20 -1.39
CA GLY A 4 8.96 -12.74 -1.12
C GLY A 4 7.95 -12.06 -2.02
N ILE A 5 7.32 -11.01 -1.51
CA ILE A 5 6.31 -10.28 -2.28
C ILE A 5 6.86 -8.92 -2.73
N THR A 6 6.19 -8.32 -3.71
CA THR A 6 6.59 -7.02 -4.23
C THR A 6 5.43 -6.34 -4.95
N ALA A 7 5.21 -5.06 -4.64
CA ALA A 7 4.13 -4.31 -5.27
C ALA A 7 4.62 -3.00 -5.85
N ILE A 8 3.78 -2.41 -6.69
CA ILE A 8 4.09 -1.15 -7.34
C ILE A 8 2.86 -0.24 -7.34
N ALA A 9 3.05 1.00 -6.90
CA ALA A 9 1.97 1.97 -6.85
C ALA A 9 1.53 2.39 -8.24
N LEU A 10 0.25 2.22 -8.54
CA LEU A 10 -0.29 2.60 -9.85
C LEU A 10 -0.11 4.10 -10.06
N TYR A 11 -0.20 4.85 -8.98
CA TYR A 11 -0.03 6.30 -9.03
C TYR A 11 0.61 6.79 -7.74
N ASP A 12 0.82 8.10 -7.64
CA ASP A 12 1.39 8.68 -6.44
C ASP A 12 0.28 8.94 -5.44
N TYR A 13 0.38 8.33 -4.27
CA TYR A 13 -0.65 8.47 -3.27
C TYR A 13 -0.07 8.70 -1.87
N GLN A 14 -0.82 9.42 -1.04
CA GLN A 14 -0.39 9.72 0.32
C GLN A 14 -1.18 8.88 1.32
N ALA A 15 -0.47 8.23 2.23
CA ALA A 15 -1.11 7.39 3.25
C ALA A 15 -1.85 8.23 4.27
N ALA A 16 -3.17 8.27 4.17
CA ALA A 16 -3.99 9.05 5.09
C ALA A 16 -4.31 8.25 6.34
N GLY A 17 -3.26 7.80 7.03
CA GLY A 17 -3.43 7.02 8.24
C GLY A 17 -2.28 7.19 9.21
N ASP A 18 -2.35 6.49 10.34
CA ASP A 18 -1.30 6.56 11.35
C ASP A 18 -0.28 5.45 11.14
N ASP A 19 -0.73 4.32 10.61
CA ASP A 19 0.16 3.19 10.36
C ASP A 19 0.24 2.88 8.87
N GLU A 20 0.10 3.92 8.05
CA GLU A 20 0.17 3.76 6.60
C GLU A 20 1.24 4.66 5.99
N ILE A 21 1.98 4.12 5.03
CA ILE A 21 3.02 4.86 4.36
C ILE A 21 2.71 5.03 2.87
N SER A 22 3.21 6.10 2.28
CA SER A 22 2.98 6.36 0.86
C SER A 22 4.25 6.15 0.06
N PHE A 23 4.11 6.05 -1.27
CA PHE A 23 5.25 5.84 -2.15
C PHE A 23 4.93 6.30 -3.57
N ASP A 24 5.96 6.66 -4.32
CA ASP A 24 5.79 7.11 -5.70
C ASP A 24 5.38 5.95 -6.60
N PRO A 25 4.72 6.25 -7.73
CA PRO A 25 4.28 5.22 -8.68
C PRO A 25 5.43 4.32 -9.12
N ASP A 26 6.42 4.92 -9.76
CA ASP A 26 7.59 4.19 -10.23
C ASP A 26 8.33 3.57 -9.05
N ASP A 27 8.16 4.16 -7.87
CA ASP A 27 8.81 3.66 -6.67
C ASP A 27 8.17 2.36 -6.22
N ILE A 28 8.83 1.24 -6.54
CA ILE A 28 8.33 -0.07 -6.17
C ILE A 28 8.87 -0.49 -4.81
N ILE A 29 8.08 -1.26 -4.07
CA ILE A 29 8.49 -1.73 -2.75
C ILE A 29 8.51 -3.26 -2.67
N THR A 30 9.13 -3.79 -1.62
CA THR A 30 9.24 -5.24 -1.46
C THR A 30 8.60 -5.75 -0.17
N ASN A 31 8.37 -7.06 -0.13
CA ASN A 31 7.77 -7.71 1.03
C ASN A 31 6.36 -7.20 1.29
N ILE A 32 5.58 -7.10 0.23
CA ILE A 32 4.20 -6.63 0.35
C ILE A 32 3.24 -7.78 0.60
N GLU A 33 2.80 -7.91 1.85
CA GLU A 33 1.87 -8.97 2.23
C GLU A 33 0.47 -8.40 2.43
N MET A 34 -0.52 -9.08 1.87
CA MET A 34 -1.90 -8.64 1.98
C MET A 34 -2.52 -9.06 3.32
N ILE A 35 -2.74 -8.07 4.19
CA ILE A 35 -3.33 -8.33 5.49
C ILE A 35 -4.85 -8.21 5.41
N ASP A 36 -5.30 -7.11 4.82
CA ASP A 36 -6.72 -6.85 4.64
C ASP A 36 -7.12 -7.02 3.18
N ASP A 37 -8.32 -7.52 2.94
CA ASP A 37 -8.79 -7.74 1.58
C ASP A 37 -8.77 -6.43 0.77
N GLY A 38 -8.74 -5.30 1.48
CA GLY A 38 -8.70 -4.01 0.81
C GLY A 38 -7.44 -3.23 1.13
N TRP A 39 -6.66 -3.70 2.10
CA TRP A 39 -5.43 -3.03 2.50
C TRP A 39 -4.24 -3.99 2.38
N TRP A 40 -3.04 -3.43 2.22
CA TRP A 40 -1.82 -4.23 2.12
C TRP A 40 -0.77 -3.75 3.11
N ARG A 41 0.40 -4.38 3.07
CA ARG A 41 1.50 -4.01 3.97
C ARG A 41 2.83 -4.49 3.41
N GLY A 42 3.81 -3.60 3.36
CA GLY A 42 5.11 -3.98 2.85
C GLY A 42 6.22 -3.05 3.32
N VAL A 43 7.43 -3.30 2.83
CA VAL A 43 8.58 -2.48 3.20
C VAL A 43 8.86 -1.43 2.14
N CYS A 44 8.71 -0.17 2.53
CA CYS A 44 8.94 0.96 1.64
C CYS A 44 10.23 1.67 2.03
N LYS A 45 11.23 1.54 1.19
CA LYS A 45 12.53 2.16 1.43
C LYS A 45 13.06 1.88 2.83
N GLY A 46 12.89 0.63 3.29
CA GLY A 46 13.39 0.27 4.60
C GLY A 46 12.31 0.08 5.66
N ARG A 47 11.38 1.04 5.75
CA ARG A 47 10.31 0.96 6.74
C ARG A 47 9.09 0.24 6.22
N TYR A 48 8.38 -0.46 7.11
CA TYR A 48 7.17 -1.18 6.74
C TYR A 48 5.97 -0.25 6.84
N GLY A 49 4.81 -0.74 6.45
CA GLY A 49 3.61 0.06 6.52
C GLY A 49 2.42 -0.63 5.89
N LEU A 50 1.42 0.16 5.52
CA LEU A 50 0.22 -0.37 4.89
C LEU A 50 -0.06 0.37 3.59
N PHE A 51 -0.55 -0.35 2.60
CA PHE A 51 -0.80 0.24 1.29
C PHE A 51 -2.26 0.09 0.88
N PRO A 52 -2.90 1.19 0.43
CA PRO A 52 -4.27 1.14 -0.05
C PRO A 52 -4.31 0.43 -1.39
N ALA A 53 -4.77 -0.82 -1.38
CA ALA A 53 -4.82 -1.61 -2.60
C ALA A 53 -5.32 -0.80 -3.79
N ASN A 54 -6.10 0.24 -3.51
CA ASN A 54 -6.65 1.09 -4.55
C ASN A 54 -5.55 1.85 -5.30
N TYR A 55 -4.49 2.24 -4.60
CA TYR A 55 -3.39 2.96 -5.24
C TYR A 55 -2.13 2.12 -5.37
N VAL A 56 -2.28 0.79 -5.28
CA VAL A 56 -1.14 -0.10 -5.40
C VAL A 56 -1.52 -1.44 -5.99
N GLU A 57 -0.51 -2.21 -6.42
CA GLU A 57 -0.75 -3.51 -7.00
C GLU A 57 0.47 -4.42 -6.83
N LEU A 58 0.24 -5.63 -6.36
CA LEU A 58 1.33 -6.60 -6.16
C LEU A 58 1.79 -7.18 -7.48
N ARG A 59 3.09 -7.06 -7.75
CA ARG A 59 3.67 -7.58 -8.99
C ARG A 59 4.11 -9.03 -8.81
N GLN A 60 4.53 -9.65 -9.92
CA GLN A 60 4.98 -11.03 -9.89
C GLN A 60 3.85 -11.96 -9.43
N THR B 1 2.96 11.15 -20.25
CA THR B 1 3.56 9.80 -20.41
C THR B 1 2.69 8.74 -19.74
N ALA B 2 2.23 9.02 -18.52
CA ALA B 2 1.39 8.09 -17.78
C ALA B 2 0.44 8.83 -16.86
N PHE B 3 -0.86 8.59 -17.02
CA PHE B 3 -1.87 9.24 -16.19
C PHE B 3 -2.99 8.26 -15.84
N GLN B 4 -3.38 8.26 -14.58
CA GLN B 4 -4.45 7.38 -14.12
C GLN B 4 -5.22 8.00 -12.96
N GLU B 5 -6.54 7.83 -12.97
CA GLU B 5 -7.39 8.38 -11.92
C GLU B 5 -7.28 7.56 -10.64
N PRO B 6 -7.25 8.22 -9.47
CA PRO B 6 -7.14 7.54 -8.18
C PRO B 6 -8.49 7.07 -7.63
N PRO B 7 -8.53 5.86 -7.05
CA PRO B 7 -9.73 5.28 -6.45
C PRO B 7 -9.94 5.75 -5.01
N PRO B 8 -11.15 5.63 -4.47
CA PRO B 8 -11.46 6.03 -3.09
C PRO B 8 -10.69 5.18 -2.08
N LYS B 9 -10.19 5.82 -1.03
CA LYS B 9 -9.44 5.11 0.01
C LYS B 9 -10.29 4.03 0.66
N PRO B 10 -9.70 2.85 0.93
CA PRO B 10 -10.42 1.73 1.56
C PRO B 10 -10.54 1.90 3.07
N SER B 11 -11.49 1.19 3.66
CA SER B 11 -11.71 1.26 5.10
C SER B 11 -10.45 0.90 5.87
N ARG B 12 -10.19 1.63 6.95
CA ARG B 12 -9.01 1.38 7.77
C ARG B 12 -8.96 -0.07 8.24
N PRO B 13 -7.75 -0.68 8.25
CA PRO B 13 -7.58 -2.07 8.68
C PRO B 13 -7.92 -2.27 10.15
N LYS B 14 -8.19 -3.52 10.53
CA LYS B 14 -8.53 -3.85 11.90
C LYS B 14 -7.28 -4.18 12.70
N TYR B 15 -7.29 -3.81 13.98
CA TYR B 15 -6.15 -4.07 14.86
C TYR B 15 -6.62 -4.59 16.21
N ARG B 16 -6.10 -5.76 16.61
CA ARG B 16 -6.47 -6.37 17.87
C ARG B 16 -5.76 -5.68 19.04
N PRO B 17 -6.38 -5.68 20.22
CA PRO B 17 -5.78 -5.05 21.42
C PRO B 17 -4.58 -5.82 21.95
N PRO B 18 -3.72 -5.16 22.74
CA PRO B 18 -2.53 -5.79 23.31
C PRO B 18 -2.88 -6.92 24.29
N PRO B 19 -1.94 -7.87 24.49
CA PRO B 19 -2.15 -9.00 25.40
C PRO B 19 -2.19 -8.57 26.87
N GLY A 4 10.22 -12.23 -1.16
CA GLY A 4 8.86 -12.82 -1.01
C GLY A 4 7.84 -12.16 -1.92
N ILE A 5 7.22 -11.10 -1.44
CA ILE A 5 6.22 -10.38 -2.21
C ILE A 5 6.75 -9.03 -2.69
N THR A 6 6.08 -8.45 -3.68
CA THR A 6 6.49 -7.16 -4.22
C THR A 6 5.31 -6.44 -4.87
N ALA A 7 5.26 -5.13 -4.71
CA ALA A 7 4.17 -4.34 -5.28
C ALA A 7 4.68 -2.99 -5.80
N ILE A 8 3.81 -2.33 -6.57
CA ILE A 8 4.12 -1.04 -7.15
C ILE A 8 2.91 -0.12 -7.11
N ALA A 9 3.13 1.12 -6.70
CA ALA A 9 2.05 2.10 -6.60
C ALA A 9 1.58 2.55 -7.98
N LEU A 10 0.30 2.35 -8.26
CA LEU A 10 -0.28 2.75 -9.53
C LEU A 10 -0.17 4.25 -9.71
N TYR A 11 -0.53 4.97 -8.66
CA TYR A 11 -0.47 6.43 -8.65
C TYR A 11 0.25 6.91 -7.40
N ASP A 12 0.43 8.22 -7.28
CA ASP A 12 1.08 8.76 -6.10
C ASP A 12 0.02 8.96 -5.02
N TYR A 13 0.22 8.31 -3.88
CA TYR A 13 -0.75 8.38 -2.81
C TYR A 13 -0.11 8.79 -1.49
N GLN A 14 -0.90 9.37 -0.61
CA GLN A 14 -0.43 9.81 0.70
C GLN A 14 -1.08 8.98 1.80
N ALA A 15 -0.40 7.92 2.22
CA ALA A 15 -0.91 7.04 3.26
C ALA A 15 -1.07 7.78 4.57
N ALA A 16 -2.31 8.12 4.91
CA ALA A 16 -2.60 8.84 6.15
C ALA A 16 -3.09 7.89 7.24
N GLY A 17 -2.16 7.15 7.84
CA GLY A 17 -2.50 6.22 8.89
C GLY A 17 -1.38 6.02 9.88
N ASP A 18 -1.74 5.63 11.10
CA ASP A 18 -0.74 5.40 12.16
C ASP A 18 0.26 4.34 11.72
N ASP A 19 -0.19 3.41 10.88
CA ASP A 19 0.68 2.35 10.39
C ASP A 19 0.68 2.31 8.87
N GLU A 20 0.46 3.46 8.25
CA GLU A 20 0.44 3.56 6.79
C GLU A 20 1.57 4.44 6.29
N ILE A 21 2.21 4.01 5.19
CA ILE A 21 3.30 4.76 4.60
C ILE A 21 3.01 5.06 3.13
N SER A 22 3.62 6.11 2.62
CA SER A 22 3.42 6.51 1.22
C SER A 22 4.66 6.25 0.38
N PHE A 23 4.47 6.18 -0.94
CA PHE A 23 5.57 5.94 -1.87
C PHE A 23 5.21 6.44 -3.26
N ASP A 24 6.24 6.66 -4.08
CA ASP A 24 6.04 7.14 -5.44
C ASP A 24 5.54 6.01 -6.35
N PRO A 25 4.85 6.36 -7.45
CA PRO A 25 4.33 5.36 -8.40
C PRO A 25 5.42 4.42 -8.90
N ASP A 26 6.41 4.99 -9.57
CA ASP A 26 7.53 4.22 -10.10
C ASP A 26 8.30 3.56 -8.96
N ASP A 27 8.21 4.14 -7.77
CA ASP A 27 8.90 3.61 -6.61
C ASP A 27 8.26 2.29 -6.18
N ILE A 28 8.92 1.19 -6.51
CA ILE A 28 8.42 -0.13 -6.16
C ILE A 28 8.96 -0.57 -4.80
N ILE A 29 8.17 -1.35 -4.08
CA ILE A 29 8.58 -1.83 -2.76
C ILE A 29 8.54 -3.35 -2.69
N THR A 30 9.11 -3.91 -1.61
CA THR A 30 9.17 -5.36 -1.46
C THR A 30 8.49 -5.85 -0.18
N ASN A 31 8.32 -7.17 -0.09
CA ASN A 31 7.70 -7.81 1.06
C ASN A 31 6.30 -7.24 1.31
N ILE A 32 5.51 -7.15 0.25
CA ILE A 32 4.16 -6.62 0.35
C ILE A 32 3.15 -7.74 0.61
N GLU A 33 2.70 -7.84 1.85
CA GLU A 33 1.73 -8.85 2.24
C GLU A 33 0.38 -8.21 2.52
N MET A 34 -0.69 -8.78 1.96
CA MET A 34 -2.02 -8.25 2.14
C MET A 34 -2.62 -8.69 3.48
N ILE A 35 -2.74 -7.74 4.40
CA ILE A 35 -3.31 -8.03 5.71
C ILE A 35 -4.83 -7.97 5.63
N ASP A 36 -5.32 -6.90 5.02
CA ASP A 36 -6.76 -6.69 4.85
C ASP A 36 -7.14 -6.90 3.38
N ASP A 37 -8.33 -7.46 3.15
CA ASP A 37 -8.78 -7.72 1.79
C ASP A 37 -8.81 -6.43 0.96
N GLY A 38 -8.79 -5.29 1.65
CA GLY A 38 -8.80 -4.01 0.94
C GLY A 38 -7.54 -3.20 1.21
N TRP A 39 -6.74 -3.64 2.18
CA TRP A 39 -5.50 -2.95 2.53
C TRP A 39 -4.30 -3.88 2.42
N TRP A 40 -3.13 -3.30 2.12
CA TRP A 40 -1.90 -4.09 2.00
C TRP A 40 -0.85 -3.63 3.01
N ARG A 41 0.32 -4.26 2.97
CA ARG A 41 1.41 -3.92 3.88
C ARG A 41 2.74 -4.42 3.33
N GLY A 42 3.73 -3.53 3.27
CA GLY A 42 5.02 -3.93 2.75
C GLY A 42 6.15 -3.05 3.24
N VAL A 43 7.36 -3.33 2.78
CA VAL A 43 8.53 -2.57 3.17
C VAL A 43 8.87 -1.51 2.11
N CYS A 44 8.70 -0.26 2.49
CA CYS A 44 8.97 0.85 1.60
C CYS A 44 10.23 1.58 2.05
N LYS A 45 11.27 1.50 1.23
CA LYS A 45 12.55 2.13 1.51
C LYS A 45 13.06 1.78 2.91
N GLY A 46 12.92 0.52 3.30
CA GLY A 46 13.40 0.08 4.59
C GLY A 46 12.32 -0.10 5.64
N ARG A 47 11.40 0.85 5.74
CA ARG A 47 10.34 0.79 6.73
C ARG A 47 9.08 0.10 6.19
N TYR A 48 8.35 -0.57 7.07
CA TYR A 48 7.13 -1.26 6.69
C TYR A 48 5.95 -0.29 6.78
N GLY A 49 4.77 -0.75 6.38
CA GLY A 49 3.60 0.09 6.43
C GLY A 49 2.39 -0.56 5.80
N LEU A 50 1.42 0.26 5.43
CA LEU A 50 0.21 -0.22 4.78
C LEU A 50 -0.05 0.56 3.51
N PHE A 51 -0.64 -0.10 2.53
CA PHE A 51 -0.91 0.54 1.26
C PHE A 51 -2.35 0.34 0.80
N PRO A 52 -3.03 1.40 0.35
CA PRO A 52 -4.38 1.27 -0.16
C PRO A 52 -4.34 0.56 -1.49
N ALA A 53 -4.78 -0.69 -1.51
CA ALA A 53 -4.74 -1.51 -2.72
C ALA A 53 -5.19 -0.72 -3.96
N ASN A 54 -5.96 0.34 -3.72
CA ASN A 54 -6.47 1.18 -4.80
C ASN A 54 -5.33 1.90 -5.55
N TYR A 55 -4.28 2.29 -4.83
CA TYR A 55 -3.16 2.99 -5.47
C TYR A 55 -1.90 2.13 -5.53
N VAL A 56 -2.07 0.82 -5.40
CA VAL A 56 -0.92 -0.09 -5.45
C VAL A 56 -1.31 -1.43 -6.09
N GLU A 57 -0.29 -2.18 -6.49
CA GLU A 57 -0.52 -3.48 -7.12
C GLU A 57 0.68 -4.41 -6.93
N LEU A 58 0.40 -5.63 -6.46
CA LEU A 58 1.45 -6.61 -6.24
C LEU A 58 1.96 -7.17 -7.56
N ARG A 59 3.26 -7.05 -7.78
CA ARG A 59 3.87 -7.55 -9.01
C ARG A 59 4.81 -8.72 -8.72
N GLN A 60 4.63 -9.82 -9.45
CA GLN A 60 5.45 -11.00 -9.27
C GLN A 60 6.93 -10.69 -9.53
N THR B 1 -1.32 5.10 -24.80
CA THR B 1 -2.72 5.47 -25.12
C THR B 1 -3.67 4.91 -24.07
N ALA B 2 -3.20 4.77 -22.84
CA ALA B 2 -4.01 4.25 -21.75
C ALA B 2 -3.85 5.10 -20.49
N PHE B 3 -4.98 5.37 -19.84
CA PHE B 3 -4.98 6.18 -18.62
C PHE B 3 -6.12 5.78 -17.69
N GLN B 4 -5.81 5.67 -16.40
CA GLN B 4 -6.80 5.29 -15.41
C GLN B 4 -6.79 6.26 -14.23
N GLU B 5 -7.98 6.59 -13.74
CA GLU B 5 -8.11 7.51 -12.61
C GLU B 5 -7.96 6.78 -11.28
N PRO B 6 -7.64 7.52 -10.21
CA PRO B 6 -7.45 6.94 -8.87
C PRO B 6 -8.75 6.42 -8.26
N PRO B 7 -8.70 5.25 -7.59
CA PRO B 7 -9.85 4.61 -6.95
C PRO B 7 -10.16 5.17 -5.56
N PRO B 8 -11.40 4.94 -5.07
CA PRO B 8 -11.84 5.39 -3.74
C PRO B 8 -11.07 4.73 -2.61
N LYS B 9 -11.09 5.34 -1.43
CA LYS B 9 -10.38 4.82 -0.28
C LYS B 9 -11.08 3.62 0.36
N PRO B 10 -10.30 2.60 0.79
CA PRO B 10 -10.83 1.40 1.42
C PRO B 10 -11.05 1.58 2.91
N SER B 11 -11.88 0.73 3.51
CA SER B 11 -12.15 0.79 4.94
C SER B 11 -10.88 0.57 5.73
N ARG B 12 -10.70 1.33 6.80
CA ARG B 12 -9.52 1.20 7.65
C ARG B 12 -9.36 -0.22 8.17
N PRO B 13 -8.12 -0.75 8.21
CA PRO B 13 -7.86 -2.10 8.69
C PRO B 13 -8.17 -2.27 10.17
N LYS B 14 -8.35 -3.51 10.59
CA LYS B 14 -8.66 -3.81 11.99
C LYS B 14 -7.38 -3.98 12.80
N TYR B 15 -7.39 -3.49 14.04
CA TYR B 15 -6.23 -3.59 14.91
C TYR B 15 -6.65 -4.02 16.32
N ARG B 16 -6.13 -5.17 16.76
CA ARG B 16 -6.45 -5.68 18.09
C ARG B 16 -5.53 -5.06 19.15
N PRO B 17 -5.95 -5.12 20.43
CA PRO B 17 -5.17 -4.55 21.53
C PRO B 17 -3.90 -5.34 21.80
N PRO B 18 -2.87 -4.70 22.39
CA PRO B 18 -1.60 -5.35 22.69
C PRO B 18 -1.73 -6.36 23.83
N PRO B 19 -0.80 -7.34 23.89
CA PRO B 19 -0.81 -8.37 24.93
C PRO B 19 -0.46 -7.81 26.31
N GLY A 4 9.50 -14.08 -1.84
CA GLY A 4 8.90 -12.91 -1.15
C GLY A 4 7.83 -12.23 -1.97
N ILE A 5 7.25 -11.16 -1.44
CA ILE A 5 6.20 -10.42 -2.13
C ILE A 5 6.71 -9.07 -2.62
N THR A 6 5.98 -8.46 -3.54
CA THR A 6 6.37 -7.16 -4.09
C THR A 6 5.14 -6.42 -4.61
N ALA A 7 5.28 -5.11 -4.80
CA ALA A 7 4.18 -4.30 -5.30
C ALA A 7 4.66 -3.00 -5.90
N ILE A 8 3.78 -2.38 -6.69
CA ILE A 8 4.06 -1.13 -7.36
C ILE A 8 2.84 -0.22 -7.34
N ALA A 9 3.03 1.02 -6.90
CA ALA A 9 1.94 1.98 -6.83
C ALA A 9 1.48 2.40 -8.23
N LEU A 10 0.18 2.26 -8.49
CA LEU A 10 -0.38 2.65 -9.79
C LEU A 10 -0.19 4.13 -10.00
N TYR A 11 -0.38 4.90 -8.93
CA TYR A 11 -0.23 6.35 -8.96
C TYR A 11 0.49 6.81 -7.71
N ASP A 12 0.67 8.12 -7.59
CA ASP A 12 1.31 8.67 -6.40
C ASP A 12 0.25 8.86 -5.33
N TYR A 13 0.45 8.22 -4.19
CA TYR A 13 -0.51 8.29 -3.12
C TYR A 13 0.15 8.62 -1.78
N GLN A 14 -0.62 9.20 -0.88
CA GLN A 14 -0.13 9.57 0.43
C GLN A 14 -0.97 8.91 1.53
N ALA A 15 -0.30 8.28 2.48
CA ALA A 15 -0.99 7.59 3.58
C ALA A 15 -1.79 8.58 4.43
N ALA A 16 -3.08 8.30 4.58
CA ALA A 16 -3.96 9.16 5.38
C ALA A 16 -4.12 8.62 6.78
N GLY A 17 -3.11 7.90 7.27
CA GLY A 17 -3.16 7.33 8.60
C GLY A 17 -1.81 7.34 9.28
N ASP A 18 -1.75 6.73 10.47
CA ASP A 18 -0.51 6.68 11.23
C ASP A 18 0.26 5.38 10.94
N ASP A 19 -0.47 4.35 10.52
CA ASP A 19 0.14 3.06 10.21
C ASP A 19 0.19 2.83 8.71
N GLU A 20 0.30 3.92 7.94
CA GLU A 20 0.36 3.82 6.49
C GLU A 20 1.47 4.70 5.93
N ILE A 21 2.21 4.19 4.95
CA ILE A 21 3.29 4.94 4.33
C ILE A 21 2.94 5.29 2.89
N SER A 22 3.70 6.21 2.30
CA SER A 22 3.46 6.65 0.94
C SER A 22 4.62 6.25 0.03
N PHE A 23 4.34 6.15 -1.27
CA PHE A 23 5.37 5.77 -2.25
C PHE A 23 4.97 6.23 -3.64
N ASP A 24 5.97 6.69 -4.41
CA ASP A 24 5.74 7.15 -5.78
C ASP A 24 5.28 5.99 -6.67
N PRO A 25 4.58 6.30 -7.78
CA PRO A 25 4.10 5.28 -8.71
C PRO A 25 5.23 4.38 -9.19
N ASP A 26 6.23 5.00 -9.81
CA ASP A 26 7.39 4.27 -10.32
C ASP A 26 8.18 3.65 -9.16
N ASP A 27 8.03 4.23 -7.97
CA ASP A 27 8.72 3.72 -6.79
C ASP A 27 8.11 2.40 -6.35
N ILE A 28 8.79 1.31 -6.69
CA ILE A 28 8.33 -0.03 -6.32
C ILE A 28 8.91 -0.45 -4.97
N ILE A 29 8.14 -1.24 -4.22
CA ILE A 29 8.59 -1.70 -2.92
C ILE A 29 8.64 -3.22 -2.85
N THR A 30 9.30 -3.75 -1.82
CA THR A 30 9.44 -5.20 -1.65
C THR A 30 8.79 -5.71 -0.38
N ASN A 31 8.60 -7.03 -0.32
CA ASN A 31 7.99 -7.67 0.83
C ASN A 31 6.64 -7.05 1.19
N ILE A 32 5.73 -7.06 0.23
CA ILE A 32 4.39 -6.49 0.43
C ILE A 32 3.36 -7.60 0.56
N GLU A 33 2.92 -7.84 1.79
CA GLU A 33 1.94 -8.88 2.08
C GLU A 33 0.54 -8.28 2.17
N MET A 34 -0.46 -9.15 2.20
CA MET A 34 -1.85 -8.72 2.28
C MET A 34 -2.48 -9.06 3.63
N ILE A 35 -2.72 -8.05 4.45
CA ILE A 35 -3.32 -8.25 5.76
C ILE A 35 -4.84 -8.14 5.65
N ASP A 36 -5.29 -7.08 4.98
CA ASP A 36 -6.71 -6.83 4.78
C ASP A 36 -7.08 -7.08 3.32
N ASP A 37 -8.27 -7.61 3.09
CA ASP A 37 -8.72 -7.90 1.73
C ASP A 37 -8.71 -6.65 0.86
N GLY A 38 -8.68 -5.48 1.50
CA GLY A 38 -8.65 -4.23 0.75
C GLY A 38 -7.39 -3.43 1.01
N TRP A 39 -6.59 -3.86 1.99
CA TRP A 39 -5.35 -3.17 2.33
C TRP A 39 -4.16 -4.12 2.24
N TRP A 40 -2.96 -3.55 2.26
CA TRP A 40 -1.72 -4.35 2.18
C TRP A 40 -0.68 -3.83 3.18
N ARG A 41 0.49 -4.45 3.17
CA ARG A 41 1.57 -4.05 4.07
C ARG A 41 2.91 -4.59 3.58
N GLY A 42 3.90 -3.72 3.47
CA GLY A 42 5.21 -4.15 3.01
C GLY A 42 6.32 -3.21 3.41
N VAL A 43 7.51 -3.45 2.88
CA VAL A 43 8.67 -2.61 3.18
C VAL A 43 8.89 -1.58 2.08
N CYS A 44 8.68 -0.32 2.45
CA CYS A 44 8.87 0.79 1.53
C CYS A 44 10.10 1.59 1.92
N LYS A 45 11.14 1.51 1.10
CA LYS A 45 12.38 2.21 1.36
C LYS A 45 12.94 1.87 2.75
N GLY A 46 12.88 0.60 3.11
CA GLY A 46 13.41 0.18 4.40
C GLY A 46 12.36 0.07 5.49
N ARG A 47 11.44 1.03 5.55
CA ARG A 47 10.39 1.03 6.58
C ARG A 47 9.15 0.30 6.10
N TYR A 48 8.47 -0.37 7.03
CA TYR A 48 7.24 -1.09 6.71
C TYR A 48 6.04 -0.15 6.80
N GLY A 49 4.87 -0.66 6.46
CA GLY A 49 3.66 0.14 6.51
C GLY A 49 2.49 -0.55 5.87
N LEU A 50 1.46 0.22 5.52
CA LEU A 50 0.28 -0.33 4.89
C LEU A 50 0.05 0.37 3.56
N PHE A 51 -0.55 -0.34 2.62
CA PHE A 51 -0.78 0.21 1.30
C PHE A 51 -2.24 0.10 0.88
N PRO A 52 -2.87 1.23 0.50
CA PRO A 52 -4.24 1.19 0.04
C PRO A 52 -4.28 0.51 -1.31
N ALA A 53 -4.74 -0.73 -1.34
CA ALA A 53 -4.80 -1.50 -2.57
C ALA A 53 -5.32 -0.66 -3.73
N ASN A 54 -6.09 0.37 -3.38
CA ASN A 54 -6.68 1.27 -4.35
C ASN A 54 -5.61 1.98 -5.20
N TYR A 55 -4.46 2.29 -4.61
CA TYR A 55 -3.39 2.99 -5.33
C TYR A 55 -2.13 2.11 -5.48
N VAL A 56 -2.25 0.82 -5.22
CA VAL A 56 -1.11 -0.08 -5.33
C VAL A 56 -1.50 -1.44 -5.89
N GLU A 57 -0.49 -2.19 -6.33
CA GLU A 57 -0.73 -3.51 -6.90
C GLU A 57 0.51 -4.39 -6.74
N LEU A 58 0.30 -5.58 -6.19
CA LEU A 58 1.40 -6.52 -5.98
C LEU A 58 1.96 -7.01 -7.31
N ARG A 59 3.18 -7.55 -7.28
CA ARG A 59 3.82 -8.06 -8.47
C ARG A 59 4.23 -9.52 -8.31
N GLN A 60 4.28 -10.24 -9.42
CA GLN A 60 4.64 -11.65 -9.40
C GLN A 60 6.09 -11.83 -8.93
N THR B 1 2.41 12.46 -20.60
CA THR B 1 2.49 11.24 -21.45
C THR B 1 1.57 10.15 -20.92
N ALA B 2 1.36 10.14 -19.61
CA ALA B 2 0.50 9.13 -18.98
C ALA B 2 -0.31 9.74 -17.85
N PHE B 3 -1.62 9.53 -17.88
CA PHE B 3 -2.51 10.06 -16.85
C PHE B 3 -3.42 8.96 -16.30
N GLN B 4 -3.64 8.97 -14.99
CA GLN B 4 -4.49 7.99 -14.34
C GLN B 4 -5.24 8.60 -13.17
N GLU B 5 -6.53 8.28 -13.07
CA GLU B 5 -7.37 8.81 -12.00
C GLU B 5 -7.25 7.94 -10.74
N PRO B 6 -7.21 8.57 -9.55
CA PRO B 6 -7.08 7.84 -8.30
C PRO B 6 -8.43 7.36 -7.74
N PRO B 7 -8.46 6.13 -7.20
CA PRO B 7 -9.66 5.52 -6.62
C PRO B 7 -9.87 5.92 -5.15
N PRO B 8 -11.08 5.75 -4.63
CA PRO B 8 -11.43 6.09 -3.23
C PRO B 8 -10.67 5.22 -2.22
N LYS B 9 -10.59 5.71 -0.98
CA LYS B 9 -9.91 4.98 0.10
C LYS B 9 -10.71 3.76 0.54
N PRO B 10 -10.03 2.63 0.81
CA PRO B 10 -10.68 1.40 1.26
C PRO B 10 -10.89 1.39 2.77
N SER B 11 -11.81 0.54 3.23
CA SER B 11 -12.09 0.44 4.66
C SER B 11 -10.81 0.23 5.46
N ARG B 12 -10.70 0.88 6.60
CA ARG B 12 -9.52 0.77 7.45
C ARG B 12 -9.30 -0.68 7.87
N PRO B 13 -8.03 -1.13 7.93
CA PRO B 13 -7.69 -2.50 8.34
C PRO B 13 -8.07 -2.79 9.78
N LYS B 14 -8.26 -4.07 10.09
CA LYS B 14 -8.62 -4.48 11.44
C LYS B 14 -7.36 -4.76 12.27
N TYR B 15 -7.39 -4.35 13.54
CA TYR B 15 -6.26 -4.56 14.43
C TYR B 15 -6.72 -5.16 15.75
N ARG B 16 -6.20 -6.34 16.08
CA ARG B 16 -6.54 -7.03 17.31
C ARG B 16 -5.68 -6.54 18.47
N PRO B 17 -6.12 -6.73 19.72
CA PRO B 17 -5.39 -6.31 20.91
C PRO B 17 -4.06 -7.06 21.05
N PRO B 18 -3.12 -6.49 21.83
CA PRO B 18 -1.80 -7.11 22.05
C PRO B 18 -1.90 -8.44 22.80
N PRO B 19 -0.89 -9.31 22.63
CA PRO B 19 -0.87 -10.62 23.29
C PRO B 19 -0.66 -10.51 24.80
N GLY A 4 10.17 -12.58 -1.32
CA GLY A 4 8.79 -12.72 -0.79
C GLY A 4 7.74 -12.15 -1.73
N ILE A 5 7.12 -11.05 -1.32
CA ILE A 5 6.10 -10.40 -2.12
C ILE A 5 6.60 -9.08 -2.70
N THR A 6 5.91 -8.58 -3.71
CA THR A 6 6.30 -7.31 -4.34
C THR A 6 5.08 -6.56 -4.83
N ALA A 7 5.20 -5.24 -4.93
CA ALA A 7 4.11 -4.39 -5.39
C ALA A 7 4.60 -3.06 -5.92
N ILE A 8 3.73 -2.40 -6.67
CA ILE A 8 4.03 -1.10 -7.25
C ILE A 8 2.81 -0.19 -7.20
N ALA A 9 3.02 1.04 -6.78
CA ALA A 9 1.94 2.02 -6.68
C ALA A 9 1.45 2.44 -8.06
N LEU A 10 0.15 2.27 -8.31
CA LEU A 10 -0.44 2.65 -9.60
C LEU A 10 -0.22 4.14 -9.85
N TYR A 11 -0.35 4.92 -8.79
CA TYR A 11 -0.17 6.36 -8.86
C TYR A 11 0.54 6.87 -7.61
N ASP A 12 0.68 8.18 -7.49
CA ASP A 12 1.31 8.75 -6.32
C ASP A 12 0.24 8.91 -5.26
N TYR A 13 0.46 8.28 -4.12
CA TYR A 13 -0.52 8.32 -3.04
C TYR A 13 0.13 8.65 -1.71
N GLN A 14 -0.68 9.21 -0.80
CA GLN A 14 -0.20 9.57 0.53
C GLN A 14 -1.03 8.86 1.60
N ALA A 15 -0.35 8.23 2.55
CA ALA A 15 -1.03 7.52 3.63
C ALA A 15 -1.84 8.46 4.49
N ALA A 16 -3.15 8.19 4.59
CA ALA A 16 -4.04 9.02 5.39
C ALA A 16 -4.29 8.40 6.75
N GLY A 17 -3.31 7.63 7.24
CA GLY A 17 -3.44 6.99 8.53
C GLY A 17 -2.17 7.07 9.35
N ASP A 18 -2.16 6.42 10.50
CA ASP A 18 -0.99 6.43 11.38
C ASP A 18 -0.09 5.24 11.10
N ASP A 19 -0.67 4.15 10.61
CA ASP A 19 0.09 2.94 10.29
C ASP A 19 0.19 2.74 8.79
N GLU A 20 0.19 3.83 8.04
CA GLU A 20 0.30 3.77 6.59
C GLU A 20 1.39 4.70 6.07
N ILE A 21 2.16 4.23 5.10
CA ILE A 21 3.22 5.03 4.51
C ILE A 21 2.89 5.39 3.06
N SER A 22 3.63 6.36 2.52
CA SER A 22 3.40 6.81 1.15
C SER A 22 4.56 6.44 0.25
N PHE A 23 4.29 6.34 -1.06
CA PHE A 23 5.32 5.99 -2.03
C PHE A 23 4.94 6.46 -3.43
N ASP A 24 5.95 6.73 -4.25
CA ASP A 24 5.73 7.18 -5.62
C ASP A 24 5.25 6.03 -6.50
N PRO A 25 4.56 6.34 -7.61
CA PRO A 25 4.05 5.32 -8.54
C PRO A 25 5.17 4.43 -9.06
N ASP A 26 6.13 5.04 -9.75
CA ASP A 26 7.26 4.30 -10.30
C ASP A 26 8.06 3.66 -9.17
N ASP A 27 8.00 4.25 -7.99
CA ASP A 27 8.72 3.72 -6.83
C ASP A 27 8.10 2.41 -6.38
N ILE A 28 8.75 1.30 -6.75
CA ILE A 28 8.27 -0.03 -6.38
C ILE A 28 8.88 -0.47 -5.07
N ILE A 29 8.14 -1.26 -4.30
CA ILE A 29 8.62 -1.75 -3.01
C ILE A 29 8.54 -3.27 -2.92
N THR A 30 9.19 -3.84 -1.91
CA THR A 30 9.21 -5.30 -1.75
C THR A 30 8.58 -5.76 -0.44
N ASN A 31 8.50 -7.08 -0.27
CA ASN A 31 7.94 -7.69 0.93
C ASN A 31 6.57 -7.11 1.26
N ILE A 32 5.71 -6.97 0.26
CA ILE A 32 4.37 -6.44 0.45
C ILE A 32 3.36 -7.56 0.60
N GLU A 33 2.93 -7.80 1.83
CA GLU A 33 1.95 -8.84 2.12
C GLU A 33 0.55 -8.24 2.22
N MET A 34 -0.45 -9.11 2.27
CA MET A 34 -1.84 -8.67 2.36
C MET A 34 -2.45 -9.01 3.71
N ILE A 35 -2.67 -7.99 4.53
CA ILE A 35 -3.27 -8.17 5.85
C ILE A 35 -4.78 -8.08 5.75
N ASP A 36 -5.24 -7.03 5.09
CA ASP A 36 -6.67 -6.79 4.90
C ASP A 36 -7.05 -7.06 3.45
N ASP A 37 -8.25 -7.60 3.24
CA ASP A 37 -8.72 -7.92 1.90
C ASP A 37 -8.72 -6.68 1.01
N GLY A 38 -8.69 -5.50 1.62
CA GLY A 38 -8.69 -4.27 0.87
C GLY A 38 -7.42 -3.45 1.08
N TRP A 39 -6.60 -3.86 2.06
CA TRP A 39 -5.36 -3.18 2.37
C TRP A 39 -4.16 -4.12 2.26
N TRP A 40 -2.96 -3.54 2.27
CA TRP A 40 -1.73 -4.33 2.19
C TRP A 40 -0.69 -3.79 3.17
N ARG A 41 0.50 -4.39 3.14
CA ARG A 41 1.59 -3.98 4.02
C ARG A 41 2.92 -4.50 3.48
N GLY A 42 3.88 -3.59 3.30
CA GLY A 42 5.17 -4.01 2.78
C GLY A 42 6.30 -3.07 3.19
N VAL A 43 7.51 -3.39 2.75
CA VAL A 43 8.67 -2.58 3.07
C VAL A 43 9.01 -1.62 1.94
N CYS A 44 8.86 -0.33 2.22
CA CYS A 44 9.16 0.70 1.25
C CYS A 44 10.42 1.45 1.66
N LYS A 45 11.48 1.29 0.89
CA LYS A 45 12.74 1.94 1.17
C LYS A 45 13.24 1.60 2.58
N GLY A 46 13.11 0.34 2.97
CA GLY A 46 13.58 -0.09 4.28
C GLY A 46 12.60 0.18 5.42
N ARG A 47 11.35 0.47 5.11
CA ARG A 47 10.36 0.73 6.16
C ARG A 47 9.03 0.02 5.87
N TYR A 48 8.45 -0.59 6.88
CA TYR A 48 7.18 -1.29 6.73
C TYR A 48 6.02 -0.33 6.90
N GLY A 49 4.87 -0.71 6.37
CA GLY A 49 3.69 0.11 6.47
C GLY A 49 2.48 -0.55 5.83
N LEU A 50 1.46 0.23 5.55
CA LEU A 50 0.26 -0.30 4.91
C LEU A 50 0.01 0.43 3.60
N PHE A 51 -0.47 -0.32 2.62
CA PHE A 51 -0.72 0.24 1.30
C PHE A 51 -2.18 0.10 0.89
N PRO A 52 -2.82 1.22 0.51
CA PRO A 52 -4.21 1.17 0.05
C PRO A 52 -4.25 0.46 -1.28
N ALA A 53 -4.71 -0.79 -1.27
CA ALA A 53 -4.79 -1.58 -2.49
C ALA A 53 -5.31 -0.76 -3.66
N ASN A 54 -6.08 0.27 -3.33
CA ASN A 54 -6.66 1.16 -4.33
C ASN A 54 -5.58 1.88 -5.14
N TYR A 55 -4.46 2.23 -4.49
CA TYR A 55 -3.38 2.93 -5.18
C TYR A 55 -2.12 2.08 -5.30
N VAL A 56 -2.26 0.77 -5.17
CA VAL A 56 -1.10 -0.12 -5.28
C VAL A 56 -1.51 -1.47 -5.88
N GLU A 57 -0.50 -2.22 -6.32
CA GLU A 57 -0.73 -3.54 -6.91
C GLU A 57 0.49 -4.44 -6.76
N LEU A 58 0.25 -5.67 -6.31
CA LEU A 58 1.33 -6.63 -6.12
C LEU A 58 1.84 -7.14 -7.46
N ARG A 59 3.03 -7.76 -7.45
CA ARG A 59 3.62 -8.30 -8.66
C ARG A 59 3.84 -9.81 -8.54
N GLN A 60 4.23 -10.43 -9.65
CA GLN A 60 4.47 -11.87 -9.66
C GLN A 60 5.95 -12.18 -9.74
N THR B 1 3.90 11.25 -21.87
CA THR B 1 2.50 11.52 -21.49
C THR B 1 1.92 10.37 -20.64
N ALA B 2 1.32 10.74 -19.51
CA ALA B 2 0.73 9.74 -18.62
C ALA B 2 -0.45 10.32 -17.87
N PHE B 3 -1.56 9.58 -17.85
CA PHE B 3 -2.77 10.02 -17.16
C PHE B 3 -3.47 8.85 -16.49
N GLN B 4 -3.73 8.99 -15.20
CA GLN B 4 -4.40 7.94 -14.44
C GLN B 4 -5.22 8.53 -13.29
N GLU B 5 -6.49 8.17 -13.24
CA GLU B 5 -7.39 8.66 -12.19
C GLU B 5 -7.24 7.84 -10.91
N PRO B 6 -7.25 8.49 -9.74
CA PRO B 6 -7.12 7.81 -8.47
C PRO B 6 -8.45 7.27 -7.93
N PRO B 7 -8.41 6.05 -7.36
CA PRO B 7 -9.58 5.38 -6.78
C PRO B 7 -9.86 5.80 -5.34
N PRO B 8 -11.10 5.56 -4.86
CA PRO B 8 -11.50 5.91 -3.49
C PRO B 8 -10.73 5.12 -2.43
N LYS B 9 -10.72 5.62 -1.21
CA LYS B 9 -10.01 4.97 -0.11
C LYS B 9 -10.77 3.74 0.39
N PRO B 10 -10.04 2.64 0.70
CA PRO B 10 -10.65 1.41 1.20
C PRO B 10 -10.86 1.45 2.70
N SER B 11 -11.74 0.58 3.21
CA SER B 11 -12.03 0.53 4.63
C SER B 11 -10.74 0.33 5.44
N ARG B 12 -10.64 1.01 6.57
CA ARG B 12 -9.46 0.91 7.41
C ARG B 12 -9.24 -0.53 7.87
N PRO B 13 -7.96 -0.96 7.95
CA PRO B 13 -7.61 -2.32 8.36
C PRO B 13 -8.00 -2.60 9.81
N LYS B 14 -8.24 -3.87 10.12
CA LYS B 14 -8.61 -4.26 11.48
C LYS B 14 -7.37 -4.59 12.30
N TYR B 15 -7.37 -4.18 13.56
CA TYR B 15 -6.24 -4.43 14.45
C TYR B 15 -6.71 -5.03 15.77
N ARG B 16 -6.22 -6.24 16.06
CA ARG B 16 -6.59 -6.93 17.30
C ARG B 16 -5.71 -6.48 18.46
N PRO B 17 -6.20 -6.61 19.70
CA PRO B 17 -5.45 -6.21 20.90
C PRO B 17 -4.23 -7.10 21.13
N PRO B 18 -3.20 -6.57 21.83
CA PRO B 18 -1.98 -7.32 22.12
C PRO B 18 -2.22 -8.45 23.12
N PRO B 19 -1.34 -9.46 23.13
CA PRO B 19 -1.45 -10.60 24.04
C PRO B 19 -1.16 -10.21 25.49
N GLY A 4 10.13 -13.35 -1.87
CA GLY A 4 8.98 -12.81 -1.09
C GLY A 4 7.95 -12.13 -1.99
N ILE A 5 7.35 -11.05 -1.48
CA ILE A 5 6.35 -10.32 -2.24
C ILE A 5 6.89 -8.97 -2.69
N THR A 6 6.20 -8.36 -3.66
CA THR A 6 6.61 -7.06 -4.18
C THR A 6 5.45 -6.39 -4.91
N ALA A 7 5.21 -5.12 -4.60
CA ALA A 7 4.13 -4.38 -5.23
C ALA A 7 4.60 -3.02 -5.73
N ILE A 8 3.76 -2.40 -6.54
CA ILE A 8 4.05 -1.10 -7.11
C ILE A 8 2.84 -0.18 -7.03
N ALA A 9 3.08 1.11 -6.87
CA ALA A 9 2.01 2.09 -6.78
C ALA A 9 1.50 2.50 -8.16
N LEU A 10 0.21 2.29 -8.39
CA LEU A 10 -0.40 2.66 -9.67
C LEU A 10 -0.25 4.15 -9.90
N TYR A 11 -0.47 4.91 -8.84
CA TYR A 11 -0.36 6.37 -8.89
C TYR A 11 0.39 6.87 -7.67
N ASP A 12 0.55 8.18 -7.55
CA ASP A 12 1.23 8.75 -6.39
C ASP A 12 0.20 8.93 -5.29
N TYR A 13 0.44 8.29 -4.16
CA TYR A 13 -0.50 8.35 -3.05
C TYR A 13 0.17 8.76 -1.75
N GLN A 14 -0.62 9.35 -0.86
CA GLN A 14 -0.12 9.79 0.44
C GLN A 14 -0.83 9.02 1.56
N ALA A 15 -0.05 8.28 2.35
CA ALA A 15 -0.60 7.50 3.45
C ALA A 15 -1.26 8.40 4.48
N ALA A 16 -2.54 8.14 4.74
CA ALA A 16 -3.30 8.92 5.71
C ALA A 16 -3.63 8.10 6.95
N GLY A 17 -2.70 7.24 7.35
CA GLY A 17 -2.91 6.40 8.51
C GLY A 17 -1.69 6.34 9.41
N ASP A 18 -1.86 5.77 10.60
CA ASP A 18 -0.77 5.65 11.56
C ASP A 18 0.27 4.63 11.08
N ASP A 19 -0.21 3.52 10.53
CA ASP A 19 0.67 2.48 10.03
C ASP A 19 0.70 2.46 8.51
N GLU A 20 0.44 3.62 7.90
CA GLU A 20 0.43 3.73 6.45
C GLU A 20 1.55 4.64 5.96
N ILE A 21 2.21 4.25 4.87
CA ILE A 21 3.29 5.04 4.31
C ILE A 21 2.99 5.43 2.86
N SER A 22 3.73 6.39 2.34
CA SER A 22 3.54 6.85 0.97
C SER A 22 4.69 6.40 0.06
N PHE A 23 4.42 6.29 -1.23
CA PHE A 23 5.43 5.88 -2.20
C PHE A 23 5.06 6.34 -3.60
N ASP A 24 6.06 6.77 -4.36
CA ASP A 24 5.85 7.23 -5.73
C ASP A 24 5.36 6.09 -6.61
N PRO A 25 4.67 6.40 -7.72
CA PRO A 25 4.16 5.39 -8.65
C PRO A 25 5.28 4.48 -9.15
N ASP A 26 6.34 5.09 -9.66
CA ASP A 26 7.49 4.35 -10.16
C ASP A 26 8.25 3.70 -9.01
N ASP A 27 8.15 4.30 -7.82
CA ASP A 27 8.83 3.77 -6.65
C ASP A 27 8.19 2.48 -6.19
N ILE A 28 8.81 1.36 -6.55
CA ILE A 28 8.30 0.05 -6.18
C ILE A 28 8.88 -0.42 -4.85
N ILE A 29 8.08 -1.19 -4.10
CA ILE A 29 8.51 -1.68 -2.81
C ILE A 29 8.45 -3.21 -2.75
N THR A 30 9.03 -3.80 -1.70
CA THR A 30 9.05 -5.25 -1.57
C THR A 30 8.44 -5.73 -0.27
N ASN A 31 8.35 -7.06 -0.13
CA ASN A 31 7.78 -7.69 1.06
C ASN A 31 6.36 -7.20 1.31
N ILE A 32 5.58 -7.06 0.24
CA ILE A 32 4.20 -6.60 0.36
C ILE A 32 3.27 -7.78 0.61
N GLU A 33 2.82 -7.93 1.85
CA GLU A 33 1.91 -9.01 2.20
C GLU A 33 0.49 -8.50 2.34
N MET A 34 -0.44 -9.18 1.68
CA MET A 34 -1.84 -8.79 1.72
C MET A 34 -2.53 -9.33 2.97
N ILE A 35 -2.84 -8.43 3.90
CA ILE A 35 -3.51 -8.82 5.14
C ILE A 35 -5.01 -8.61 5.01
N ASP A 36 -5.40 -7.43 4.55
CA ASP A 36 -6.80 -7.09 4.36
C ASP A 36 -7.15 -7.08 2.87
N ASP A 37 -8.36 -7.51 2.55
CA ASP A 37 -8.81 -7.56 1.16
C ASP A 37 -8.77 -6.17 0.53
N GLY A 38 -8.74 -5.13 1.36
CA GLY A 38 -8.71 -3.77 0.85
C GLY A 38 -7.41 -3.05 1.17
N TRP A 39 -6.66 -3.56 2.14
CA TRP A 39 -5.40 -2.94 2.54
C TRP A 39 -4.24 -3.93 2.42
N TRP A 40 -3.04 -3.39 2.24
CA TRP A 40 -1.84 -4.22 2.13
C TRP A 40 -0.77 -3.74 3.13
N ARG A 41 0.38 -4.41 3.10
CA ARG A 41 1.47 -4.04 4.01
C ARG A 41 2.80 -4.53 3.45
N GLY A 42 3.78 -3.64 3.36
CA GLY A 42 5.07 -4.03 2.84
C GLY A 42 6.19 -3.10 3.29
N VAL A 43 7.40 -3.38 2.83
CA VAL A 43 8.55 -2.56 3.20
C VAL A 43 8.86 -1.53 2.12
N CYS A 44 8.68 -0.26 2.48
CA CYS A 44 8.94 0.84 1.57
C CYS A 44 10.19 1.59 2.02
N LYS A 45 11.24 1.49 1.23
CA LYS A 45 12.51 2.14 1.54
C LYS A 45 13.01 1.74 2.94
N GLY A 46 12.91 0.46 3.25
CA GLY A 46 13.39 -0.03 4.54
C GLY A 46 12.42 0.13 5.69
N ARG A 47 11.15 0.42 5.41
CA ARG A 47 10.16 0.58 6.47
C ARG A 47 8.86 -0.14 6.13
N TYR A 48 8.28 -0.83 7.12
CA TYR A 48 7.03 -1.54 6.91
C TYR A 48 5.84 -0.61 7.14
N GLY A 49 4.77 -0.82 6.39
CA GLY A 49 3.59 0.01 6.54
C GLY A 49 2.36 -0.61 5.90
N LEU A 50 1.38 0.24 5.60
CA LEU A 50 0.15 -0.21 4.98
C LEU A 50 -0.04 0.49 3.64
N PHE A 51 -0.58 -0.22 2.68
CA PHE A 51 -0.78 0.33 1.35
C PHE A 51 -2.23 0.23 0.89
N PRO A 52 -2.84 1.35 0.45
CA PRO A 52 -4.20 1.31 -0.06
C PRO A 52 -4.19 0.64 -1.43
N ALA A 53 -4.66 -0.60 -1.46
CA ALA A 53 -4.67 -1.38 -2.70
C ALA A 53 -5.14 -0.56 -3.90
N ASN A 54 -5.89 0.50 -3.64
CA ASN A 54 -6.40 1.37 -4.69
C ASN A 54 -5.27 2.05 -5.47
N TYR A 55 -4.19 2.41 -4.78
CA TYR A 55 -3.06 3.06 -5.45
C TYR A 55 -1.83 2.17 -5.52
N VAL A 56 -2.02 0.86 -5.37
CA VAL A 56 -0.90 -0.07 -5.43
C VAL A 56 -1.33 -1.42 -5.99
N GLU A 57 -0.35 -2.21 -6.42
CA GLU A 57 -0.62 -3.53 -6.99
C GLU A 57 0.58 -4.45 -6.83
N LEU A 58 0.33 -5.65 -6.33
CA LEU A 58 1.38 -6.64 -6.13
C LEU A 58 1.84 -7.23 -7.46
N ARG A 59 3.14 -7.11 -7.73
CA ARG A 59 3.71 -7.63 -8.97
C ARG A 59 3.65 -9.15 -9.01
N GLN A 60 3.77 -9.77 -7.83
CA GLN A 60 3.73 -11.22 -7.73
C GLN A 60 3.81 -11.67 -6.27
N THR B 1 2.80 11.08 -22.44
CA THR B 1 1.33 10.89 -22.40
C THR B 1 0.93 9.82 -21.38
N ALA B 2 0.62 10.25 -20.17
CA ALA B 2 0.22 9.34 -19.11
C ALA B 2 -0.77 10.00 -18.16
N PHE B 3 -1.95 9.39 -18.06
CA PHE B 3 -3.01 9.92 -17.18
C PHE B 3 -3.86 8.79 -16.63
N GLN B 4 -4.05 8.78 -15.31
CA GLN B 4 -4.87 7.76 -14.66
C GLN B 4 -5.64 8.34 -13.49
N GLU B 5 -6.89 7.92 -13.34
CA GLU B 5 -7.73 8.40 -12.26
C GLU B 5 -7.51 7.61 -10.97
N PRO B 6 -7.50 8.29 -9.81
CA PRO B 6 -7.28 7.65 -8.51
C PRO B 6 -8.58 7.10 -7.91
N PRO B 7 -8.51 5.90 -7.29
CA PRO B 7 -9.65 5.23 -6.67
C PRO B 7 -9.91 5.69 -5.23
N PRO B 8 -11.15 5.45 -4.74
CA PRO B 8 -11.55 5.82 -3.37
C PRO B 8 -10.77 5.07 -2.29
N LYS B 9 -10.76 5.61 -1.08
CA LYS B 9 -10.05 4.99 0.03
C LYS B 9 -10.82 3.81 0.63
N PRO B 10 -10.10 2.73 0.98
CA PRO B 10 -10.70 1.54 1.58
C PRO B 10 -10.86 1.66 3.09
N SER B 11 -11.72 0.85 3.67
CA SER B 11 -11.94 0.87 5.11
C SER B 11 -10.66 0.50 5.84
N ARG B 12 -10.39 1.19 6.94
CA ARG B 12 -9.18 0.93 7.72
C ARG B 12 -9.11 -0.54 8.14
N PRO B 13 -7.89 -1.10 8.25
CA PRO B 13 -7.68 -2.49 8.62
C PRO B 13 -7.70 -2.69 10.13
N LYS B 14 -7.98 -3.92 10.55
CA LYS B 14 -8.03 -4.23 11.98
C LYS B 14 -6.66 -4.68 12.47
N TYR B 15 -6.31 -4.23 13.67
CA TYR B 15 -5.01 -4.59 14.26
C TYR B 15 -5.10 -4.62 15.79
N ARG B 16 -4.74 -5.76 16.36
CA ARG B 16 -4.78 -5.93 17.81
C ARG B 16 -3.64 -5.17 18.48
N PRO B 17 -3.77 -4.88 19.79
CA PRO B 17 -2.75 -4.15 20.54
C PRO B 17 -1.43 -4.93 20.64
N PRO B 18 -0.32 -4.24 20.92
CA PRO B 18 1.00 -4.88 21.04
C PRO B 18 1.07 -5.85 22.21
N PRO B 19 1.99 -6.82 22.16
CA PRO B 19 2.16 -7.81 23.23
C PRO B 19 2.73 -7.21 24.51
#